data_8EE2
#
_entry.id   8EE2
#
_cell.length_a   76.204
_cell.length_b   162.599
_cell.length_c   106.255
_cell.angle_alpha   90.000
_cell.angle_beta   95.360
_cell.angle_gamma   90.000
#
_symmetry.space_group_name_H-M   'P 1 21 1'
#
loop_
_entity.id
_entity.type
_entity.pdbx_description
1 polymer 'CFTR inhibitory factor'
2 polymer 'Nanobody VHH219'
3 water water
#
loop_
_entity_poly.entity_id
_entity_poly.type
_entity_poly.pdbx_seq_one_letter_code
_entity_poly.pdbx_strand_id
1 'polypeptide(L)'
;AEEFPVPNGFESAYREVDGVKLHYVKGGQGPLVMLVHGFGQTWYEWHQLMPELAKRFTVIAPDLPGLGQSEPPKTGYSGE
QVAVYLHKLARQFSPDRPFDLVAHDIGIWNTYPMVVKNQADIARLVYMEAPIPDARIYRFPAFTAQGESLVWHFSFFAAD
DRLAETLIAGKERFFLEHFIKSHASNTEVFSERLLDLYARSYAKPHSLNASFEYYRALNESVRQNAELAKTRLQMPTMTL
AGGGHGGMGTFQLEQMKAYAEDVEGHVLPGCGHWLPEECAAPMNRLVIDFLSRGRHHHHHH
;
A,B,E,F,I,J
2 'polypeptide(L)'
;MAEVQLVESGGGLVQPGGSLRLSCTTSTSLFSITTMGWYRQAPGKQRELVASIKRGGGTNYADSMKGRFTISRDNARNTV
FLEMNNLTTEDTAVYYCNAAILAYTGEVTNYWGQGTQVTVSSGQAGQ
;
C,D,G,H,K,L
#
# COMPACT_ATOMS: atom_id res chain seq x y z
N ALA A 1 -17.13 23.04 -1.48
CA ALA A 1 -16.21 23.21 -0.36
C ALA A 1 -15.05 24.11 -0.75
N GLU A 2 -14.67 25.01 0.16
CA GLU A 2 -13.43 25.72 0.00
C GLU A 2 -12.34 24.96 0.71
N GLU A 3 -11.14 24.94 0.10
CA GLU A 3 -10.02 24.23 0.70
C GLU A 3 -9.28 25.08 1.73
N PHE A 4 -9.41 26.42 1.67
CA PHE A 4 -8.71 27.32 2.57
C PHE A 4 -9.59 28.54 2.82
N PRO A 5 -9.42 29.21 3.96
CA PRO A 5 -10.27 30.38 4.26
C PRO A 5 -9.88 31.59 3.40
N VAL A 6 -10.89 32.19 2.79
CA VAL A 6 -10.74 33.38 1.96
C VAL A 6 -10.62 34.62 2.86
N PRO A 7 -9.71 35.56 2.57
CA PRO A 7 -9.62 36.72 3.46
C PRO A 7 -10.89 37.52 3.31
N ASN A 8 -11.35 38.05 4.40
CA ASN A 8 -12.61 38.76 4.33
C ASN A 8 -12.42 39.93 3.37
N GLY A 9 -13.42 40.12 2.50
CA GLY A 9 -13.36 41.12 1.44
C GLY A 9 -12.84 40.61 0.10
N PHE A 10 -12.54 39.31 0.01
CA PHE A 10 -12.08 38.66 -1.22
C PHE A 10 -13.11 37.64 -1.70
N GLU A 11 -13.04 37.26 -2.98
CA GLU A 11 -13.93 36.26 -3.57
C GLU A 11 -13.15 35.07 -4.11
N SER A 12 -13.68 33.88 -3.86
CA SER A 12 -13.21 32.65 -4.49
C SER A 12 -14.09 32.37 -5.71
N ALA A 13 -13.48 32.29 -6.88
CA ALA A 13 -14.22 32.10 -8.12
C ALA A 13 -13.43 31.22 -9.08
N TYR A 14 -14.09 30.82 -10.17
CA TYR A 14 -13.47 30.00 -11.20
C TYR A 14 -13.62 30.67 -12.55
N ARG A 15 -12.78 30.24 -13.49
CA ARG A 15 -12.79 30.84 -14.81
C ARG A 15 -12.16 29.86 -15.80
N GLU A 16 -12.87 29.60 -16.90
CA GLU A 16 -12.40 28.65 -17.92
C GLU A 16 -11.40 29.36 -18.83
N VAL A 17 -10.24 28.75 -19.03
CA VAL A 17 -9.18 29.35 -19.83
C VAL A 17 -8.61 28.24 -20.70
N ASP A 18 -8.85 28.33 -22.02
CA ASP A 18 -8.42 27.28 -22.95
C ASP A 18 -8.87 25.90 -22.48
N GLY A 19 -10.15 25.81 -22.11
CA GLY A 19 -10.74 24.54 -21.74
C GLY A 19 -10.41 24.03 -20.37
N VAL A 20 -9.63 24.77 -19.57
CA VAL A 20 -9.23 24.35 -18.24
C VAL A 20 -9.88 25.26 -17.21
N LYS A 21 -10.57 24.67 -16.25
CA LYS A 21 -11.21 25.45 -15.19
C LYS A 21 -10.16 25.78 -14.13
N LEU A 22 -9.77 27.06 -14.05
CA LEU A 22 -8.83 27.53 -13.06
C LEU A 22 -9.56 28.18 -11.90
N HIS A 23 -9.07 27.94 -10.70
CA HIS A 23 -9.55 28.56 -9.48
C HIS A 23 -8.66 29.73 -9.10
N TYR A 24 -9.29 30.80 -8.62
CA TYR A 24 -8.54 31.97 -8.16
C TYR A 24 -9.29 32.62 -7.00
N VAL A 25 -8.58 33.46 -6.27
CA VAL A 25 -9.15 34.30 -5.23
C VAL A 25 -8.85 35.74 -5.62
N LYS A 26 -9.89 36.58 -5.68
CA LYS A 26 -9.81 37.93 -6.23
C LYS A 26 -10.40 38.96 -5.27
N GLY A 27 -9.80 40.14 -5.26
CA GLY A 27 -10.31 41.22 -4.43
C GLY A 27 -9.53 42.49 -4.71
N GLY A 28 -10.11 43.60 -4.28
CA GLY A 28 -9.46 44.89 -4.40
C GLY A 28 -9.86 45.68 -5.63
N GLN A 29 -9.28 46.87 -5.71
CA GLN A 29 -9.53 47.79 -6.80
C GLN A 29 -8.24 48.42 -7.28
N GLY A 30 -8.18 48.68 -8.59
CA GLY A 30 -7.05 49.31 -9.21
C GLY A 30 -6.37 48.40 -10.19
N PRO A 31 -5.10 48.69 -10.49
CA PRO A 31 -4.35 47.85 -11.43
C PRO A 31 -4.18 46.42 -10.92
N LEU A 32 -4.10 45.50 -11.88
CA LEU A 32 -4.07 44.08 -11.54
C LEU A 32 -2.66 43.69 -11.16
N VAL A 33 -2.54 42.98 -10.04
CA VAL A 33 -1.33 42.25 -9.70
C VAL A 33 -1.68 40.79 -9.49
N MET A 34 -0.92 39.89 -10.11
CA MET A 34 -1.10 38.46 -9.96
C MET A 34 -0.02 37.86 -9.05
N LEU A 35 -0.45 37.07 -8.07
CA LEU A 35 0.42 36.34 -7.15
C LEU A 35 0.34 34.87 -7.52
N VAL A 36 1.48 34.24 -7.79
CA VAL A 36 1.50 32.86 -8.26
C VAL A 36 2.30 32.01 -7.29
N HIS A 37 1.62 31.05 -6.66
CA HIS A 37 2.17 30.18 -5.65
C HIS A 37 3.04 29.10 -6.28
N GLY A 38 3.73 28.34 -5.41
CA GLY A 38 4.55 27.22 -5.82
C GLY A 38 4.16 25.90 -5.20
N PHE A 39 5.05 24.93 -5.27
CA PHE A 39 4.77 23.57 -4.84
C PHE A 39 4.65 23.49 -3.32
N GLY A 40 3.83 22.49 -2.90
CA GLY A 40 3.52 22.30 -1.49
C GLY A 40 2.59 23.33 -0.90
N GLN A 41 2.10 24.27 -1.72
CA GLN A 41 1.22 25.33 -1.27
C GLN A 41 0.13 25.54 -2.32
N THR A 42 -0.72 26.53 -2.06
CA THR A 42 -1.79 26.94 -2.96
C THR A 42 -1.84 28.46 -2.94
N TRP A 43 -2.89 29.03 -3.55
CA TRP A 43 -3.11 30.47 -3.48
C TRP A 43 -3.02 30.98 -2.06
N TYR A 44 -3.32 30.11 -1.09
CA TYR A 44 -3.46 30.50 0.30
C TYR A 44 -2.17 31.01 0.91
N GLU A 45 -1.03 30.66 0.32
CA GLU A 45 0.26 31.14 0.82
C GLU A 45 0.36 32.67 0.74
N TRP A 46 -0.49 33.31 -0.06
CA TRP A 46 -0.52 34.77 -0.18
C TRP A 46 -1.55 35.42 0.75
N HIS A 47 -2.16 34.67 1.67
CA HIS A 47 -3.32 35.23 2.37
C HIS A 47 -2.95 36.38 3.29
N GLN A 48 -1.68 36.51 3.68
CA GLN A 48 -1.28 37.66 4.49
C GLN A 48 -0.90 38.86 3.64
N LEU A 49 -0.37 38.61 2.46
CA LEU A 49 -0.04 39.69 1.55
C LEU A 49 -1.29 40.26 0.89
N MET A 50 -2.31 39.41 0.66
CA MET A 50 -3.45 39.83 -0.14
C MET A 50 -4.22 41.01 0.43
N PRO A 51 -4.62 41.05 1.69
CA PRO A 51 -5.41 42.21 2.17
C PRO A 51 -4.64 43.51 2.17
N GLU A 52 -3.32 43.47 2.14
CA GLU A 52 -2.60 44.73 2.14
C GLU A 52 -2.43 45.26 0.72
N LEU A 53 -2.11 44.38 -0.23
CA LEU A 53 -2.06 44.81 -1.62
C LEU A 53 -3.42 45.25 -2.12
N ALA A 54 -4.50 44.67 -1.56
CA ALA A 54 -5.84 44.97 -2.03
C ALA A 54 -6.26 46.40 -1.74
N LYS A 55 -5.57 47.09 -0.85
CA LYS A 55 -5.92 48.48 -0.63
C LYS A 55 -5.53 49.37 -1.79
N ARG A 56 -4.57 48.93 -2.62
CA ARG A 56 -4.07 49.74 -3.73
C ARG A 56 -4.23 49.09 -5.10
N PHE A 57 -4.52 47.78 -5.15
CA PHE A 57 -4.56 47.05 -6.40
C PHE A 57 -5.76 46.13 -6.42
N THR A 58 -6.10 45.67 -7.62
CA THR A 58 -6.94 44.49 -7.78
C THR A 58 -5.99 43.28 -7.75
N VAL A 59 -6.20 42.38 -6.78
CA VAL A 59 -5.29 41.27 -6.51
C VAL A 59 -5.97 39.99 -6.94
N ILE A 60 -5.24 39.17 -7.72
CA ILE A 60 -5.72 37.85 -8.09
C ILE A 60 -4.63 36.84 -7.73
N ALA A 61 -5.03 35.77 -7.04
CA ALA A 61 -4.08 34.74 -6.63
C ALA A 61 -4.64 33.40 -7.10
N PRO A 62 -4.15 32.92 -8.24
CA PRO A 62 -4.65 31.64 -8.74
C PRO A 62 -3.99 30.38 -8.17
N ASP A 63 -4.64 29.25 -8.41
CA ASP A 63 -4.13 27.93 -8.09
C ASP A 63 -3.52 27.40 -9.38
N LEU A 64 -2.27 26.95 -9.33
CA LEU A 64 -1.64 26.46 -10.54
C LEU A 64 -2.45 25.29 -11.10
N PRO A 65 -2.46 25.12 -12.43
CA PRO A 65 -3.19 23.99 -13.04
C PRO A 65 -2.88 22.66 -12.35
N GLY A 66 -3.94 21.95 -11.96
CA GLY A 66 -3.81 20.68 -11.29
C GLY A 66 -3.62 20.75 -9.79
N LEU A 67 -3.21 21.90 -9.25
CA LEU A 67 -3.01 22.10 -7.83
C LEU A 67 -4.15 22.92 -7.25
N GLY A 68 -4.27 22.88 -5.92
CA GLY A 68 -5.37 23.54 -5.23
C GLY A 68 -6.67 23.05 -5.81
N GLN A 69 -7.51 23.99 -6.28
CA GLN A 69 -8.80 23.66 -6.85
C GLN A 69 -8.89 23.88 -8.35
N SER A 70 -7.75 23.95 -9.05
CA SER A 70 -7.71 24.11 -10.51
C SER A 70 -7.58 22.78 -11.25
N GLU A 71 -8.29 22.68 -12.39
CA GLU A 71 -8.17 21.51 -13.21
C GLU A 71 -6.76 21.39 -13.81
N PRO A 72 -6.33 20.17 -14.12
CA PRO A 72 -5.01 19.99 -14.75
C PRO A 72 -4.93 20.68 -16.10
N PRO A 73 -3.72 20.99 -16.56
CA PRO A 73 -3.58 21.57 -17.90
C PRO A 73 -3.95 20.51 -18.91
N LYS A 74 -4.40 20.98 -20.07
CA LYS A 74 -4.68 20.10 -21.18
C LYS A 74 -3.48 19.94 -22.11
N THR A 75 -2.61 20.96 -22.20
CA THR A 75 -1.45 20.91 -23.10
C THR A 75 -0.31 20.11 -22.48
N GLY A 76 0.31 20.65 -21.43
CA GLY A 76 1.40 19.98 -20.77
C GLY A 76 1.82 20.77 -19.55
N TYR A 77 2.91 20.34 -18.92
CA TYR A 77 3.33 20.98 -17.67
C TYR A 77 4.59 21.81 -17.79
N SER A 78 5.18 21.94 -18.98
CA SER A 78 6.34 22.81 -19.12
C SER A 78 5.95 24.27 -18.86
N GLY A 79 6.96 25.07 -18.56
CA GLY A 79 6.72 26.47 -18.25
C GLY A 79 6.00 27.20 -19.37
N GLU A 80 6.41 26.98 -20.61
CA GLU A 80 5.77 27.64 -21.74
C GLU A 80 4.29 27.28 -21.82
N GLN A 81 3.98 25.98 -21.63
CA GLN A 81 2.59 25.56 -21.77
C GLN A 81 1.73 26.11 -20.63
N VAL A 82 2.23 26.03 -19.40
CA VAL A 82 1.46 26.52 -18.27
C VAL A 82 1.41 28.04 -18.29
N ALA A 83 2.48 28.69 -18.72
CA ALA A 83 2.46 30.15 -18.77
C ALA A 83 1.34 30.66 -19.67
N VAL A 84 0.95 29.88 -20.69
CA VAL A 84 -0.13 30.31 -21.56
C VAL A 84 -1.40 30.52 -20.74
N TYR A 85 -1.69 29.59 -19.81
CA TYR A 85 -2.93 29.69 -19.03
C TYR A 85 -2.91 30.89 -18.08
N LEU A 86 -1.79 31.12 -17.41
CA LEU A 86 -1.72 32.22 -16.46
C LEU A 86 -1.80 33.55 -17.18
N HIS A 87 -1.18 33.64 -18.36
CA HIS A 87 -1.22 34.89 -19.14
C HIS A 87 -2.64 35.25 -19.55
N LYS A 88 -3.37 34.31 -20.14
CA LYS A 88 -4.72 34.62 -20.59
C LYS A 88 -5.62 34.93 -19.41
N LEU A 89 -5.46 34.20 -18.30
CA LEU A 89 -6.24 34.51 -17.12
C LEU A 89 -5.98 35.94 -16.68
N ALA A 90 -4.71 36.33 -16.59
CA ALA A 90 -4.39 37.69 -16.19
C ALA A 90 -4.91 38.69 -17.21
N ARG A 91 -4.72 38.40 -18.51
CA ARG A 91 -5.22 39.30 -19.54
C ARG A 91 -6.73 39.43 -19.52
N GLN A 92 -7.42 38.48 -18.92
CA GLN A 92 -8.88 38.56 -18.85
C GLN A 92 -9.32 39.64 -17.91
N PHE A 93 -8.49 39.95 -16.93
CA PHE A 93 -8.83 40.96 -15.94
C PHE A 93 -8.12 42.28 -16.16
N SER A 94 -7.08 42.31 -16.98
CA SER A 94 -6.41 43.56 -17.35
C SER A 94 -6.06 43.50 -18.84
N PRO A 95 -7.08 43.50 -19.71
CA PRO A 95 -6.78 43.38 -21.15
C PRO A 95 -6.26 44.66 -21.76
N ASP A 96 -6.43 45.79 -21.10
CA ASP A 96 -6.12 47.08 -21.70
C ASP A 96 -4.85 47.71 -21.14
N ARG A 97 -4.42 47.30 -19.96
CA ARG A 97 -3.26 47.82 -19.27
C ARG A 97 -2.34 46.69 -18.84
N PRO A 98 -1.05 46.98 -18.68
CA PRO A 98 -0.14 45.97 -18.12
C PRO A 98 -0.48 45.64 -16.66
N PHE A 99 -0.02 44.48 -16.21
CA PHE A 99 -0.22 44.05 -14.84
C PHE A 99 1.12 43.77 -14.16
N ASP A 100 1.06 43.57 -12.85
CA ASP A 100 2.22 43.23 -12.04
C ASP A 100 2.22 41.74 -11.73
N LEU A 101 3.40 41.19 -11.47
CA LEU A 101 3.53 39.76 -11.24
C LEU A 101 4.44 39.49 -10.06
N VAL A 102 3.93 38.75 -9.08
CA VAL A 102 4.70 38.18 -7.98
C VAL A 102 4.62 36.67 -8.10
N ALA A 103 5.78 36.02 -8.11
CA ALA A 103 5.83 34.57 -8.24
C ALA A 103 6.81 34.00 -7.23
N HIS A 104 6.54 32.78 -6.81
CA HIS A 104 7.31 32.09 -5.78
C HIS A 104 7.47 30.62 -6.16
N ASP A 105 8.66 30.08 -5.92
CA ASP A 105 8.92 28.63 -6.06
C ASP A 105 8.63 28.27 -7.52
N ILE A 106 7.93 27.15 -7.82
CA ILE A 106 7.67 26.79 -9.21
C ILE A 106 6.69 27.74 -9.89
N GLY A 107 6.11 28.68 -9.12
CA GLY A 107 5.40 29.80 -9.75
C GLY A 107 6.27 30.63 -10.68
N ILE A 108 7.57 30.66 -10.40
CA ILE A 108 8.53 31.32 -11.29
C ILE A 108 8.67 30.53 -12.59
N TRP A 109 8.82 29.20 -12.48
CA TRP A 109 8.96 28.33 -13.65
C TRP A 109 7.81 28.52 -14.64
N ASN A 110 6.58 28.75 -14.09
CA ASN A 110 5.37 28.82 -14.90
C ASN A 110 4.98 30.24 -15.28
N THR A 111 5.85 31.23 -15.03
CA THR A 111 5.56 32.58 -15.51
C THR A 111 6.69 33.17 -16.34
N TYR A 112 7.94 32.82 -16.06
CA TYR A 112 9.03 33.40 -16.86
C TYR A 112 8.77 33.34 -18.36
N PRO A 113 8.32 32.22 -18.95
CA PRO A 113 8.04 32.24 -20.40
C PRO A 113 6.99 33.28 -20.80
N MET A 114 6.02 33.54 -19.94
CA MET A 114 5.02 34.56 -20.26
C MET A 114 5.60 35.96 -20.16
N VAL A 115 6.50 36.17 -19.19
CA VAL A 115 7.10 37.48 -19.01
C VAL A 115 7.97 37.83 -20.20
N VAL A 116 8.80 36.87 -20.63
CA VAL A 116 9.74 37.15 -21.70
C VAL A 116 9.01 37.30 -23.03
N LYS A 117 7.85 36.65 -23.20
CA LYS A 117 7.12 36.76 -24.46
C LYS A 117 6.17 37.96 -24.53
N ASN A 118 5.80 38.55 -23.39
CA ASN A 118 4.83 39.65 -23.36
C ASN A 118 5.36 40.70 -22.38
N GLN A 119 6.57 41.20 -22.64
CA GLN A 119 7.20 42.14 -21.73
C GLN A 119 6.36 43.39 -21.55
N ALA A 120 5.63 43.80 -22.60
CA ALA A 120 4.79 44.98 -22.51
C ALA A 120 3.62 44.77 -21.54
N ASP A 121 3.17 43.54 -21.38
CA ASP A 121 2.04 43.23 -20.51
C ASP A 121 2.43 43.23 -19.03
N ILE A 122 3.73 43.21 -18.75
CA ILE A 122 4.18 43.15 -17.36
C ILE A 122 4.83 44.46 -16.94
N ALA A 123 4.17 45.20 -16.05
CA ALA A 123 4.72 46.47 -15.60
C ALA A 123 5.88 46.25 -14.65
N ARG A 124 5.67 45.47 -13.57
CA ARG A 124 6.74 45.25 -12.59
C ARG A 124 6.73 43.76 -12.32
N LEU A 125 7.83 43.21 -11.77
CA LEU A 125 8.08 41.79 -11.60
C LEU A 125 8.74 41.60 -10.25
N VAL A 126 8.22 40.67 -9.44
CA VAL A 126 8.86 40.23 -8.21
C VAL A 126 9.01 38.72 -8.26
N TYR A 127 10.23 38.24 -8.12
CA TYR A 127 10.54 36.82 -8.12
C TYR A 127 11.16 36.49 -6.77
N MET A 128 10.71 35.43 -6.14
CA MET A 128 11.27 35.07 -4.84
C MET A 128 11.47 33.57 -4.77
N GLU A 129 12.64 33.17 -4.31
CA GLU A 129 12.88 31.82 -3.81
C GLU A 129 12.56 30.76 -4.85
N ALA A 130 13.31 30.77 -5.93
CA ALA A 130 13.31 29.73 -6.96
C ALA A 130 14.33 30.05 -8.03
N PRO A 131 14.99 29.05 -8.58
CA PRO A 131 15.78 29.28 -9.80
C PRO A 131 14.84 29.36 -11.00
N ILE A 132 15.18 30.20 -11.96
CA ILE A 132 14.61 30.05 -13.30
C ILE A 132 15.18 28.79 -13.93
N PRO A 133 14.37 27.92 -14.53
CA PRO A 133 14.94 26.70 -15.13
C PRO A 133 15.99 26.96 -16.21
N ASP A 134 17.23 26.62 -15.90
CA ASP A 134 18.31 26.67 -16.89
C ASP A 134 19.41 25.72 -16.43
N ALA A 135 20.55 25.71 -17.12
CA ALA A 135 21.56 24.69 -16.89
C ALA A 135 22.12 24.72 -15.48
N ARG A 136 22.06 25.88 -14.81
CA ARG A 136 22.59 26.02 -13.46
C ARG A 136 22.03 24.98 -12.49
N ILE A 137 20.76 24.60 -12.66
CA ILE A 137 20.20 23.63 -11.73
C ILE A 137 20.85 22.27 -11.92
N TYR A 138 21.51 22.05 -13.05
CA TYR A 138 22.23 20.79 -13.21
C TYR A 138 23.50 20.75 -12.38
N ARG A 139 23.81 21.80 -11.64
CA ARG A 139 24.99 21.82 -10.83
C ARG A 139 24.74 21.76 -9.34
N PHE A 140 23.50 21.85 -8.93
CA PHE A 140 23.19 21.74 -7.50
C PHE A 140 23.59 20.35 -7.03
N PRO A 141 24.25 20.24 -5.87
CA PRO A 141 24.74 18.92 -5.45
C PRO A 141 23.64 18.02 -4.92
N ALA A 142 23.84 16.71 -5.12
CA ALA A 142 22.93 15.71 -4.59
C ALA A 142 23.07 15.48 -3.09
N PHE A 143 24.22 15.81 -2.52
CA PHE A 143 24.56 15.45 -1.15
C PHE A 143 25.58 16.45 -0.66
N THR A 144 25.53 16.79 0.62
CA THR A 144 26.41 17.81 1.13
C THR A 144 27.08 17.29 2.40
N ALA A 145 28.17 17.97 2.78
CA ALA A 145 28.78 17.70 4.06
C ALA A 145 27.85 18.04 5.23
N GLN A 146 26.77 18.79 5.01
CA GLN A 146 25.77 19.03 6.03
C GLN A 146 24.70 17.95 6.08
N GLY A 147 24.72 17.00 5.15
CA GLY A 147 23.69 15.99 5.04
C GLY A 147 22.86 16.19 3.78
N GLU A 148 21.59 15.78 3.83
CA GLU A 148 20.73 15.83 2.66
C GLU A 148 20.71 17.23 2.07
N SER A 149 20.82 17.29 0.76
CA SER A 149 20.60 18.57 0.13
C SER A 149 19.09 18.82 0.08
N LEU A 150 18.75 20.03 -0.34
CA LEU A 150 17.36 20.46 -0.41
C LEU A 150 16.80 20.36 -1.82
N VAL A 151 17.57 19.79 -2.78
CA VAL A 151 17.20 19.74 -4.18
C VAL A 151 17.16 18.31 -4.72
N TRP A 152 17.41 17.30 -3.89
CA TRP A 152 17.30 15.94 -4.40
C TRP A 152 15.86 15.59 -4.83
N HIS A 153 14.84 16.29 -4.32
CA HIS A 153 13.48 16.02 -4.78
C HIS A 153 13.30 16.23 -6.28
N PHE A 154 14.12 17.10 -6.90
CA PHE A 154 14.14 17.26 -8.34
C PHE A 154 14.15 15.91 -9.04
N SER A 155 15.10 15.05 -8.65
CA SER A 155 15.24 13.75 -9.29
C SER A 155 14.17 12.76 -8.80
N PHE A 156 13.87 12.80 -7.49
CA PHE A 156 12.82 11.96 -6.92
C PHE A 156 11.49 12.21 -7.62
N PHE A 157 11.10 13.49 -7.74
CA PHE A 157 9.83 13.82 -8.36
C PHE A 157 9.86 13.55 -9.87
N ALA A 158 10.99 13.73 -10.47
CA ALA A 158 11.13 13.60 -11.91
C ALA A 158 11.21 12.14 -12.36
N ALA A 159 11.46 11.24 -11.42
CA ALA A 159 11.69 9.84 -11.75
C ALA A 159 10.48 9.24 -12.48
N ASP A 160 10.78 8.33 -13.40
CA ASP A 160 9.74 7.62 -14.13
C ASP A 160 9.14 6.54 -13.23
N ASP A 161 8.26 5.71 -13.80
CA ASP A 161 7.67 4.60 -13.05
C ASP A 161 6.77 5.10 -11.91
N ARG A 162 6.36 6.38 -11.97
CA ARG A 162 5.50 7.03 -10.97
C ARG A 162 6.06 6.80 -9.57
N LEU A 163 7.38 6.85 -9.46
CA LEU A 163 8.01 6.49 -8.19
C LEU A 163 7.50 7.35 -7.04
N ALA A 164 7.45 8.68 -7.23
CA ALA A 164 7.09 9.56 -6.13
C ALA A 164 5.63 9.37 -5.72
N GLU A 165 4.68 9.32 -6.67
CA GLU A 165 3.28 9.07 -6.29
C GLU A 165 3.13 7.73 -5.57
N THR A 166 3.79 6.70 -6.06
CA THR A 166 3.64 5.37 -5.48
C THR A 166 4.10 5.38 -4.03
N LEU A 167 5.21 6.06 -3.74
CA LEU A 167 5.73 6.09 -2.39
C LEU A 167 5.00 7.08 -1.48
N ILE A 168 4.50 8.18 -2.03
CA ILE A 168 4.01 9.24 -1.17
C ILE A 168 2.51 9.13 -0.91
N ALA A 169 1.74 8.57 -1.85
CA ALA A 169 0.29 8.48 -1.70
C ALA A 169 -0.10 7.82 -0.37
N GLY A 170 -1.00 8.47 0.37
CA GLY A 170 -1.37 7.98 1.68
C GLY A 170 -0.42 8.40 2.77
N LYS A 171 0.66 9.09 2.42
CA LYS A 171 1.64 9.59 3.39
C LYS A 171 1.91 11.06 3.18
N GLU A 172 0.97 11.78 2.55
CA GLU A 172 1.19 13.18 2.22
C GLU A 172 1.45 14.02 3.46
N ARG A 173 0.72 13.78 4.52
CA ARG A 173 0.93 14.59 5.70
C ARG A 173 2.34 14.39 6.24
N PHE A 174 2.82 13.15 6.27
CA PHE A 174 4.19 12.92 6.73
C PHE A 174 5.21 13.54 5.77
N PHE A 175 5.06 13.29 4.46
CA PHE A 175 6.06 13.77 3.51
C PHE A 175 6.07 15.29 3.44
N LEU A 176 4.89 15.90 3.35
CA LEU A 176 4.81 17.35 3.24
C LEU A 176 5.35 18.02 4.49
N GLU A 177 5.12 17.43 5.66
CA GLU A 177 5.69 18.03 6.85
C GLU A 177 7.21 18.07 6.74
N HIS A 178 7.82 16.96 6.32
CA HIS A 178 9.28 16.95 6.22
C HIS A 178 9.76 17.89 5.11
N PHE A 179 9.10 17.91 3.97
CA PHE A 179 9.53 18.73 2.86
C PHE A 179 9.51 20.20 3.23
N ILE A 180 8.39 20.67 3.82
CA ILE A 180 8.28 22.09 4.14
C ILE A 180 9.23 22.45 5.27
N LYS A 181 9.27 21.64 6.33
CA LYS A 181 10.07 22.05 7.49
C LYS A 181 11.57 22.01 7.18
N SER A 182 11.99 21.10 6.32
CA SER A 182 13.40 21.04 5.99
C SER A 182 13.84 22.19 5.08
N HIS A 183 12.93 22.86 4.40
CA HIS A 183 13.31 24.01 3.59
C HIS A 183 13.05 25.35 4.28
N ALA A 184 12.54 25.32 5.50
CA ALA A 184 12.15 26.52 6.22
C ALA A 184 13.21 26.87 7.25
N SER A 185 13.42 28.16 7.45
CA SER A 185 14.18 28.61 8.62
C SER A 185 13.27 28.76 9.81
N ASN A 186 12.05 29.23 9.63
CA ASN A 186 11.06 29.33 10.70
C ASN A 186 10.01 28.22 10.54
N THR A 187 10.20 27.08 11.22
CA THR A 187 9.21 26.01 11.06
C THR A 187 7.93 26.21 11.86
N GLU A 188 7.95 26.97 12.95
CA GLU A 188 6.74 26.98 13.76
C GLU A 188 5.58 27.75 13.13
N VAL A 189 5.81 28.54 12.07
CA VAL A 189 4.69 29.14 11.36
C VAL A 189 3.85 28.12 10.61
N PHE A 190 4.35 26.90 10.43
CA PHE A 190 3.56 25.85 9.80
C PHE A 190 2.89 25.06 10.91
N SER A 191 1.74 25.57 11.36
CA SER A 191 0.96 24.92 12.40
C SER A 191 0.45 23.54 11.93
N GLU A 192 0.04 22.72 12.90
CA GLU A 192 -0.56 21.43 12.57
C GLU A 192 -1.75 21.58 11.64
N ARG A 193 -2.55 22.64 11.80
CA ARG A 193 -3.73 22.83 10.96
C ARG A 193 -3.35 23.21 9.53
N LEU A 194 -2.40 24.13 9.35
CA LEU A 194 -2.00 24.52 8.00
C LEU A 194 -1.40 23.33 7.24
N LEU A 195 -0.60 22.51 7.90
CA LEU A 195 -0.07 21.32 7.22
C LEU A 195 -1.17 20.33 6.86
N ASP A 196 -2.22 20.21 7.71
CA ASP A 196 -3.36 19.34 7.40
C ASP A 196 -4.11 19.82 6.17
N LEU A 197 -4.38 21.13 6.09
CA LEU A 197 -5.06 21.67 4.92
C LEU A 197 -4.25 21.43 3.64
N TYR A 198 -2.96 21.77 3.65
CA TYR A 198 -2.18 21.56 2.44
C TYR A 198 -2.09 20.08 2.09
N ALA A 199 -1.96 19.21 3.10
CA ALA A 199 -1.87 17.77 2.84
C ALA A 199 -3.17 17.23 2.28
N ARG A 200 -4.30 17.75 2.73
CA ARG A 200 -5.57 17.33 2.18
C ARG A 200 -5.67 17.74 0.70
N SER A 201 -5.25 18.97 0.37
CA SER A 201 -5.33 19.41 -1.02
C SER A 201 -4.41 18.59 -1.92
N TYR A 202 -3.17 18.35 -1.48
CA TYR A 202 -2.23 17.56 -2.27
C TYR A 202 -2.51 16.05 -2.26
N ALA A 203 -3.40 15.56 -1.39
CA ALA A 203 -3.76 14.14 -1.43
C ALA A 203 -4.87 13.86 -2.43
N LYS A 204 -5.50 14.88 -3.01
CA LYS A 204 -6.34 14.60 -4.17
C LYS A 204 -5.45 13.93 -5.21
N PRO A 205 -5.82 12.74 -5.71
CA PRO A 205 -4.87 11.99 -6.56
C PRO A 205 -4.40 12.75 -7.79
N HIS A 206 -5.28 13.49 -8.47
CA HIS A 206 -4.83 14.22 -9.64
C HIS A 206 -3.86 15.34 -9.26
N SER A 207 -3.93 15.86 -8.02
CA SER A 207 -3.04 16.91 -7.58
C SER A 207 -1.65 16.37 -7.21
N LEU A 208 -1.59 15.21 -6.56
CA LEU A 208 -0.28 14.63 -6.29
C LEU A 208 0.44 14.38 -7.60
N ASN A 209 -0.27 13.84 -8.59
CA ASN A 209 0.34 13.60 -9.89
C ASN A 209 0.69 14.91 -10.60
N ALA A 210 -0.23 15.87 -10.60
CA ALA A 210 0.06 17.16 -11.23
C ALA A 210 1.31 17.77 -10.63
N SER A 211 1.45 17.70 -9.31
CA SER A 211 2.66 18.19 -8.65
C SER A 211 3.92 17.68 -9.31
N PHE A 212 4.00 16.37 -9.56
CA PHE A 212 5.24 15.80 -10.06
C PHE A 212 5.43 15.99 -11.55
N GLU A 213 4.34 16.17 -12.31
CA GLU A 213 4.49 16.45 -13.73
C GLU A 213 5.24 17.75 -13.99
N TYR A 214 5.12 18.73 -13.10
CA TYR A 214 5.91 19.95 -13.26
C TYR A 214 7.40 19.63 -13.26
N TYR A 215 7.83 18.77 -12.34
CA TYR A 215 9.22 18.38 -12.30
C TYR A 215 9.59 17.48 -13.45
N ARG A 216 8.63 16.65 -13.91
CA ARG A 216 8.91 15.79 -15.05
C ARG A 216 9.03 16.58 -16.35
N ALA A 217 8.54 17.81 -16.37
CA ALA A 217 8.64 18.70 -17.51
C ALA A 217 9.84 19.63 -17.40
N LEU A 218 10.59 19.52 -16.30
CA LEU A 218 11.62 20.50 -16.01
C LEU A 218 12.69 20.55 -17.09
N ASN A 219 13.11 19.38 -17.62
CA ASN A 219 14.10 19.37 -18.69
C ASN A 219 13.58 20.08 -19.93
N GLU A 220 12.30 19.88 -20.24
CA GLU A 220 11.70 20.64 -21.33
C GLU A 220 11.75 22.13 -21.03
N SER A 221 11.41 22.53 -19.80
CA SER A 221 11.44 23.95 -19.44
C SER A 221 12.83 24.55 -19.61
N VAL A 222 13.86 23.79 -19.24
CA VAL A 222 15.23 24.26 -19.42
C VAL A 222 15.52 24.46 -20.90
N ARG A 223 15.12 23.49 -21.74
CA ARG A 223 15.35 23.64 -23.18
C ARG A 223 14.57 24.83 -23.74
N GLN A 224 13.34 25.04 -23.25
CA GLN A 224 12.55 26.19 -23.68
C GLN A 224 13.23 27.50 -23.32
N ASN A 225 13.68 27.61 -22.08
CA ASN A 225 14.27 28.85 -21.61
C ASN A 225 15.60 29.19 -22.28
N ALA A 226 16.35 28.20 -22.80
CA ALA A 226 17.60 28.50 -23.49
C ALA A 226 17.37 29.39 -24.69
N GLU A 227 16.26 29.19 -25.40
CA GLU A 227 15.92 30.10 -26.49
C GLU A 227 15.32 31.40 -25.95
N LEU A 228 14.36 31.27 -25.04
CA LEU A 228 13.68 32.43 -24.47
C LEU A 228 14.66 33.41 -23.81
N ALA A 229 15.72 32.89 -23.20
CA ALA A 229 16.65 33.76 -22.49
C ALA A 229 17.48 34.64 -23.41
N LYS A 230 17.42 34.42 -24.73
CA LYS A 230 18.09 35.32 -25.66
C LYS A 230 17.52 36.72 -25.61
N THR A 231 16.32 36.91 -25.09
CA THR A 231 15.75 38.24 -24.87
C THR A 231 15.79 38.56 -23.38
N ARG A 232 16.56 39.57 -23.03
CA ARG A 232 16.62 39.99 -21.65
C ARG A 232 15.36 40.69 -21.22
N LEU A 233 15.19 40.80 -19.91
CA LEU A 233 13.96 41.34 -19.37
C LEU A 233 14.10 42.84 -19.15
N GLN A 234 13.11 43.59 -19.63
CA GLN A 234 13.18 45.04 -19.69
C GLN A 234 12.62 45.77 -18.47
N MET A 235 11.50 45.34 -17.96
CA MET A 235 10.83 45.97 -16.82
C MET A 235 11.61 45.95 -15.51
N PRO A 236 11.18 46.75 -14.55
CA PRO A 236 11.75 46.68 -13.20
C PRO A 236 11.37 45.38 -12.51
N THR A 237 12.35 44.75 -11.89
CA THR A 237 12.20 43.45 -11.28
C THR A 237 12.89 43.48 -9.93
N MET A 238 12.35 42.72 -8.99
CA MET A 238 12.92 42.60 -7.66
C MET A 238 13.02 41.12 -7.26
N THR A 239 14.17 40.72 -6.73
CA THR A 239 14.33 39.37 -6.21
C THR A 239 14.37 39.39 -4.69
N LEU A 240 13.73 38.39 -4.11
CA LEU A 240 13.73 38.16 -2.68
C LEU A 240 14.26 36.76 -2.43
N ALA A 241 14.99 36.60 -1.35
CA ALA A 241 15.57 35.30 -1.04
C ALA A 241 15.77 35.21 0.46
N GLY A 242 15.65 34.00 1.00
CA GLY A 242 16.01 33.78 2.38
C GLY A 242 17.51 33.58 2.53
N GLY A 243 18.04 34.11 3.62
CA GLY A 243 19.43 33.95 3.99
C GLY A 243 19.69 32.92 5.06
N GLY A 244 18.64 32.30 5.60
CA GLY A 244 18.80 31.23 6.57
C GLY A 244 18.76 29.86 5.93
N HIS A 245 18.81 28.86 6.80
CA HIS A 245 18.69 27.49 6.33
C HIS A 245 17.52 27.39 5.36
N GLY A 246 17.80 26.86 4.17
CA GLY A 246 16.78 26.63 3.18
C GLY A 246 16.47 27.76 2.24
N GLY A 247 17.00 28.96 2.47
CA GLY A 247 16.79 30.04 1.52
C GLY A 247 17.74 29.96 0.32
N MET A 248 17.36 30.65 -0.76
CA MET A 248 18.19 30.69 -1.95
C MET A 248 19.48 31.46 -1.76
N GLY A 249 19.55 32.34 -0.77
CA GLY A 249 20.78 33.05 -0.53
C GLY A 249 21.11 33.97 -1.69
N THR A 250 22.42 34.14 -1.93
CA THR A 250 22.85 35.06 -2.98
C THR A 250 22.48 34.58 -4.38
N PHE A 251 22.17 33.30 -4.56
CA PHE A 251 21.94 32.75 -5.89
C PHE A 251 20.79 33.45 -6.60
N GLN A 252 19.73 33.82 -5.86
CA GLN A 252 18.54 34.40 -6.48
C GLN A 252 18.89 35.65 -7.29
N LEU A 253 19.52 36.65 -6.67
CA LEU A 253 19.87 37.86 -7.41
C LEU A 253 20.94 37.59 -8.48
N GLU A 254 21.90 36.72 -8.16
CA GLU A 254 22.98 36.46 -9.12
C GLU A 254 22.45 35.90 -10.43
N GLN A 255 21.57 34.89 -10.37
CA GLN A 255 21.01 34.33 -11.58
C GLN A 255 20.16 35.36 -12.30
N MET A 256 19.39 36.15 -11.54
CA MET A 256 18.50 37.12 -12.15
C MET A 256 19.28 38.18 -12.95
N LYS A 257 20.52 38.45 -12.55
CA LYS A 257 21.33 39.42 -13.29
C LYS A 257 21.61 38.93 -14.71
N ALA A 258 21.59 37.61 -14.93
CA ALA A 258 21.74 37.09 -16.29
C ALA A 258 20.45 37.21 -17.10
N TYR A 259 19.30 37.36 -16.44
CA TYR A 259 18.05 37.47 -17.17
C TYR A 259 17.55 38.91 -17.28
N ALA A 260 17.78 39.74 -16.28
CA ALA A 260 17.19 41.07 -16.23
C ALA A 260 18.26 42.14 -16.10
N GLU A 261 18.02 43.28 -16.72
CA GLU A 261 18.99 44.36 -16.57
C GLU A 261 18.66 45.27 -15.39
N ASP A 262 17.37 45.46 -15.07
CA ASP A 262 16.95 46.37 -14.01
C ASP A 262 16.41 45.50 -12.88
N VAL A 263 17.30 45.14 -11.96
CA VAL A 263 16.98 44.22 -10.88
C VAL A 263 17.64 44.69 -9.60
N GLU A 264 16.87 44.66 -8.51
CA GLU A 264 17.39 44.83 -7.17
C GLU A 264 17.01 43.60 -6.37
N GLY A 265 17.87 43.21 -5.45
CA GLY A 265 17.68 41.99 -4.71
C GLY A 265 17.79 42.25 -3.22
N HIS A 266 17.10 41.39 -2.46
CA HIS A 266 17.18 41.37 -1.01
C HIS A 266 17.29 39.94 -0.52
N VAL A 267 18.15 39.74 0.47
CA VAL A 267 18.30 38.49 1.17
C VAL A 267 17.88 38.72 2.60
N LEU A 268 16.87 37.98 3.06
CA LEU A 268 16.24 38.23 4.34
C LEU A 268 16.89 37.33 5.39
N PRO A 269 17.64 37.86 6.34
CA PRO A 269 18.34 36.99 7.29
C PRO A 269 17.36 36.20 8.14
N GLY A 270 17.75 34.98 8.47
CA GLY A 270 16.90 34.15 9.29
C GLY A 270 15.67 33.60 8.60
N CYS A 271 15.56 33.73 7.29
CA CYS A 271 14.41 33.24 6.56
C CYS A 271 14.85 32.14 5.59
N GLY A 272 14.04 31.10 5.49
CA GLY A 272 14.25 29.98 4.59
C GLY A 272 13.49 30.14 3.29
N HIS A 273 12.98 29.07 2.75
CA HIS A 273 12.39 29.05 1.41
C HIS A 273 10.96 29.58 1.31
N TRP A 274 10.16 29.49 2.37
CA TRP A 274 8.76 29.94 2.30
C TRP A 274 8.58 31.35 2.85
N LEU A 275 9.07 32.34 2.09
CA LEU A 275 9.05 33.72 2.55
C LEU A 275 7.67 34.26 2.94
N PRO A 276 6.60 34.09 2.15
CA PRO A 276 5.30 34.65 2.56
C PRO A 276 4.84 34.15 3.91
N GLU A 277 5.23 32.94 4.30
CA GLU A 277 4.84 32.40 5.58
C GLU A 277 5.88 32.63 6.67
N GLU A 278 7.17 32.53 6.35
CA GLU A 278 8.23 32.57 7.35
C GLU A 278 8.59 33.97 7.80
N CYS A 279 8.47 34.95 6.92
CA CYS A 279 8.92 36.31 7.18
C CYS A 279 7.94 37.29 6.55
N ALA A 280 6.67 37.13 6.90
CA ALA A 280 5.59 37.92 6.29
C ALA A 280 5.83 39.42 6.48
N ALA A 281 6.18 39.85 7.69
CA ALA A 281 6.30 41.29 7.93
C ALA A 281 7.39 41.92 7.06
N PRO A 282 8.64 41.43 7.07
CA PRO A 282 9.62 42.07 6.19
C PRO A 282 9.29 41.88 4.69
N MET A 283 8.80 40.70 4.34
CA MET A 283 8.58 40.38 2.93
C MET A 283 7.48 41.24 2.33
N ASN A 284 6.35 41.36 3.02
CA ASN A 284 5.23 42.16 2.52
C ASN A 284 5.65 43.59 2.29
N ARG A 285 6.38 44.16 3.24
CA ARG A 285 6.85 45.55 3.13
C ARG A 285 7.61 45.80 1.84
N LEU A 286 8.54 44.91 1.52
CA LEU A 286 9.39 45.04 0.34
C LEU A 286 8.55 44.92 -0.92
N VAL A 287 7.60 44.00 -0.90
CA VAL A 287 6.72 43.83 -2.06
C VAL A 287 5.82 45.05 -2.22
N ILE A 288 5.18 45.48 -1.13
CA ILE A 288 4.29 46.63 -1.20
C ILE A 288 5.05 47.87 -1.64
N ASP A 289 6.24 48.10 -1.07
CA ASP A 289 7.05 49.26 -1.46
C ASP A 289 7.50 49.18 -2.92
N PHE A 290 7.96 48.00 -3.36
CA PHE A 290 8.41 47.88 -4.74
C PHE A 290 7.25 48.06 -5.70
N LEU A 291 6.11 47.41 -5.44
CA LEU A 291 5.00 47.49 -6.39
C LEU A 291 4.34 48.86 -6.38
N SER A 292 4.56 49.68 -5.36
CA SER A 292 3.90 50.97 -5.28
C SER A 292 4.77 52.11 -5.79
N ARG A 293 5.99 51.83 -6.21
CA ARG A 293 6.84 52.88 -6.79
C ARG A 293 6.61 52.97 -8.29
N ALA B 1 17.23 -20.72 8.06
CA ALA B 1 16.67 -20.76 6.72
C ALA B 1 17.39 -19.82 5.78
N GLU B 2 18.10 -20.36 4.80
CA GLU B 2 18.90 -19.55 3.89
C GLU B 2 18.04 -18.63 3.03
N GLU B 3 18.50 -17.40 2.87
CA GLU B 3 17.78 -16.44 2.06
C GLU B 3 18.06 -16.64 0.58
N PHE B 4 19.17 -17.30 0.23
CA PHE B 4 19.59 -17.51 -1.15
C PHE B 4 20.22 -18.89 -1.32
N PRO B 5 20.12 -19.49 -2.51
CA PRO B 5 20.66 -20.85 -2.72
C PRO B 5 22.18 -20.82 -2.70
N VAL B 6 22.77 -21.71 -1.91
CA VAL B 6 24.21 -21.86 -1.79
C VAL B 6 24.75 -22.68 -2.96
N PRO B 7 25.86 -22.27 -3.57
CA PRO B 7 26.40 -23.03 -4.70
C PRO B 7 27.00 -24.35 -4.23
N ASN B 8 27.01 -25.31 -5.15
CA ASN B 8 27.56 -26.63 -4.85
C ASN B 8 29.02 -26.50 -4.43
N GLY B 9 29.37 -27.18 -3.34
CA GLY B 9 30.71 -27.15 -2.77
C GLY B 9 30.98 -26.04 -1.79
N PHE B 10 29.97 -25.23 -1.46
CA PHE B 10 30.10 -24.08 -0.56
C PHE B 10 29.24 -24.30 0.68
N GLU B 11 29.63 -23.66 1.79
CA GLU B 11 28.88 -23.79 3.03
C GLU B 11 28.45 -22.44 3.56
N SER B 12 27.21 -22.39 4.03
CA SER B 12 26.69 -21.21 4.71
C SER B 12 26.91 -21.40 6.19
N ALA B 13 27.64 -20.48 6.82
CA ALA B 13 28.02 -20.61 8.22
C ALA B 13 27.92 -19.26 8.90
N TYR B 14 28.15 -19.27 10.21
CA TYR B 14 28.18 -18.05 10.99
C TYR B 14 29.47 -17.99 11.81
N ARG B 15 29.84 -16.78 12.21
CA ARG B 15 31.06 -16.59 12.98
C ARG B 15 30.93 -15.29 13.77
N GLU B 16 31.17 -15.37 15.08
CA GLU B 16 31.06 -14.21 15.95
C GLU B 16 32.34 -13.38 15.86
N VAL B 17 32.19 -12.07 15.65
CA VAL B 17 33.32 -11.16 15.48
C VAL B 17 33.01 -9.91 16.30
N ASP B 18 33.77 -9.66 17.35
CA ASP B 18 33.52 -8.52 18.23
C ASP B 18 32.06 -8.49 18.66
N GLY B 19 31.55 -9.64 19.08
CA GLY B 19 30.19 -9.73 19.56
C GLY B 19 29.11 -9.74 18.49
N VAL B 20 29.46 -9.69 17.21
CA VAL B 20 28.48 -9.63 16.12
C VAL B 20 28.48 -10.95 15.38
N LYS B 21 27.29 -11.55 15.24
CA LYS B 21 27.13 -12.80 14.50
C LYS B 21 27.06 -12.45 13.02
N LEU B 22 28.12 -12.77 12.29
CA LEU B 22 28.24 -12.49 10.87
C LEU B 22 27.90 -13.72 10.05
N HIS B 23 27.20 -13.52 8.95
CA HIS B 23 26.92 -14.59 8.02
C HIS B 23 27.88 -14.52 6.83
N TYR B 24 28.29 -15.67 6.36
CA TYR B 24 29.17 -15.78 5.24
C TYR B 24 28.95 -17.08 4.53
N VAL B 25 29.39 -17.14 3.29
CA VAL B 25 29.37 -18.34 2.48
C VAL B 25 30.81 -18.60 2.06
N LYS B 26 31.31 -19.80 2.31
CA LYS B 26 32.71 -20.14 2.14
C LYS B 26 32.85 -21.39 1.27
N GLY B 27 33.92 -21.43 0.48
CA GLY B 27 34.24 -22.60 -0.32
C GLY B 27 35.60 -22.47 -0.95
N GLY B 28 36.11 -23.59 -1.43
CA GLY B 28 37.38 -23.64 -2.12
C GLY B 28 38.55 -24.01 -1.22
N GLN B 29 39.73 -24.04 -1.83
CA GLN B 29 40.99 -24.35 -1.18
C GLN B 29 42.05 -23.40 -1.72
N GLY B 30 43.04 -23.07 -0.88
CA GLY B 30 44.13 -22.22 -1.30
C GLY B 30 44.12 -20.89 -0.57
N PRO B 31 44.78 -19.87 -1.13
CA PRO B 31 44.77 -18.55 -0.49
C PRO B 31 43.36 -17.97 -0.44
N LEU B 32 43.14 -17.10 0.54
CA LEU B 32 41.82 -16.53 0.79
C LEU B 32 41.54 -15.32 -0.09
N VAL B 33 40.36 -15.31 -0.72
CA VAL B 33 39.77 -14.11 -1.32
C VAL B 33 38.47 -13.83 -0.60
N MET B 34 38.29 -12.59 -0.14
CA MET B 34 37.06 -12.13 0.45
C MET B 34 36.31 -11.24 -0.54
N LEU B 35 35.05 -11.58 -0.81
CA LEU B 35 34.20 -10.81 -1.73
C LEU B 35 33.16 -10.10 -0.89
N VAL B 36 33.09 -8.78 -1.03
CA VAL B 36 32.23 -7.94 -0.20
C VAL B 36 31.22 -7.23 -1.09
N HIS B 37 29.95 -7.54 -0.87
CA HIS B 37 28.82 -7.07 -1.66
C HIS B 37 28.45 -5.63 -1.28
N GLY B 38 27.49 -5.07 -2.01
CA GLY B 38 27.03 -3.73 -1.72
C GLY B 38 25.54 -3.61 -1.45
N PHE B 39 25.05 -2.35 -1.52
CA PHE B 39 23.68 -2.01 -1.15
C PHE B 39 22.68 -2.67 -2.08
N GLY B 40 21.52 -3.01 -1.51
CA GLY B 40 20.47 -3.69 -2.23
C GLY B 40 20.77 -5.13 -2.52
N GLN B 41 21.89 -5.66 -2.06
CA GLN B 41 22.23 -7.05 -2.35
C GLN B 41 22.81 -7.72 -1.12
N THR B 42 23.25 -8.96 -1.32
CA THR B 42 23.86 -9.77 -0.28
C THR B 42 25.07 -10.48 -0.89
N TRP B 43 25.64 -11.41 -0.13
CA TRP B 43 26.73 -12.24 -0.66
C TRP B 43 26.35 -12.86 -1.98
N TYR B 44 25.06 -13.06 -2.21
CA TYR B 44 24.59 -13.83 -3.35
C TYR B 44 24.93 -13.16 -4.69
N GLU B 45 25.27 -11.87 -4.68
CA GLU B 45 25.66 -11.25 -5.95
C GLU B 45 26.92 -11.89 -6.52
N TRP B 46 27.71 -12.55 -5.69
CA TRP B 46 28.95 -13.18 -6.11
C TRP B 46 28.78 -14.65 -6.50
N HIS B 47 27.54 -15.16 -6.56
CA HIS B 47 27.38 -16.61 -6.63
C HIS B 47 27.84 -17.21 -7.97
N GLN B 48 27.98 -16.39 -9.01
CA GLN B 48 28.55 -16.92 -10.25
C GLN B 48 30.05 -16.90 -10.24
N LEU B 49 30.65 -15.90 -9.61
CA LEU B 49 32.10 -15.82 -9.56
C LEU B 49 32.70 -16.83 -8.58
N MET B 50 32.00 -17.11 -7.48
CA MET B 50 32.55 -17.93 -6.40
C MET B 50 32.98 -19.32 -6.86
N PRO B 51 32.18 -20.09 -7.60
CA PRO B 51 32.64 -21.41 -8.05
C PRO B 51 33.80 -21.35 -9.02
N GLU B 52 34.07 -20.20 -9.64
CA GLU B 52 35.21 -20.08 -10.53
C GLU B 52 36.46 -19.72 -9.76
N LEU B 53 36.34 -18.79 -8.81
CA LEU B 53 37.48 -18.48 -7.96
C LEU B 53 37.85 -19.68 -7.09
N ALA B 54 36.87 -20.51 -6.71
CA ALA B 54 37.11 -21.65 -5.81
C ALA B 54 38.00 -22.71 -6.42
N LYS B 55 38.25 -22.67 -7.74
CA LYS B 55 39.18 -23.61 -8.34
C LYS B 55 40.63 -23.33 -7.95
N ARG B 56 40.95 -22.11 -7.54
CA ARG B 56 42.30 -21.72 -7.18
C ARG B 56 42.39 -21.09 -5.80
N PHE B 57 41.28 -20.72 -5.20
CA PHE B 57 41.31 -19.96 -3.96
C PHE B 57 40.33 -20.51 -2.96
N THR B 58 40.54 -20.15 -1.70
CA THR B 58 39.52 -20.23 -0.67
C THR B 58 38.70 -18.94 -0.73
N VAL B 59 37.41 -19.07 -0.98
CA VAL B 59 36.55 -17.92 -1.25
C VAL B 59 35.61 -17.73 -0.07
N ILE B 60 35.55 -16.51 0.46
CA ILE B 60 34.60 -16.19 1.51
C ILE B 60 33.81 -14.94 1.10
N ALA B 61 32.48 -15.02 1.23
CA ALA B 61 31.60 -13.91 0.89
C ALA B 61 30.66 -13.67 2.06
N PRO B 62 30.86 -12.62 2.80
CA PRO B 62 30.01 -12.35 3.94
C PRO B 62 28.89 -11.39 3.63
N ASP B 63 27.88 -11.39 4.47
CA ASP B 63 26.85 -10.35 4.44
C ASP B 63 27.31 -9.21 5.31
N LEU B 64 27.18 -7.99 4.82
CA LEU B 64 27.55 -6.82 5.62
C LEU B 64 26.70 -6.77 6.90
N PRO B 65 27.27 -6.28 8.00
CA PRO B 65 26.50 -6.19 9.24
C PRO B 65 25.14 -5.52 9.00
N GLY B 66 24.08 -6.15 9.53
CA GLY B 66 22.74 -5.63 9.40
C GLY B 66 22.03 -5.99 8.12
N LEU B 67 22.75 -6.39 7.07
CA LEU B 67 22.17 -6.81 5.81
C LEU B 67 22.28 -8.32 5.70
N GLY B 68 21.50 -8.91 4.79
CA GLY B 68 21.45 -10.35 4.64
C GLY B 68 21.16 -11.05 5.95
N GLN B 69 22.02 -11.98 6.36
CA GLN B 69 21.83 -12.71 7.61
C GLN B 69 22.87 -12.33 8.64
N SER B 70 23.51 -11.19 8.48
CA SER B 70 24.47 -10.70 9.47
C SER B 70 23.77 -9.74 10.43
N GLU B 71 24.12 -9.86 11.71
CA GLU B 71 23.59 -8.97 12.73
C GLU B 71 24.08 -7.53 12.50
N PRO B 72 23.32 -6.56 12.99
CA PRO B 72 23.77 -5.16 12.87
C PRO B 72 25.10 -4.97 13.57
N PRO B 73 25.83 -3.93 13.24
CA PRO B 73 27.06 -3.66 13.99
C PRO B 73 26.72 -3.24 15.40
N LYS B 74 27.63 -3.52 16.31
CA LYS B 74 27.47 -3.07 17.68
C LYS B 74 28.09 -1.70 17.92
N THR B 75 29.08 -1.33 17.10
CA THR B 75 29.76 -0.03 17.23
C THR B 75 29.09 1.07 16.41
N GLY B 76 29.11 0.94 15.09
CA GLY B 76 28.51 1.96 14.25
C GLY B 76 28.56 1.53 12.81
N TYR B 77 28.14 2.45 11.93
CA TYR B 77 28.04 2.15 10.51
C TYR B 77 29.01 2.90 9.63
N SER B 78 29.91 3.67 10.23
CA SER B 78 30.94 4.32 9.43
C SER B 78 31.90 3.27 8.88
N GLY B 79 32.61 3.66 7.81
CA GLY B 79 33.53 2.72 7.17
C GLY B 79 34.56 2.17 8.13
N GLU B 80 35.14 3.06 8.96
CA GLU B 80 36.15 2.58 9.89
C GLU B 80 35.58 1.54 10.84
N GLN B 81 34.37 1.74 11.33
CA GLN B 81 33.77 0.82 12.29
C GLN B 81 33.42 -0.50 11.64
N VAL B 82 32.86 -0.48 10.43
CA VAL B 82 32.50 -1.72 9.77
C VAL B 82 33.75 -2.47 9.34
N ALA B 83 34.80 -1.75 8.93
CA ALA B 83 36.03 -2.38 8.48
C ALA B 83 36.62 -3.29 9.55
N VAL B 84 36.41 -2.97 10.83
CA VAL B 84 36.93 -3.81 11.90
C VAL B 84 36.34 -5.20 11.79
N TYR B 85 35.03 -5.30 11.54
CA TYR B 85 34.39 -6.60 11.50
C TYR B 85 34.90 -7.43 10.32
N LEU B 86 35.03 -6.81 9.16
CA LEU B 86 35.45 -7.54 7.97
C LEU B 86 36.92 -7.94 8.05
N HIS B 87 37.77 -7.06 8.58
CA HIS B 87 39.17 -7.44 8.75
C HIS B 87 39.32 -8.62 9.69
N LYS B 88 38.68 -8.55 10.87
CA LYS B 88 38.82 -9.63 11.85
C LYS B 88 38.20 -10.93 11.33
N LEU B 89 37.06 -10.85 10.63
CA LEU B 89 36.50 -12.05 10.03
C LEU B 89 37.49 -12.74 9.09
N ALA B 90 38.11 -11.97 8.19
CA ALA B 90 39.03 -12.55 7.22
C ALA B 90 40.27 -13.14 7.88
N ARG B 91 40.86 -12.41 8.84
CA ARG B 91 42.07 -12.90 9.50
C ARG B 91 41.82 -14.17 10.28
N GLN B 92 40.56 -14.47 10.62
CA GLN B 92 40.28 -15.73 11.28
C GLN B 92 40.47 -16.90 10.34
N PHE B 93 40.44 -16.67 9.02
CA PHE B 93 40.65 -17.72 8.05
C PHE B 93 42.00 -17.61 7.36
N SER B 94 42.65 -16.45 7.43
CA SER B 94 43.98 -16.26 6.85
C SER B 94 44.82 -15.48 7.85
N PRO B 95 45.10 -16.07 9.02
CA PRO B 95 45.87 -15.34 10.04
C PRO B 95 47.36 -15.31 9.76
N ASP B 96 47.86 -16.20 8.89
CA ASP B 96 49.29 -16.34 8.66
C ASP B 96 49.75 -15.75 7.34
N ARG B 97 48.84 -15.59 6.39
CA ARG B 97 49.19 -15.06 5.08
C ARG B 97 48.27 -13.90 4.77
N PRO B 98 48.72 -12.95 3.95
CA PRO B 98 47.81 -11.92 3.46
C PRO B 98 46.74 -12.57 2.59
N PHE B 99 45.61 -11.87 2.45
CA PHE B 99 44.51 -12.32 1.63
C PHE B 99 44.16 -11.24 0.59
N ASP B 100 43.33 -11.63 -0.36
CA ASP B 100 42.90 -10.78 -1.45
C ASP B 100 41.52 -10.23 -1.14
N LEU B 101 41.19 -9.09 -1.74
CA LEU B 101 39.91 -8.43 -1.45
C LEU B 101 39.27 -7.96 -2.74
N VAL B 102 38.03 -8.40 -2.98
CA VAL B 102 37.19 -7.87 -4.04
C VAL B 102 35.98 -7.22 -3.37
N ALA B 103 35.73 -5.94 -3.71
CA ALA B 103 34.65 -5.19 -3.11
C ALA B 103 33.89 -4.42 -4.20
N HIS B 104 32.59 -4.24 -3.93
CA HIS B 104 31.65 -3.61 -4.85
C HIS B 104 30.71 -2.70 -4.07
N ASP B 105 30.46 -1.51 -4.63
CA ASP B 105 29.42 -0.62 -4.06
C ASP B 105 29.83 -0.23 -2.64
N ILE B 106 28.92 -0.23 -1.66
CA ILE B 106 29.29 0.15 -0.31
C ILE B 106 30.23 -0.87 0.34
N GLY B 107 30.49 -2.00 -0.35
CA GLY B 107 31.59 -2.84 0.05
C GLY B 107 32.93 -2.11 0.05
N ILE B 108 33.10 -1.13 -0.84
CA ILE B 108 34.32 -0.33 -0.83
C ILE B 108 34.38 0.56 0.41
N TRP B 109 33.27 1.26 0.71
CA TRP B 109 33.20 2.15 1.87
C TRP B 109 33.61 1.42 3.14
N ASN B 110 33.23 0.13 3.25
CA ASN B 110 33.39 -0.64 4.46
C ASN B 110 34.65 -1.49 4.45
N THR B 111 35.52 -1.33 3.46
CA THR B 111 36.80 -2.04 3.46
C THR B 111 38.01 -1.14 3.32
N TYR B 112 37.91 -0.01 2.60
CA TYR B 112 39.05 0.90 2.45
C TYR B 112 39.73 1.23 3.78
N PRO B 113 39.03 1.56 4.87
CA PRO B 113 39.76 1.82 6.13
C PRO B 113 40.55 0.61 6.63
N MET B 114 40.06 -0.60 6.40
CA MET B 114 40.81 -1.78 6.75
C MET B 114 42.01 -1.97 5.83
N VAL B 115 41.83 -1.69 4.54
CA VAL B 115 42.92 -1.90 3.60
C VAL B 115 44.08 -0.98 3.93
N VAL B 116 43.79 0.32 4.06
CA VAL B 116 44.83 1.31 4.35
C VAL B 116 45.55 1.09 5.68
N LYS B 117 44.84 0.56 6.67
CA LYS B 117 45.39 0.39 8.02
C LYS B 117 46.14 -0.92 8.21
N ASN B 118 45.95 -1.89 7.33
CA ASN B 118 46.59 -3.20 7.46
C ASN B 118 47.11 -3.64 6.09
N GLN B 119 47.93 -2.77 5.47
CA GLN B 119 48.35 -2.99 4.08
C GLN B 119 49.09 -4.30 3.89
N ALA B 120 49.85 -4.75 4.90
CA ALA B 120 50.57 -6.01 4.77
C ALA B 120 49.60 -7.20 4.65
N ASP B 121 48.38 -7.06 5.16
CA ASP B 121 47.38 -8.12 5.13
C ASP B 121 46.68 -8.27 3.79
N ILE B 122 46.76 -7.28 2.91
CA ILE B 122 46.03 -7.31 1.65
C ILE B 122 47.03 -7.54 0.55
N ALA B 123 46.96 -8.71 -0.12
CA ALA B 123 47.91 -8.99 -1.20
C ALA B 123 47.50 -8.27 -2.48
N ARG B 124 46.27 -8.46 -2.93
CA ARG B 124 45.76 -7.79 -4.12
C ARG B 124 44.36 -7.26 -3.85
N LEU B 125 44.02 -6.19 -4.59
CA LEU B 125 42.80 -5.43 -4.35
C LEU B 125 42.04 -5.21 -5.66
N VAL B 126 40.78 -5.59 -5.67
CA VAL B 126 39.87 -5.28 -6.78
C VAL B 126 38.71 -4.47 -6.23
N TYR B 127 38.52 -3.28 -6.78
CA TYR B 127 37.45 -2.39 -6.40
C TYR B 127 36.61 -2.17 -7.63
N MET B 128 35.29 -2.20 -7.49
CA MET B 128 34.43 -2.02 -8.64
C MET B 128 33.18 -1.24 -8.25
N GLU B 129 32.86 -0.22 -9.04
CA GLU B 129 31.55 0.42 -9.04
C GLU B 129 31.17 1.03 -7.69
N ALA B 130 31.96 1.98 -7.23
CA ALA B 130 31.63 2.83 -6.09
C ALA B 130 32.74 3.84 -5.87
N PRO B 131 32.43 5.06 -5.49
CA PRO B 131 33.48 5.97 -5.06
C PRO B 131 33.92 5.64 -3.63
N ILE B 132 35.23 5.79 -3.39
CA ILE B 132 35.65 5.84 -1.99
C ILE B 132 35.06 7.10 -1.38
N PRO B 133 34.46 7.04 -0.21
CA PRO B 133 33.88 8.26 0.38
C PRO B 133 34.93 9.34 0.63
N ASP B 134 34.83 10.45 -0.10
CA ASP B 134 35.67 11.63 0.11
C ASP B 134 34.94 12.85 -0.45
N ALA B 135 35.63 13.99 -0.51
CA ALA B 135 34.98 15.25 -0.86
C ALA B 135 34.41 15.26 -2.27
N ARG B 136 34.82 14.34 -3.14
CA ARG B 136 34.27 14.37 -4.49
C ARG B 136 32.78 14.06 -4.51
N ILE B 137 32.30 13.23 -3.57
CA ILE B 137 30.88 12.84 -3.64
C ILE B 137 29.98 14.05 -3.45
N TYR B 138 30.52 15.12 -2.86
CA TYR B 138 29.79 16.36 -2.69
C TYR B 138 29.64 17.14 -4.00
N ARG B 139 30.13 16.60 -5.09
CA ARG B 139 29.99 17.29 -6.36
C ARG B 139 29.08 16.61 -7.34
N PHE B 140 28.62 15.41 -7.04
CA PHE B 140 27.65 14.74 -7.89
C PHE B 140 26.38 15.59 -7.97
N PRO B 141 25.82 15.83 -9.16
CA PRO B 141 24.62 16.67 -9.25
C PRO B 141 23.33 16.00 -8.75
N ALA B 142 22.41 16.84 -8.26
CA ALA B 142 21.11 16.35 -7.80
C ALA B 142 20.21 15.98 -8.96
N PHE B 143 20.41 16.59 -10.12
CA PHE B 143 19.51 16.50 -11.25
C PHE B 143 20.33 16.79 -12.51
N THR B 144 19.98 16.13 -13.62
CA THR B 144 20.80 16.21 -14.83
C THR B 144 19.92 16.56 -16.01
N ALA B 145 20.60 16.98 -17.09
CA ALA B 145 19.94 17.24 -18.37
C ALA B 145 19.35 15.96 -18.97
N GLN B 146 19.80 14.81 -18.50
CA GLN B 146 19.23 13.54 -18.91
C GLN B 146 18.06 13.12 -18.06
N GLY B 147 17.72 13.88 -17.01
CA GLY B 147 16.64 13.47 -16.12
C GLY B 147 17.15 13.08 -14.74
N GLU B 148 16.45 12.14 -14.11
CA GLU B 148 16.80 11.71 -12.76
C GLU B 148 18.25 11.29 -12.72
N SER B 149 19.02 11.86 -11.78
CA SER B 149 20.37 11.37 -11.59
C SER B 149 20.37 10.07 -10.79
N LEU B 150 21.51 9.42 -10.73
CA LEU B 150 21.53 8.12 -10.09
C LEU B 150 22.06 8.18 -8.68
N VAL B 151 22.22 9.42 -8.18
CA VAL B 151 22.80 9.62 -6.87
C VAL B 151 21.91 10.41 -5.94
N TRP B 152 20.70 10.77 -6.35
CA TRP B 152 19.84 11.50 -5.43
C TRP B 152 19.52 10.67 -4.20
N HIS B 153 19.63 9.33 -4.28
CA HIS B 153 19.35 8.48 -3.12
C HIS B 153 20.30 8.72 -1.94
N PHE B 154 21.53 9.21 -2.19
CA PHE B 154 22.43 9.57 -1.09
C PHE B 154 21.68 10.42 -0.05
N SER B 155 21.04 11.49 -0.51
CA SER B 155 20.29 12.34 0.41
C SER B 155 19.01 11.65 0.87
N PHE B 156 18.30 10.95 -0.03
CA PHE B 156 17.08 10.25 0.39
C PHE B 156 17.37 9.29 1.53
N PHE B 157 18.40 8.47 1.38
CA PHE B 157 18.72 7.50 2.41
C PHE B 157 19.25 8.18 3.67
N ALA B 158 20.00 9.26 3.56
CA ALA B 158 20.59 9.89 4.73
C ALA B 158 19.62 10.81 5.48
N ALA B 159 18.46 11.11 4.90
CA ALA B 159 17.57 12.07 5.51
C ALA B 159 17.13 11.66 6.92
N ASP B 160 16.95 12.67 7.77
CA ASP B 160 16.44 12.51 9.12
C ASP B 160 14.93 12.29 9.02
N ASP B 161 14.26 12.22 10.17
CA ASP B 161 12.81 12.08 10.22
C ASP B 161 12.39 10.72 9.65
N ARG B 162 13.31 9.78 9.65
CA ARG B 162 13.08 8.41 9.17
C ARG B 162 12.42 8.42 7.81
N LEU B 163 12.86 9.33 6.94
CA LEU B 163 12.14 9.57 5.70
C LEU B 163 12.12 8.33 4.82
N ALA B 164 13.27 7.69 4.64
CA ALA B 164 13.37 6.54 3.74
C ALA B 164 12.57 5.33 4.25
N GLU B 165 12.74 4.97 5.53
CA GLU B 165 11.98 3.85 6.08
C GLU B 165 10.49 4.08 5.94
N THR B 166 10.02 5.29 6.27
CA THR B 166 8.58 5.54 6.21
C THR B 166 8.08 5.47 4.77
N LEU B 167 8.82 6.02 3.82
CA LEU B 167 8.31 6.03 2.46
C LEU B 167 8.38 4.67 1.80
N ILE B 168 9.36 3.83 2.16
CA ILE B 168 9.56 2.57 1.45
C ILE B 168 8.82 1.40 2.10
N ALA B 169 8.58 1.44 3.41
CA ALA B 169 7.89 0.35 4.09
C ALA B 169 6.57 0.03 3.38
N GLY B 170 6.35 -1.25 3.10
CA GLY B 170 5.23 -1.72 2.31
C GLY B 170 5.43 -1.63 0.80
N LYS B 171 6.53 -1.01 0.33
CA LYS B 171 6.86 -0.84 -1.09
C LYS B 171 8.32 -1.23 -1.37
N GLU B 172 8.88 -2.17 -0.59
CA GLU B 172 10.29 -2.50 -0.71
C GLU B 172 10.62 -3.11 -2.08
N ARG B 173 9.80 -4.06 -2.56
CA ARG B 173 10.10 -4.65 -3.85
C ARG B 173 10.00 -3.62 -4.96
N PHE B 174 8.95 -2.79 -4.90
CA PHE B 174 8.76 -1.74 -5.89
C PHE B 174 9.94 -0.78 -5.89
N PHE B 175 10.37 -0.34 -4.70
CA PHE B 175 11.48 0.59 -4.67
C PHE B 175 12.75 -0.09 -5.19
N LEU B 176 13.03 -1.31 -4.71
CA LEU B 176 14.27 -1.97 -5.06
C LEU B 176 14.36 -2.28 -6.55
N GLU B 177 13.23 -2.67 -7.17
CA GLU B 177 13.20 -2.88 -8.62
C GLU B 177 13.50 -1.59 -9.38
N HIS B 178 12.91 -0.46 -8.96
CA HIS B 178 13.25 0.79 -9.65
C HIS B 178 14.72 1.15 -9.40
N PHE B 179 15.20 0.97 -8.15
CA PHE B 179 16.56 1.34 -7.82
C PHE B 179 17.57 0.54 -8.64
N ILE B 180 17.38 -0.77 -8.73
CA ILE B 180 18.35 -1.60 -9.44
C ILE B 180 18.28 -1.34 -10.93
N LYS B 181 17.06 -1.33 -11.49
CA LYS B 181 16.94 -1.21 -12.93
C LYS B 181 17.38 0.15 -13.43
N SER B 182 17.18 1.21 -12.64
CA SER B 182 17.61 2.53 -13.09
C SER B 182 19.13 2.68 -13.06
N HIS B 183 19.85 1.84 -12.34
CA HIS B 183 21.31 1.83 -12.31
C HIS B 183 21.90 0.76 -13.21
N ALA B 184 21.07 0.04 -13.94
CA ALA B 184 21.55 -1.06 -14.77
C ALA B 184 21.53 -0.68 -16.25
N SER B 185 22.44 -1.26 -17.02
CA SER B 185 22.35 -1.22 -18.48
C SER B 185 21.63 -2.42 -19.03
N ASN B 186 21.85 -3.58 -18.42
CA ASN B 186 21.23 -4.86 -18.80
C ASN B 186 20.15 -5.15 -17.74
N THR B 187 18.91 -4.76 -18.02
CA THR B 187 17.86 -4.96 -17.03
C THR B 187 17.32 -6.38 -17.04
N GLU B 188 17.46 -7.11 -18.16
CA GLU B 188 16.81 -8.41 -18.26
C GLU B 188 17.44 -9.46 -17.36
N VAL B 189 18.68 -9.26 -16.88
CA VAL B 189 19.25 -10.21 -15.94
C VAL B 189 18.57 -10.13 -14.58
N PHE B 190 17.75 -9.10 -14.33
CA PHE B 190 17.07 -9.00 -13.04
C PHE B 190 15.67 -9.59 -13.16
N SER B 191 15.59 -10.91 -12.99
CA SER B 191 14.35 -11.62 -13.03
C SER B 191 13.46 -11.23 -11.85
N GLU B 192 12.16 -11.47 -12.02
CA GLU B 192 11.23 -11.26 -10.93
C GLU B 192 11.59 -12.16 -9.73
N ARG B 193 12.14 -13.33 -9.97
CA ARG B 193 12.56 -14.20 -8.90
C ARG B 193 13.75 -13.67 -8.13
N LEU B 194 14.71 -13.15 -8.86
CA LEU B 194 15.89 -12.59 -8.23
C LEU B 194 15.55 -11.32 -7.45
N LEU B 195 14.71 -10.46 -8.03
CA LEU B 195 14.33 -9.24 -7.35
C LEU B 195 13.56 -9.53 -6.06
N ASP B 196 12.75 -10.58 -6.07
CA ASP B 196 12.04 -10.95 -4.84
C ASP B 196 13.00 -11.43 -3.76
N LEU B 197 13.99 -12.24 -4.14
CA LEU B 197 14.99 -12.70 -3.17
C LEU B 197 15.66 -11.52 -2.48
N TYR B 198 16.17 -10.57 -3.27
CA TYR B 198 16.82 -9.39 -2.70
C TYR B 198 15.81 -8.52 -1.93
N ALA B 199 14.58 -8.39 -2.45
CA ALA B 199 13.60 -7.54 -1.80
C ALA B 199 13.21 -8.07 -0.41
N ARG B 200 12.96 -9.33 -0.32
CA ARG B 200 12.64 -9.95 0.95
C ARG B 200 13.74 -9.77 1.94
N SER B 201 14.96 -9.97 1.51
CA SER B 201 16.12 -9.83 2.39
C SER B 201 16.21 -8.42 2.96
N TYR B 202 16.23 -7.39 2.10
CA TYR B 202 16.43 -6.07 2.69
C TYR B 202 15.14 -5.46 3.26
N ALA B 203 13.99 -6.11 3.06
CA ALA B 203 12.76 -5.64 3.68
C ALA B 203 12.63 -6.03 5.14
N LYS B 204 13.45 -6.94 5.65
CA LYS B 204 13.47 -7.17 7.09
C LYS B 204 13.73 -5.84 7.79
N PRO B 205 12.93 -5.48 8.80
CA PRO B 205 13.02 -4.10 9.32
C PRO B 205 14.42 -3.71 9.77
N HIS B 206 15.16 -4.61 10.41
CA HIS B 206 16.50 -4.22 10.81
C HIS B 206 17.42 -4.11 9.60
N SER B 207 17.13 -4.85 8.52
CA SER B 207 17.96 -4.75 7.31
C SER B 207 17.62 -3.49 6.53
N LEU B 208 16.33 -3.14 6.44
CA LEU B 208 15.96 -1.88 5.81
C LEU B 208 16.58 -0.71 6.53
N ASN B 209 16.54 -0.72 7.87
CA ASN B 209 17.14 0.37 8.64
C ASN B 209 18.67 0.36 8.53
N ALA B 210 19.31 -0.81 8.64
CA ALA B 210 20.76 -0.86 8.52
C ALA B 210 21.21 -0.30 7.16
N SER B 211 20.51 -0.65 6.07
CA SER B 211 20.81 -0.12 4.74
C SER B 211 21.00 1.39 4.77
N PHE B 212 20.09 2.09 5.43
CA PHE B 212 20.12 3.55 5.40
C PHE B 212 21.16 4.11 6.36
N GLU B 213 21.47 3.38 7.44
CA GLU B 213 22.49 3.82 8.36
C GLU B 213 23.86 3.94 7.69
N TYR B 214 24.16 3.10 6.68
CA TYR B 214 25.41 3.27 5.94
C TYR B 214 25.46 4.65 5.29
N TYR B 215 24.39 5.04 4.63
CA TYR B 215 24.36 6.36 4.03
C TYR B 215 24.30 7.46 5.07
N ARG B 216 23.66 7.20 6.22
CA ARG B 216 23.61 8.15 7.33
C ARG B 216 25.00 8.38 7.93
N ALA B 217 25.87 7.39 7.80
CA ALA B 217 27.21 7.47 8.35
C ALA B 217 28.21 8.00 7.32
N LEU B 218 27.75 8.33 6.12
CA LEU B 218 28.66 8.66 5.03
C LEU B 218 29.49 9.89 5.35
N ASN B 219 28.87 10.92 5.93
CA ASN B 219 29.64 12.11 6.26
C ASN B 219 30.73 11.81 7.28
N GLU B 220 30.46 10.90 8.22
CA GLU B 220 31.51 10.48 9.14
C GLU B 220 32.60 9.76 8.37
N SER B 221 32.21 8.86 7.48
CA SER B 221 33.20 8.13 6.68
C SER B 221 34.07 9.09 5.89
N VAL B 222 33.49 10.16 5.33
CA VAL B 222 34.30 11.11 4.57
C VAL B 222 35.36 11.73 5.49
N ARG B 223 34.98 12.15 6.69
CA ARG B 223 35.97 12.71 7.59
C ARG B 223 37.04 11.69 7.96
N GLN B 224 36.64 10.43 8.15
CA GLN B 224 37.62 9.38 8.43
C GLN B 224 38.59 9.20 7.28
N ASN B 225 38.06 9.13 6.05
CA ASN B 225 38.90 8.89 4.89
C ASN B 225 39.86 10.03 4.65
N ALA B 226 39.50 11.24 5.08
CA ALA B 226 40.39 12.38 4.92
C ALA B 226 41.70 12.17 5.65
N GLU B 227 41.66 11.52 6.81
CA GLU B 227 42.90 11.23 7.54
C GLU B 227 43.63 10.02 6.95
N LEU B 228 42.89 8.91 6.74
CA LEU B 228 43.49 7.68 6.24
C LEU B 228 44.19 7.88 4.90
N ALA B 229 43.58 8.66 3.99
CA ALA B 229 44.10 8.79 2.64
C ALA B 229 45.46 9.47 2.60
N LYS B 230 45.92 10.03 3.71
CA LYS B 230 47.28 10.53 3.79
C LYS B 230 48.29 9.40 3.61
N THR B 231 47.85 8.15 3.76
CA THR B 231 48.67 6.98 3.46
C THR B 231 48.14 6.34 2.18
N ARG B 232 48.94 6.37 1.14
CA ARG B 232 48.54 5.78 -0.14
C ARG B 232 48.71 4.26 -0.11
N LEU B 233 47.94 3.60 -0.97
CA LEU B 233 47.90 2.14 -1.01
C LEU B 233 49.04 1.58 -1.86
N GLN B 234 49.80 0.64 -1.28
CA GLN B 234 50.99 0.13 -1.95
C GLN B 234 50.77 -1.21 -2.66
N MET B 235 49.70 -1.93 -2.36
CA MET B 235 49.50 -3.23 -3.00
C MET B 235 48.99 -3.06 -4.43
N PRO B 236 49.10 -4.10 -5.25
CA PRO B 236 48.51 -4.05 -6.59
C PRO B 236 47.00 -3.99 -6.50
N THR B 237 46.41 -3.13 -7.32
CA THR B 237 44.98 -2.89 -7.28
C THR B 237 44.46 -2.81 -8.72
N MET B 238 43.22 -3.25 -8.89
CA MET B 238 42.49 -3.14 -10.15
C MET B 238 41.10 -2.60 -9.90
N THR B 239 40.67 -1.65 -10.74
CA THR B 239 39.34 -1.11 -10.68
C THR B 239 38.52 -1.59 -11.88
N LEU B 240 37.26 -1.93 -11.61
CA LEU B 240 36.32 -2.26 -12.67
C LEU B 240 35.16 -1.29 -12.59
N ALA B 241 34.65 -0.89 -13.75
CA ALA B 241 33.56 0.07 -13.85
C ALA B 241 32.79 -0.22 -15.12
N GLY B 242 31.48 0.02 -15.07
CA GLY B 242 30.67 -0.03 -16.29
C GLY B 242 30.79 1.27 -17.09
N GLY B 243 30.78 1.11 -18.43
CA GLY B 243 30.78 2.23 -19.36
C GLY B 243 29.43 2.57 -19.93
N GLY B 244 28.38 1.79 -19.59
CA GLY B 244 27.03 2.10 -20.00
C GLY B 244 26.27 2.92 -18.97
N HIS B 245 24.99 3.16 -19.28
CA HIS B 245 24.10 3.88 -18.37
C HIS B 245 24.15 3.26 -16.99
N GLY B 246 24.37 4.12 -15.99
CA GLY B 246 24.46 3.66 -14.62
C GLY B 246 25.84 3.22 -14.14
N GLY B 247 26.84 3.05 -15.00
CA GLY B 247 28.16 2.68 -14.54
C GLY B 247 28.96 3.87 -14.04
N MET B 248 30.03 3.59 -13.30
CA MET B 248 30.87 4.67 -12.79
C MET B 248 31.71 5.34 -13.86
N GLY B 249 31.90 4.71 -15.03
CA GLY B 249 32.66 5.33 -16.11
C GLY B 249 34.12 5.49 -15.74
N THR B 250 34.77 6.55 -16.25
CA THR B 250 36.19 6.76 -15.97
C THR B 250 36.43 7.20 -14.52
N PHE B 251 35.38 7.59 -13.78
CA PHE B 251 35.58 8.11 -12.43
C PHE B 251 36.28 7.09 -11.56
N GLN B 252 35.95 5.80 -11.72
CA GLN B 252 36.48 4.78 -10.84
C GLN B 252 38.02 4.78 -10.85
N LEU B 253 38.63 4.66 -12.03
CA LEU B 253 40.09 4.65 -12.06
C LEU B 253 40.67 6.00 -11.63
N GLU B 254 40.05 7.11 -12.06
CA GLU B 254 40.61 8.43 -11.76
C GLU B 254 40.69 8.67 -10.26
N GLN B 255 39.64 8.34 -9.52
CA GLN B 255 39.68 8.52 -8.08
C GLN B 255 40.71 7.59 -7.44
N MET B 256 40.77 6.35 -7.93
CA MET B 256 41.70 5.39 -7.34
C MET B 256 43.17 5.82 -7.55
N LYS B 257 43.48 6.55 -8.62
CA LYS B 257 44.86 6.98 -8.79
C LYS B 257 45.30 7.91 -7.69
N ALA B 258 44.36 8.59 -7.04
CA ALA B 258 44.74 9.42 -5.91
C ALA B 258 44.99 8.60 -4.65
N TYR B 259 44.50 7.37 -4.59
CA TYR B 259 44.65 6.52 -3.41
C TYR B 259 45.73 5.45 -3.54
N ALA B 260 45.99 4.93 -4.73
CA ALA B 260 46.84 3.78 -4.92
C ALA B 260 48.01 4.11 -5.84
N GLU B 261 49.16 3.47 -5.59
CA GLU B 261 50.35 3.65 -6.41
C GLU B 261 50.33 2.75 -7.64
N ASP B 262 49.87 1.52 -7.44
CA ASP B 262 49.87 0.46 -8.44
C ASP B 262 48.43 0.10 -8.73
N VAL B 263 47.87 0.71 -9.77
CA VAL B 263 46.46 0.51 -10.12
C VAL B 263 46.33 0.42 -11.63
N GLU B 264 45.60 -0.58 -12.10
CA GLU B 264 45.19 -0.68 -13.51
C GLU B 264 43.67 -0.74 -13.53
N GLY B 265 43.05 -0.16 -14.55
CA GLY B 265 41.61 -0.01 -14.58
C GLY B 265 41.00 -0.55 -15.87
N HIS B 266 39.73 -0.92 -15.77
CA HIS B 266 38.96 -1.31 -16.94
C HIS B 266 37.57 -0.69 -16.85
N VAL B 267 37.08 -0.27 -18.00
CA VAL B 267 35.73 0.21 -18.15
C VAL B 267 35.05 -0.72 -19.15
N LEU B 268 33.94 -1.33 -18.71
CA LEU B 268 33.29 -2.37 -19.51
C LEU B 268 32.16 -1.75 -20.32
N PRO B 269 32.26 -1.69 -21.65
CA PRO B 269 31.21 -1.03 -22.43
C PRO B 269 29.89 -1.80 -22.33
N GLY B 270 28.80 -1.04 -22.33
CA GLY B 270 27.47 -1.59 -22.26
C GLY B 270 27.04 -2.13 -20.91
N CYS B 271 27.80 -1.89 -19.83
CA CYS B 271 27.47 -2.41 -18.51
C CYS B 271 27.20 -1.26 -17.57
N GLY B 272 26.21 -1.44 -16.71
CA GLY B 272 25.87 -0.48 -15.68
C GLY B 272 26.53 -0.76 -14.35
N HIS B 273 25.75 -0.50 -13.28
CA HIS B 273 26.33 -0.52 -11.93
C HIS B 273 26.53 -1.92 -11.40
N TRP B 274 25.64 -2.83 -11.74
CA TRP B 274 25.74 -4.19 -11.26
C TRP B 274 26.59 -5.07 -12.19
N LEU B 275 27.92 -4.95 -12.09
CA LEU B 275 28.85 -5.72 -12.93
C LEU B 275 28.75 -7.24 -12.71
N PRO B 276 28.73 -7.76 -11.48
CA PRO B 276 28.65 -9.24 -11.35
C PRO B 276 27.38 -9.81 -11.96
N GLU B 277 26.29 -9.05 -12.00
CA GLU B 277 25.10 -9.61 -12.62
C GLU B 277 24.95 -9.25 -14.08
N GLU B 278 25.35 -8.02 -14.45
CA GLU B 278 25.14 -7.52 -15.80
C GLU B 278 26.18 -8.02 -16.77
N CYS B 279 27.41 -8.21 -16.30
CA CYS B 279 28.54 -8.50 -17.17
C CYS B 279 29.45 -9.54 -16.53
N ALA B 280 28.83 -10.66 -16.12
CA ALA B 280 29.53 -11.70 -15.38
C ALA B 280 30.71 -12.25 -16.16
N ALA B 281 30.51 -12.64 -17.42
CA ALA B 281 31.58 -13.29 -18.16
C ALA B 281 32.80 -12.38 -18.30
N PRO B 282 32.69 -11.13 -18.76
CA PRO B 282 33.89 -10.27 -18.80
C PRO B 282 34.42 -9.94 -17.42
N MET B 283 33.54 -9.66 -16.45
CA MET B 283 33.98 -9.25 -15.12
C MET B 283 34.70 -10.38 -14.42
N ASN B 284 34.14 -11.59 -14.46
CA ASN B 284 34.79 -12.75 -13.87
C ASN B 284 36.16 -12.98 -14.50
N ARG B 285 36.24 -12.89 -15.83
CA ARG B 285 37.51 -13.07 -16.53
C ARG B 285 38.58 -12.15 -15.96
N LEU B 286 38.28 -10.85 -15.90
CA LEU B 286 39.26 -9.88 -15.40
C LEU B 286 39.67 -10.14 -13.96
N VAL B 287 38.71 -10.48 -13.10
CA VAL B 287 39.01 -10.73 -11.68
C VAL B 287 39.89 -11.97 -11.51
N ILE B 288 39.50 -13.08 -12.15
CA ILE B 288 40.27 -14.31 -12.04
C ILE B 288 41.66 -14.11 -12.61
N ASP B 289 41.77 -13.40 -13.73
CA ASP B 289 43.09 -13.11 -14.28
C ASP B 289 43.92 -12.27 -13.33
N PHE B 290 43.34 -11.20 -12.79
CA PHE B 290 44.12 -10.30 -11.96
C PHE B 290 44.64 -10.99 -10.69
N LEU B 291 43.80 -11.81 -10.06
CA LEU B 291 44.16 -12.47 -8.81
C LEU B 291 45.13 -13.62 -9.03
N SER B 292 45.27 -14.07 -10.27
CA SER B 292 46.12 -15.20 -10.60
C SER B 292 47.47 -14.77 -11.17
N ARG B 293 47.83 -13.50 -11.08
CA ARG B 293 49.22 -13.18 -11.50
C ARG B 293 50.08 -12.57 -10.40
N VAL C 4 24.73 37.97 9.51
CA VAL C 4 24.72 37.00 10.61
C VAL C 4 25.97 37.21 11.46
N GLN C 5 25.82 37.35 12.77
CA GLN C 5 26.93 37.69 13.61
C GLN C 5 26.97 36.85 14.85
N LEU C 6 28.13 36.28 15.15
CA LEU C 6 28.31 35.44 16.33
C LEU C 6 29.16 36.16 17.39
N VAL C 7 28.70 36.10 18.64
CA VAL C 7 29.37 36.72 19.77
C VAL C 7 29.73 35.63 20.77
N GLU C 8 31.01 35.30 20.84
CA GLU C 8 31.47 34.32 21.81
C GLU C 8 31.73 35.00 23.14
N SER C 9 31.72 34.19 24.20
CA SER C 9 32.02 34.67 25.53
C SER C 9 32.37 33.46 26.37
N GLY C 10 33.13 33.70 27.42
CA GLY C 10 33.71 32.67 28.24
C GLY C 10 35.19 32.55 27.93
N GLY C 11 35.87 31.68 28.68
CA GLY C 11 37.29 31.47 28.42
C GLY C 11 38.22 31.84 29.57
N SER C 19 37.58 23.23 34.84
CA SER C 19 36.42 23.17 33.96
C SER C 19 35.93 24.56 33.56
N LEU C 20 35.33 24.67 32.37
CA LEU C 20 34.79 25.93 31.88
C LEU C 20 33.64 25.68 30.93
N ARG C 21 32.79 26.69 30.76
CA ARG C 21 31.68 26.63 29.83
C ARG C 21 31.76 27.83 28.91
N LEU C 22 31.73 27.58 27.60
CA LEU C 22 31.77 28.62 26.58
C LEU C 22 30.39 28.81 25.96
N SER C 23 30.13 30.04 25.51
CA SER C 23 28.84 30.39 24.93
C SER C 23 29.04 31.18 23.66
N CYS C 24 28.06 31.09 22.77
CA CYS C 24 28.07 31.91 21.57
C CYS C 24 26.64 32.29 21.21
N THR C 25 26.41 33.58 20.94
CA THR C 25 25.11 34.07 20.53
C THR C 25 25.10 34.46 19.07
N THR C 26 23.96 34.25 18.44
CA THR C 26 23.72 34.62 17.05
C THR C 26 22.72 35.76 17.01
N SER C 27 22.91 36.64 16.01
CA SER C 27 22.00 37.75 15.79
C SER C 27 20.69 37.30 15.15
N THR C 28 20.66 36.10 14.58
CA THR C 28 19.48 35.48 14.00
C THR C 28 19.07 34.28 14.84
N SER C 29 17.87 33.77 14.56
CA SER C 29 17.36 32.61 15.25
C SER C 29 18.29 31.40 15.07
N LEU C 30 18.55 30.69 16.17
CA LEU C 30 19.39 29.50 16.10
C LEU C 30 18.80 28.46 15.16
N PHE C 31 17.50 28.53 14.93
CA PHE C 31 16.85 27.58 14.07
C PHE C 31 17.04 27.87 12.61
N SER C 32 17.53 29.04 12.30
CA SER C 32 17.83 29.36 10.91
C SER C 32 19.23 28.93 10.51
N ILE C 33 19.93 28.22 11.39
CA ILE C 33 21.31 27.81 11.18
C ILE C 33 21.38 26.29 11.08
N THR C 34 21.91 25.80 9.95
CA THR C 34 21.92 24.37 9.69
C THR C 34 22.73 23.61 10.73
N THR C 35 23.98 24.03 10.95
CA THR C 35 24.86 23.37 11.91
C THR C 35 25.62 24.41 12.73
N MET C 36 25.70 24.14 14.03
CA MET C 36 26.53 24.89 14.97
C MET C 36 27.68 23.99 15.39
N GLY C 37 28.89 24.54 15.42
CA GLY C 37 30.06 23.75 15.74
C GLY C 37 31.06 24.56 16.53
N TRP C 38 31.82 23.86 17.36
CA TRP C 38 32.95 24.44 18.06
C TRP C 38 34.21 23.84 17.48
N TYR C 39 35.14 24.70 17.10
CA TYR C 39 36.46 24.31 16.61
C TYR C 39 37.52 24.98 17.49
N ARG C 40 38.69 24.35 17.61
CA ARG C 40 39.78 24.95 18.37
C ARG C 40 41.07 24.87 17.57
N GLN C 41 42.00 25.75 17.92
CA GLN C 41 43.24 25.89 17.16
C GLN C 41 44.40 26.27 18.06
N ALA C 42 45.43 25.45 18.06
CA ALA C 42 46.65 25.77 18.77
C ALA C 42 47.45 26.78 17.94
N PRO C 43 48.36 27.53 18.56
CA PRO C 43 49.04 28.61 17.81
C PRO C 43 49.83 28.15 16.58
N GLY C 44 50.23 26.89 16.50
CA GLY C 44 50.95 26.42 15.31
C GLY C 44 50.34 25.20 14.66
N LYS C 45 49.16 24.79 15.09
CA LYS C 45 48.62 23.51 14.65
C LYS C 45 47.39 23.71 13.78
N GLN C 46 46.91 22.59 13.25
CA GLN C 46 45.75 22.63 12.39
C GLN C 46 44.51 22.88 13.23
N ARG C 47 43.53 23.56 12.62
CA ARG C 47 42.22 23.74 13.22
C ARG C 47 41.49 22.40 13.26
N GLU C 48 41.00 22.02 14.45
CA GLU C 48 40.35 20.73 14.61
C GLU C 48 38.93 20.89 15.14
N LEU C 49 38.04 19.99 14.72
CA LEU C 49 36.64 20.04 15.17
C LEU C 49 36.53 19.58 16.62
N VAL C 50 35.68 20.26 17.39
CA VAL C 50 35.38 19.85 18.76
C VAL C 50 34.04 19.13 18.82
N ALA C 51 32.96 19.84 18.49
CA ALA C 51 31.63 19.24 18.59
C ALA C 51 30.68 19.97 17.65
N SER C 52 29.68 19.24 17.17
CA SER C 52 28.66 19.81 16.31
C SER C 52 27.28 19.51 16.88
N ILE C 53 26.34 20.40 16.60
CA ILE C 53 24.94 20.12 16.87
C ILE C 53 24.14 20.67 15.71
N LYS C 54 23.39 19.80 15.06
CA LYS C 54 22.58 20.22 13.92
C LYS C 54 21.29 20.82 14.43
N ARG C 55 20.58 21.49 13.51
CA ARG C 55 19.34 22.16 13.87
C ARG C 55 18.32 21.18 14.45
N GLY C 56 18.32 19.94 13.97
CA GLY C 56 17.39 18.96 14.49
C GLY C 56 17.79 18.31 15.78
N GLY C 57 18.99 18.57 16.25
CA GLY C 57 19.42 18.06 17.53
C GLY C 57 20.50 17.00 17.50
N GLY C 58 20.82 16.42 16.34
CA GLY C 58 21.87 15.42 16.29
C GLY C 58 23.22 16.02 16.64
N THR C 59 23.98 15.36 17.51
CA THR C 59 25.27 15.89 17.89
C THR C 59 26.37 15.01 17.30
N ASN C 60 27.53 15.62 17.10
CA ASN C 60 28.69 14.91 16.61
C ASN C 60 29.90 15.40 17.40
N TYR C 61 30.65 14.46 17.98
CA TYR C 61 31.87 14.78 18.70
C TYR C 61 33.07 14.12 18.02
N ALA C 62 34.20 14.82 18.04
CA ALA C 62 35.44 14.21 17.56
C ALA C 62 35.96 13.22 18.60
N ASP C 63 36.73 12.24 18.15
CA ASP C 63 37.27 11.28 19.09
C ASP C 63 38.10 11.96 20.17
N SER C 64 38.16 11.32 21.33
CA SER C 64 38.87 11.84 22.50
C SER C 64 38.40 13.25 22.85
N MET C 65 37.15 13.53 22.51
CA MET C 65 36.44 14.73 22.93
C MET C 65 35.22 14.36 23.74
N LYS C 66 34.64 13.21 23.46
CA LYS C 66 33.58 12.67 24.30
C LYS C 66 34.10 12.47 25.72
N GLY C 67 33.26 12.77 26.69
CA GLY C 67 33.64 12.66 28.09
C GLY C 67 34.08 13.95 28.76
N ARG C 68 34.74 14.82 27.99
CA ARG C 68 35.26 16.09 28.50
C ARG C 68 34.44 17.28 28.04
N PHE C 69 33.67 17.09 26.98
CA PHE C 69 32.91 18.15 26.35
C PHE C 69 31.46 17.76 26.20
N THR C 70 30.60 18.76 26.24
CA THR C 70 29.18 18.60 25.97
C THR C 70 28.70 19.83 25.22
N ILE C 71 28.13 19.62 24.07
CA ILE C 71 27.57 20.70 23.28
C ILE C 71 26.07 20.71 23.51
N SER C 72 25.49 21.91 23.56
CA SER C 72 24.07 22.08 23.80
C SER C 72 23.67 23.48 23.34
N ARG C 73 22.37 23.73 23.33
CA ARG C 73 21.84 25.01 22.88
C ARG C 73 20.68 25.48 23.77
N ASP C 74 20.30 26.74 23.58
CA ASP C 74 19.12 27.33 24.21
C ASP C 74 18.43 28.20 23.16
N ASN C 75 17.32 27.71 22.60
CA ASN C 75 16.70 28.39 21.46
C ASN C 75 16.04 29.70 21.86
N ALA C 76 15.59 29.80 23.11
CA ALA C 76 15.05 31.07 23.60
C ALA C 76 16.15 32.12 23.65
N ARG C 77 17.36 31.71 24.00
CA ARG C 77 18.48 32.63 24.09
C ARG C 77 19.29 32.74 22.81
N ASN C 78 18.95 31.98 21.76
CA ASN C 78 19.75 31.93 20.54
C ASN C 78 21.22 31.74 20.88
N THR C 79 21.50 30.77 21.77
CA THR C 79 22.82 30.58 22.35
C THR C 79 23.19 29.10 22.31
N VAL C 80 24.43 28.82 21.89
CA VAL C 80 25.01 27.48 21.92
C VAL C 80 26.11 27.44 22.97
N PHE C 81 26.20 26.33 23.69
CA PHE C 81 27.10 26.21 24.82
C PHE C 81 28.11 25.12 24.58
N LEU C 82 29.31 25.32 25.14
CA LEU C 82 30.36 24.30 25.14
C LEU C 82 30.82 24.06 26.56
N GLU C 83 30.53 22.89 27.09
CA GLU C 83 30.87 22.61 28.45
C GLU C 83 32.12 21.80 28.50
N MET C 84 33.19 22.40 29.01
CA MET C 84 34.49 21.75 29.08
C MET C 84 34.87 21.32 30.48
N ASN C 85 35.13 20.03 30.64
CA ASN C 85 35.41 19.45 31.96
C ASN C 85 36.73 18.67 31.97
N ASN C 86 37.34 18.61 33.16
CA ASN C 86 38.60 17.87 33.37
C ASN C 86 39.61 18.24 32.31
N LEU C 87 39.87 19.53 32.22
CA LEU C 87 40.73 20.06 31.18
C LEU C 87 42.18 19.71 31.45
N THR C 88 43.00 19.82 30.41
CA THR C 88 44.43 19.55 30.51
C THR C 88 45.20 20.47 29.56
N THR C 89 46.48 20.62 29.81
CA THR C 89 47.33 21.48 28.98
C THR C 89 47.19 21.08 27.51
N GLU C 90 46.80 19.84 27.27
CA GLU C 90 46.64 19.33 25.92
C GLU C 90 45.42 19.92 25.23
N ASP C 91 44.68 20.80 25.90
CA ASP C 91 43.45 21.36 25.32
C ASP C 91 43.38 22.90 25.10
N THR C 92 44.39 23.63 25.55
CA THR C 92 44.41 25.09 25.43
C THR C 92 44.52 25.55 23.99
N ALA C 93 43.72 26.54 23.60
CA ALA C 93 43.67 26.95 22.20
C ALA C 93 42.79 28.19 22.10
N VAL C 94 42.67 28.73 20.90
CA VAL C 94 41.59 29.67 20.62
C VAL C 94 40.41 28.82 20.15
N TYR C 95 39.28 28.96 20.82
CA TYR C 95 38.09 28.18 20.53
C TYR C 95 37.12 29.02 19.73
N TYR C 96 36.69 28.50 18.58
CA TYR C 96 35.80 29.20 17.67
C TYR C 96 34.46 28.49 17.56
N CYS C 97 33.40 29.26 17.50
CA CYS C 97 32.09 28.74 17.15
C CYS C 97 31.81 29.06 15.69
N ASN C 98 31.22 28.10 15.00
CA ASN C 98 30.97 28.22 13.57
C ASN C 98 29.47 28.02 13.34
N ALA C 99 28.89 28.89 12.52
CA ALA C 99 27.51 28.73 12.08
C ALA C 99 27.54 28.48 10.58
N ALA C 100 27.07 27.31 10.18
CA ALA C 100 27.02 26.91 8.79
C ALA C 100 25.58 26.93 8.33
N ILE C 101 25.32 27.54 7.20
CA ILE C 101 23.99 27.74 6.66
C ILE C 101 23.94 27.01 5.33
N LEU C 102 23.08 26.03 5.23
CA LEU C 102 22.86 25.31 3.98
C LEU C 102 21.79 26.03 3.18
N ALA C 103 22.18 26.54 2.01
CA ALA C 103 21.22 27.20 1.13
C ALA C 103 20.46 26.17 0.30
N TYR C 104 19.32 26.63 -0.27
CA TYR C 104 18.51 25.76 -1.13
C TYR C 104 19.37 25.13 -2.24
N THR C 105 20.32 25.89 -2.79
CA THR C 105 21.15 25.47 -3.92
C THR C 105 22.21 24.45 -3.53
N GLY C 106 22.45 24.30 -2.27
CA GLY C 106 23.54 23.46 -1.82
C GLY C 106 24.78 24.23 -1.44
N GLU C 107 24.83 25.54 -1.71
CA GLU C 107 25.95 26.36 -1.22
C GLU C 107 25.88 26.42 0.29
N VAL C 108 27.02 26.25 0.94
CA VAL C 108 27.11 26.39 2.38
C VAL C 108 27.91 27.66 2.64
N THR C 109 27.34 28.60 3.39
CA THR C 109 28.10 29.76 3.81
C THR C 109 28.43 29.62 5.28
N ASN C 110 29.64 30.01 5.63
CA ASN C 110 30.12 29.87 7.00
C ASN C 110 30.33 31.22 7.66
N TYR C 111 29.99 31.29 8.93
CA TYR C 111 30.17 32.44 9.79
C TYR C 111 30.90 32.00 11.04
N TRP C 112 31.83 32.82 11.50
CA TRP C 112 32.68 32.49 12.63
C TRP C 112 32.54 33.54 13.72
N GLY C 113 32.70 33.10 14.95
CA GLY C 113 32.82 34.05 16.04
C GLY C 113 34.21 34.63 16.09
N GLN C 114 34.34 35.71 16.87
CA GLN C 114 35.64 36.34 17.01
C GLN C 114 36.65 35.45 17.72
N GLY C 115 36.25 34.27 18.19
CA GLY C 115 37.12 33.36 18.89
C GLY C 115 37.41 33.81 20.31
N THR C 116 37.58 32.86 21.23
CA THR C 116 37.92 33.16 22.62
C THR C 116 39.02 32.21 23.09
N GLN C 117 39.98 32.77 23.82
CA GLN C 117 41.17 32.04 24.25
C GLN C 117 40.90 31.25 25.53
N VAL C 118 41.34 29.99 25.54
CA VAL C 118 41.32 29.13 26.72
C VAL C 118 42.76 28.73 27.01
N THR C 119 43.22 28.99 28.22
CA THR C 119 44.59 28.67 28.65
C THR C 119 44.53 27.74 29.86
N VAL C 120 45.21 26.59 29.74
CA VAL C 120 45.29 25.60 30.80
C VAL C 120 46.77 25.22 30.97
N ALA D 2 36.72 4.37 -27.33
CA ALA D 2 35.45 4.99 -26.91
C ALA D 2 34.44 3.91 -26.60
N GLU D 3 33.68 4.11 -25.51
CA GLU D 3 32.74 3.10 -25.03
C GLU D 3 31.70 2.68 -26.08
N VAL D 4 31.39 3.56 -27.02
CA VAL D 4 30.29 3.33 -27.95
C VAL D 4 30.66 3.91 -29.30
N GLN D 5 30.41 3.13 -30.35
CA GLN D 5 30.63 3.56 -31.72
C GLN D 5 29.27 3.69 -32.38
N LEU D 6 29.10 4.73 -33.16
CA LEU D 6 27.88 4.99 -33.86
C LEU D 6 28.14 4.95 -35.34
N VAL D 7 27.31 4.24 -36.07
CA VAL D 7 27.50 4.11 -37.51
C VAL D 7 26.23 4.64 -38.18
N GLU D 8 26.28 5.89 -38.69
CA GLU D 8 25.14 6.49 -39.39
C GLU D 8 25.14 6.11 -40.86
N SER D 9 23.96 6.21 -41.48
CA SER D 9 23.80 5.97 -42.90
C SER D 9 22.47 6.58 -43.34
N GLY D 10 22.38 6.87 -44.64
CA GLY D 10 21.24 7.55 -45.20
C GLY D 10 21.56 8.99 -45.53
N GLY D 11 20.55 9.67 -46.07
CA GLY D 11 20.69 11.08 -46.42
C GLY D 11 20.57 11.30 -47.91
N GLY D 12 21.14 12.37 -48.43
CA GLY D 12 21.13 12.59 -49.85
C GLY D 12 20.17 13.70 -50.26
N LEU D 13 19.92 13.76 -51.56
CA LEU D 13 19.13 14.79 -52.20
C LEU D 13 17.71 14.29 -52.41
N VAL D 14 16.74 15.11 -52.02
CA VAL D 14 15.33 14.75 -52.13
C VAL D 14 14.55 15.96 -52.68
N GLN D 15 13.44 15.67 -53.37
CA GLN D 15 12.59 16.77 -53.81
C GLN D 15 11.66 17.20 -52.67
N PRO D 16 11.23 18.46 -52.68
CA PRO D 16 10.18 18.89 -51.75
C PRO D 16 8.97 17.94 -51.81
N GLY D 17 8.38 17.71 -50.64
CA GLY D 17 7.34 16.71 -50.47
C GLY D 17 7.84 15.30 -50.20
N GLY D 18 9.08 15.00 -50.59
CA GLY D 18 9.62 13.65 -50.58
C GLY D 18 9.99 13.19 -49.18
N SER D 19 10.61 12.00 -49.14
CA SER D 19 10.82 11.31 -47.88
C SER D 19 12.19 10.65 -47.84
N LEU D 20 12.71 10.50 -46.62
CA LEU D 20 14.01 9.89 -46.39
C LEU D 20 13.96 9.21 -45.04
N ARG D 21 14.83 8.22 -44.87
CA ARG D 21 15.06 7.56 -43.59
C ARG D 21 16.55 7.57 -43.29
N LEU D 22 16.90 8.04 -42.10
CA LEU D 22 18.26 8.00 -41.62
C LEU D 22 18.36 6.87 -40.61
N SER D 23 19.56 6.28 -40.49
CA SER D 23 19.80 5.19 -39.56
C SER D 23 21.09 5.43 -38.78
N CYS D 24 21.12 4.88 -37.57
CA CYS D 24 22.35 4.84 -36.80
C CYS D 24 22.37 3.57 -35.96
N THR D 25 23.49 2.85 -36.02
CA THR D 25 23.68 1.61 -35.28
C THR D 25 24.64 1.87 -34.14
N THR D 26 24.45 1.17 -33.02
CA THR D 26 25.38 1.31 -31.91
C THR D 26 26.10 -0.01 -31.70
N SER D 27 27.34 0.08 -31.24
CA SER D 27 28.12 -1.11 -30.95
C SER D 27 27.70 -1.79 -29.65
N THR D 28 27.01 -1.07 -28.79
CA THR D 28 26.46 -1.59 -27.55
C THR D 28 24.95 -1.60 -27.63
N SER D 29 24.32 -2.31 -26.70
CA SER D 29 22.87 -2.35 -26.65
C SER D 29 22.27 -0.97 -26.44
N LEU D 30 21.14 -0.73 -27.10
CA LEU D 30 20.44 0.53 -26.87
C LEU D 30 19.99 0.71 -25.43
N PHE D 31 19.74 -0.37 -24.68
CA PHE D 31 19.33 -0.13 -23.30
C PHE D 31 20.48 0.30 -22.42
N SER D 32 21.72 0.25 -22.94
CA SER D 32 22.88 0.73 -22.20
C SER D 32 23.16 2.19 -22.44
N ILE D 33 22.34 2.85 -23.27
CA ILE D 33 22.49 4.25 -23.65
C ILE D 33 21.32 5.04 -23.11
N THR D 34 21.61 6.06 -22.28
CA THR D 34 20.52 6.81 -21.64
C THR D 34 19.60 7.50 -22.67
N THR D 35 20.18 8.25 -23.62
CA THR D 35 19.38 8.92 -24.64
C THR D 35 20.04 8.82 -26.01
N MET D 36 19.21 8.50 -26.99
CA MET D 36 19.58 8.51 -28.40
C MET D 36 18.89 9.71 -29.04
N GLY D 37 19.61 10.46 -29.87
CA GLY D 37 19.03 11.65 -30.45
C GLY D 37 19.48 11.97 -31.85
N TRP D 38 18.63 12.68 -32.57
CA TRP D 38 18.96 13.22 -33.87
C TRP D 38 19.04 14.74 -33.78
N TYR D 39 20.18 15.29 -34.22
CA TYR D 39 20.45 16.71 -34.28
C TYR D 39 20.79 17.12 -35.71
N ARG D 40 20.56 18.39 -36.05
CA ARG D 40 20.93 18.82 -37.39
C ARG D 40 21.59 20.20 -37.34
N GLN D 41 22.38 20.50 -38.37
CA GLN D 41 23.08 21.77 -38.44
C GLN D 41 23.09 22.22 -39.88
N ALA D 42 22.51 23.34 -40.12
CA ALA D 42 22.48 24.07 -41.37
C ALA D 42 23.69 25.00 -41.45
N PRO D 43 24.10 25.39 -42.66
CA PRO D 43 25.25 26.30 -42.81
C PRO D 43 25.04 27.62 -42.09
N GLY D 44 26.00 27.97 -41.24
CA GLY D 44 25.93 29.23 -40.52
C GLY D 44 24.98 29.23 -39.34
N LYS D 45 24.41 28.10 -38.97
CA LYS D 45 23.47 28.06 -37.87
C LYS D 45 23.97 27.09 -36.80
N GLN D 46 23.32 27.11 -35.65
CA GLN D 46 23.69 26.24 -34.53
C GLN D 46 23.13 24.83 -34.74
N ARG D 47 23.84 23.85 -34.20
CA ARG D 47 23.34 22.50 -34.15
C ARG D 47 22.16 22.47 -33.18
N GLU D 48 21.00 22.03 -33.64
CA GLU D 48 19.76 22.07 -32.88
C GLU D 48 19.16 20.66 -32.81
N LEU D 49 18.37 20.44 -31.78
CA LEU D 49 17.75 19.14 -31.58
C LEU D 49 16.63 18.90 -32.59
N VAL D 50 16.56 17.68 -33.13
CA VAL D 50 15.41 17.28 -33.93
C VAL D 50 14.49 16.44 -33.05
N ALA D 51 14.96 15.29 -32.57
CA ALA D 51 14.15 14.39 -31.76
C ALA D 51 15.03 13.49 -30.91
N SER D 52 14.51 13.08 -29.75
CA SER D 52 15.19 12.18 -28.82
C SER D 52 14.33 10.96 -28.50
N ILE D 53 15.02 9.87 -28.16
CA ILE D 53 14.34 8.71 -27.60
C ILE D 53 15.18 8.19 -26.43
N LYS D 54 14.58 8.24 -25.22
CA LYS D 54 15.20 7.73 -24.00
C LYS D 54 15.22 6.21 -24.04
N ARG D 55 16.15 5.60 -23.30
CA ARG D 55 16.23 4.15 -23.35
C ARG D 55 14.92 3.48 -22.90
N GLY D 56 14.14 4.12 -22.04
CA GLY D 56 12.85 3.52 -21.73
C GLY D 56 11.80 3.68 -22.82
N GLY D 57 12.12 4.39 -23.89
CA GLY D 57 11.20 4.51 -25.00
C GLY D 57 10.57 5.87 -25.15
N GLY D 58 10.70 6.75 -24.16
CA GLY D 58 10.09 8.07 -24.24
C GLY D 58 10.68 8.93 -25.35
N THR D 59 9.82 9.53 -26.13
CA THR D 59 10.27 10.35 -27.24
C THR D 59 10.06 11.82 -26.91
N ASN D 60 10.86 12.64 -27.55
CA ASN D 60 10.80 14.08 -27.38
C ASN D 60 11.08 14.74 -28.73
N TYR D 61 10.22 15.69 -29.12
CA TYR D 61 10.46 16.43 -30.34
C TYR D 61 10.71 17.89 -30.02
N ALA D 62 11.60 18.51 -30.77
CA ALA D 62 11.75 19.96 -30.67
C ALA D 62 10.56 20.61 -31.33
N ASP D 63 10.22 21.81 -30.87
CA ASP D 63 9.04 22.50 -31.39
C ASP D 63 9.05 22.52 -32.91
N SER D 64 7.89 22.20 -33.50
CA SER D 64 7.70 22.22 -34.95
C SER D 64 8.58 21.20 -35.69
N MET D 65 8.77 20.03 -35.11
CA MET D 65 9.51 19.01 -35.81
C MET D 65 8.65 17.82 -36.02
N LYS D 66 7.71 17.61 -35.11
CA LYS D 66 6.64 16.65 -35.32
C LYS D 66 5.81 17.21 -36.46
N GLY D 67 5.53 16.38 -37.46
CA GLY D 67 4.99 16.88 -38.70
C GLY D 67 5.88 16.44 -39.83
N ARG D 68 7.17 16.54 -39.62
CA ARG D 68 8.14 16.11 -40.62
C ARG D 68 9.01 14.95 -40.16
N PHE D 69 9.18 14.75 -38.84
CA PHE D 69 10.07 13.75 -38.34
C PHE D 69 9.45 12.76 -37.36
N THR D 70 9.97 11.55 -37.38
CA THR D 70 9.51 10.52 -36.50
C THR D 70 10.72 9.71 -36.07
N ILE D 71 10.93 9.58 -34.78
CA ILE D 71 12.06 8.84 -34.30
C ILE D 71 11.56 7.46 -33.85
N SER D 72 12.38 6.43 -34.05
CA SER D 72 11.99 5.09 -33.67
C SER D 72 13.25 4.27 -33.54
N ARG D 73 13.13 3.07 -32.97
CA ARG D 73 14.30 2.25 -32.82
C ARG D 73 13.92 0.80 -33.06
N ASP D 74 14.96 -0.01 -33.22
CA ASP D 74 14.86 -1.45 -33.40
C ASP D 74 15.89 -2.04 -32.44
N ASN D 75 15.41 -2.54 -31.30
CA ASN D 75 16.32 -2.96 -30.24
C ASN D 75 17.07 -4.23 -30.58
N ALA D 76 16.49 -5.10 -31.43
CA ALA D 76 17.18 -6.30 -31.83
C ALA D 76 18.42 -5.96 -32.66
N ARG D 77 18.32 -4.95 -33.53
CA ARG D 77 19.46 -4.54 -34.33
C ARG D 77 20.24 -3.37 -33.76
N ASN D 78 19.91 -2.91 -32.55
CA ASN D 78 20.54 -1.74 -31.93
C ASN D 78 20.58 -0.55 -32.86
N THR D 79 19.45 -0.25 -33.47
CA THR D 79 19.43 0.80 -34.47
C THR D 79 18.32 1.78 -34.16
N VAL D 80 18.64 3.07 -34.27
CA VAL D 80 17.70 4.17 -34.16
C VAL D 80 17.50 4.79 -35.55
N PHE D 81 16.28 5.20 -35.82
CA PHE D 81 15.86 5.69 -37.13
C PHE D 81 15.28 7.09 -37.03
N LEU D 82 15.45 7.88 -38.09
CA LEU D 82 14.78 9.17 -38.25
C LEU D 82 14.03 9.19 -39.58
N GLU D 83 12.71 9.18 -39.50
CA GLU D 83 11.86 9.18 -40.68
C GLU D 83 11.50 10.63 -41.00
N MET D 84 11.91 11.10 -42.18
CA MET D 84 11.66 12.47 -42.65
C MET D 84 10.56 12.49 -43.71
N ASN D 85 9.50 13.23 -43.44
CA ASN D 85 8.31 13.33 -44.27
C ASN D 85 8.06 14.78 -44.64
N ASN D 86 7.34 14.99 -45.74
CA ASN D 86 6.90 16.31 -46.16
C ASN D 86 8.04 17.32 -46.03
N LEU D 87 9.19 16.99 -46.56
CA LEU D 87 10.33 17.84 -46.34
C LEU D 87 10.26 19.18 -47.05
N THR D 88 10.97 20.15 -46.53
CA THR D 88 11.03 21.43 -47.19
C THR D 88 12.44 21.94 -47.25
N THR D 89 12.63 22.99 -48.01
CA THR D 89 13.95 23.58 -48.25
C THR D 89 14.66 23.87 -46.94
N GLU D 90 13.90 24.25 -45.91
CA GLU D 90 14.41 24.63 -44.61
C GLU D 90 14.96 23.44 -43.83
N ASP D 91 14.73 22.23 -44.32
CA ASP D 91 15.22 21.01 -43.69
C ASP D 91 16.60 20.60 -44.19
N THR D 92 17.08 21.27 -45.25
CA THR D 92 18.45 21.08 -45.70
C THR D 92 19.40 21.34 -44.54
N ALA D 93 20.25 20.35 -44.21
CA ALA D 93 21.15 20.44 -43.07
C ALA D 93 22.04 19.21 -43.05
N VAL D 94 23.06 19.23 -42.19
CA VAL D 94 23.78 18.00 -41.84
C VAL D 94 23.14 17.40 -40.60
N TYR D 95 22.74 16.14 -40.71
CA TYR D 95 22.03 15.44 -39.66
C TYR D 95 22.96 14.50 -38.90
N TYR D 96 22.97 14.63 -37.58
CA TYR D 96 23.85 13.89 -36.68
C TYR D 96 23.05 13.06 -35.69
N CYS D 97 23.55 11.86 -35.39
CA CYS D 97 23.02 11.03 -34.32
C CYS D 97 23.87 11.16 -33.06
N ASN D 98 23.21 11.17 -31.91
CA ASN D 98 23.89 11.34 -30.64
C ASN D 98 23.48 10.25 -29.64
N ALA D 99 24.49 9.74 -28.93
CA ALA D 99 24.32 8.83 -27.81
C ALA D 99 24.81 9.53 -26.56
N ALA D 100 23.93 9.67 -25.58
CA ALA D 100 24.28 10.29 -24.32
C ALA D 100 24.22 9.20 -23.27
N ILE D 101 25.23 9.14 -22.42
CA ILE D 101 25.26 8.17 -21.35
C ILE D 101 25.42 8.86 -20.01
N LEU D 102 24.47 8.61 -19.14
CA LEU D 102 24.54 9.13 -17.79
C LEU D 102 25.25 8.12 -16.90
N ALA D 103 26.39 8.54 -16.34
CA ALA D 103 27.12 7.70 -15.42
C ALA D 103 26.53 7.82 -14.00
N TYR D 104 26.87 6.83 -13.15
CA TYR D 104 26.47 6.82 -11.74
C TYR D 104 26.74 8.16 -11.08
N THR D 105 27.82 8.82 -11.47
CA THR D 105 28.23 10.07 -10.83
C THR D 105 27.40 11.26 -11.27
N GLY D 106 26.59 11.16 -12.30
CA GLY D 106 25.90 12.28 -12.88
C GLY D 106 26.63 12.88 -14.07
N GLU D 107 27.82 12.40 -14.37
CA GLU D 107 28.53 12.83 -15.57
C GLU D 107 27.79 12.30 -16.80
N VAL D 108 27.67 13.15 -17.83
CA VAL D 108 27.09 12.73 -19.09
C VAL D 108 28.19 12.72 -20.15
N THR D 109 28.29 11.61 -20.88
CA THR D 109 29.22 11.51 -22.00
C THR D 109 28.45 11.47 -23.31
N ASN D 110 28.95 12.18 -24.33
CA ASN D 110 28.30 12.19 -25.63
C ASN D 110 29.15 11.49 -26.68
N TYR D 111 28.49 10.76 -27.56
CA TYR D 111 29.10 10.11 -28.71
C TYR D 111 28.30 10.51 -29.94
N TRP D 112 28.99 10.81 -31.03
CA TRP D 112 28.32 11.31 -32.23
C TRP D 112 28.60 10.42 -33.43
N GLY D 113 27.57 10.22 -34.23
CA GLY D 113 27.75 9.59 -35.53
C GLY D 113 28.32 10.57 -36.52
N GLN D 114 28.77 10.02 -37.66
CA GLN D 114 29.27 10.86 -38.74
C GLN D 114 28.10 11.61 -39.36
N GLY D 115 28.26 12.93 -39.55
CA GLY D 115 27.17 13.70 -40.12
C GLY D 115 26.80 13.24 -41.51
N THR D 116 25.53 13.41 -41.86
CA THR D 116 25.11 13.10 -43.21
C THR D 116 24.28 14.26 -43.73
N GLN D 117 24.54 14.63 -44.98
CA GLN D 117 23.92 15.76 -45.62
C GLN D 117 22.56 15.37 -46.18
N VAL D 118 21.56 16.18 -45.86
CA VAL D 118 20.26 16.06 -46.47
C VAL D 118 20.01 17.39 -47.16
N THR D 119 19.77 17.34 -48.46
CA THR D 119 19.51 18.52 -49.27
C THR D 119 18.13 18.36 -49.88
N VAL D 120 17.24 19.32 -49.60
CA VAL D 120 15.91 19.34 -50.18
C VAL D 120 15.89 20.41 -51.25
N SER D 121 15.55 20.01 -52.47
CA SER D 121 15.68 20.90 -53.60
C SER D 121 14.72 20.52 -54.72
N GLU E 2 -4.77 13.55 -23.85
CA GLU E 2 -4.77 12.35 -24.68
C GLU E 2 -4.00 11.24 -23.99
N GLU E 3 -4.42 9.98 -24.18
CA GLU E 3 -3.71 8.85 -23.58
C GLU E 3 -2.51 8.38 -24.40
N PHE E 4 -2.49 8.66 -25.70
CA PHE E 4 -1.44 8.23 -26.62
C PHE E 4 -1.24 9.32 -27.67
N PRO E 5 -0.03 9.45 -28.20
CA PRO E 5 0.24 10.53 -29.18
C PRO E 5 -0.46 10.26 -30.50
N VAL E 6 -1.19 11.26 -30.99
CA VAL E 6 -1.89 11.13 -32.27
C VAL E 6 -0.91 11.30 -33.41
N PRO E 7 -0.98 10.49 -34.46
CA PRO E 7 -0.05 10.66 -35.58
C PRO E 7 -0.36 11.94 -36.33
N ASN E 8 0.64 12.51 -36.97
CA ASN E 8 0.44 13.77 -37.65
C ASN E 8 -0.57 13.66 -38.76
N GLY E 9 -1.46 14.63 -38.84
CA GLY E 9 -2.52 14.55 -39.81
C GLY E 9 -3.74 13.78 -39.35
N PHE E 10 -3.77 13.35 -38.09
CA PHE E 10 -4.88 12.61 -37.53
C PHE E 10 -5.55 13.43 -36.43
N GLU E 11 -6.81 13.15 -36.19
CA GLU E 11 -7.55 13.85 -35.16
C GLU E 11 -8.13 12.86 -34.17
N SER E 12 -8.03 13.20 -32.89
CA SER E 12 -8.69 12.48 -31.81
C SER E 12 -10.03 13.15 -31.55
N ALA E 13 -11.11 12.38 -31.69
CA ALA E 13 -12.45 12.95 -31.57
C ALA E 13 -13.39 11.97 -30.88
N TYR E 14 -14.58 12.48 -30.57
CA TYR E 14 -15.63 11.71 -29.94
C TYR E 14 -16.92 11.81 -30.75
N ARG E 15 -17.78 10.82 -30.55
CA ARG E 15 -19.03 10.78 -31.27
C ARG E 15 -19.97 9.88 -30.48
N GLU E 16 -21.15 10.40 -30.16
CA GLU E 16 -22.11 9.67 -29.35
C GLU E 16 -22.88 8.65 -30.20
N VAL E 17 -22.97 7.43 -29.71
CA VAL E 17 -23.60 6.33 -30.43
C VAL E 17 -24.47 5.58 -29.43
N ASP E 18 -25.79 5.66 -29.60
CA ASP E 18 -26.77 5.01 -28.72
C ASP E 18 -26.48 5.33 -27.26
N GLY E 19 -26.28 6.60 -26.96
CA GLY E 19 -26.02 7.02 -25.60
C GLY E 19 -24.60 6.79 -25.10
N VAL E 20 -23.71 6.24 -25.92
CA VAL E 20 -22.34 5.93 -25.53
C VAL E 20 -21.37 6.82 -26.30
N LYS E 21 -20.54 7.53 -25.57
CA LYS E 21 -19.51 8.38 -26.13
C LYS E 21 -18.28 7.57 -26.52
N LEU E 22 -18.05 7.42 -27.81
CA LEU E 22 -16.94 6.64 -28.32
C LEU E 22 -15.78 7.54 -28.72
N HIS E 23 -14.57 7.12 -28.38
CA HIS E 23 -13.37 7.83 -28.77
C HIS E 23 -12.75 7.13 -29.97
N TYR E 24 -12.26 7.91 -30.92
CA TYR E 24 -11.61 7.35 -32.10
C TYR E 24 -10.53 8.32 -32.56
N VAL E 25 -9.63 7.80 -33.39
CA VAL E 25 -8.61 8.59 -34.05
C VAL E 25 -8.84 8.40 -35.54
N LYS E 26 -8.95 9.52 -36.28
CA LYS E 26 -9.31 9.53 -37.70
C LYS E 26 -8.34 10.38 -38.50
N GLY E 27 -8.10 9.98 -39.75
CA GLY E 27 -7.25 10.71 -40.67
C GLY E 27 -7.31 10.06 -42.04
N GLY E 28 -6.80 10.77 -43.04
CA GLY E 28 -6.80 10.25 -44.38
C GLY E 28 -8.00 10.71 -45.18
N GLN E 29 -8.02 10.27 -46.45
CA GLN E 29 -9.11 10.54 -47.39
C GLN E 29 -9.29 9.32 -48.29
N GLY E 30 -10.53 9.12 -48.74
CA GLY E 30 -10.85 8.01 -49.61
C GLY E 30 -11.78 7.06 -48.89
N PRO E 31 -11.91 5.82 -49.37
CA PRO E 31 -12.82 4.87 -48.73
C PRO E 31 -12.45 4.62 -47.27
N LEU E 32 -13.45 4.26 -46.48
CA LEU E 32 -13.25 4.11 -45.04
C LEU E 32 -12.69 2.72 -44.71
N VAL E 33 -11.66 2.69 -43.88
CA VAL E 33 -11.20 1.47 -43.22
C VAL E 33 -11.32 1.69 -41.72
N MET E 34 -11.94 0.73 -41.02
CA MET E 34 -12.02 0.77 -39.56
C MET E 34 -11.04 -0.25 -39.00
N LEU E 35 -10.19 0.18 -38.07
CA LEU E 35 -9.22 -0.69 -37.40
C LEU E 35 -9.67 -0.86 -35.96
N VAL E 36 -9.89 -2.11 -35.53
CA VAL E 36 -10.47 -2.37 -34.22
C VAL E 36 -9.47 -3.14 -33.38
N HIS E 37 -9.04 -2.54 -32.28
CA HIS E 37 -8.00 -3.06 -31.43
C HIS E 37 -8.53 -4.17 -30.54
N GLY E 38 -7.64 -4.79 -29.78
CA GLY E 38 -8.00 -5.86 -28.88
C GLY E 38 -7.65 -5.62 -27.43
N PHE E 39 -7.67 -6.72 -26.63
CA PHE E 39 -7.48 -6.60 -25.19
C PHE E 39 -6.07 -6.17 -24.86
N GLY E 40 -5.93 -5.40 -23.75
CA GLY E 40 -4.67 -4.89 -23.30
C GLY E 40 -4.11 -3.75 -24.13
N GLN E 41 -4.85 -3.26 -25.12
CA GLN E 41 -4.38 -2.18 -25.99
C GLN E 41 -5.50 -1.20 -26.24
N THR E 42 -5.19 -0.18 -27.04
CA THR E 42 -6.15 0.84 -27.45
C THR E 42 -5.94 1.08 -28.94
N TRP E 43 -6.60 2.13 -29.47
CA TRP E 43 -6.42 2.49 -30.88
C TRP E 43 -4.96 2.56 -31.25
N TYR E 44 -4.09 2.86 -30.29
CA TYR E 44 -2.70 3.18 -30.56
C TYR E 44 -1.91 2.00 -31.14
N GLU E 45 -2.38 0.77 -31.01
CA GLU E 45 -1.67 -0.36 -31.62
C GLU E 45 -1.64 -0.24 -33.14
N TRP E 46 -2.52 0.57 -33.72
CA TRP E 46 -2.55 0.78 -35.15
C TRP E 46 -1.74 1.99 -35.60
N HIS E 47 -0.97 2.63 -34.71
CA HIS E 47 -0.40 3.93 -35.05
C HIS E 47 0.69 3.86 -36.12
N GLN E 48 1.28 2.69 -36.35
CA GLN E 48 2.24 2.56 -37.45
C GLN E 48 1.57 2.24 -38.77
N LEU E 49 0.46 1.50 -38.75
CA LEU E 49 -0.29 1.19 -39.96
C LEU E 49 -1.07 2.39 -40.47
N MET E 50 -1.58 3.23 -39.56
CA MET E 50 -2.50 4.30 -39.93
C MET E 50 -1.92 5.31 -40.91
N PRO E 51 -0.71 5.86 -40.71
CA PRO E 51 -0.21 6.85 -41.68
C PRO E 51 0.05 6.25 -43.04
N GLU E 52 0.22 4.94 -43.13
CA GLU E 52 0.44 4.30 -44.41
C GLU E 52 -0.88 4.01 -45.10
N LEU E 53 -1.90 3.60 -44.35
CA LEU E 53 -3.22 3.45 -44.93
C LEU E 53 -3.82 4.78 -45.35
N ALA E 54 -3.51 5.86 -44.62
CA ALA E 54 -4.08 7.17 -44.91
C ALA E 54 -3.64 7.73 -46.27
N LYS E 55 -2.67 7.11 -46.94
CA LYS E 55 -2.32 7.57 -48.29
C LYS E 55 -3.40 7.20 -49.29
N ARG E 56 -4.17 6.16 -49.01
CA ARG E 56 -5.18 5.67 -49.94
C ARG E 56 -6.57 5.58 -49.34
N PHE E 57 -6.72 5.72 -48.03
CA PHE E 57 -8.00 5.50 -47.38
C PHE E 57 -8.24 6.58 -46.33
N THR E 58 -9.52 6.71 -45.97
CA THR E 58 -9.91 7.35 -44.72
C THR E 58 -9.86 6.28 -43.63
N VAL E 59 -9.06 6.52 -42.59
CA VAL E 59 -8.80 5.52 -41.56
C VAL E 59 -9.43 5.98 -40.26
N ILE E 60 -10.17 5.09 -39.62
CA ILE E 60 -10.72 5.36 -38.29
C ILE E 60 -10.37 4.18 -37.37
N ALA E 61 -9.85 4.48 -36.19
CA ALA E 61 -9.48 3.46 -35.20
C ALA E 61 -10.13 3.86 -33.88
N PRO E 62 -11.25 3.25 -33.52
CA PRO E 62 -11.90 3.59 -32.25
C PRO E 62 -11.35 2.82 -31.06
N ASP E 63 -11.62 3.36 -29.88
CA ASP E 63 -11.41 2.62 -28.64
C ASP E 63 -12.65 1.78 -28.39
N LEU E 64 -12.45 0.50 -28.10
CA LEU E 64 -13.59 -0.36 -27.79
C LEU E 64 -14.34 0.18 -26.58
N PRO E 65 -15.67 0.01 -26.56
CA PRO E 65 -16.45 0.54 -25.44
C PRO E 65 -15.87 0.09 -24.10
N GLY E 66 -15.67 1.08 -23.22
CA GLY E 66 -15.11 0.83 -21.91
C GLY E 66 -13.60 0.83 -21.83
N LEU E 67 -12.91 0.68 -22.95
CA LEU E 67 -11.46 0.70 -22.98
C LEU E 67 -10.95 2.03 -23.57
N GLY E 68 -9.66 2.30 -23.33
CA GLY E 68 -9.08 3.54 -23.75
C GLY E 68 -9.91 4.71 -23.27
N GLN E 69 -10.37 5.56 -24.20
CA GLN E 69 -11.18 6.71 -23.86
C GLN E 69 -12.64 6.57 -24.31
N SER E 70 -13.10 5.36 -24.61
CA SER E 70 -14.51 5.12 -24.93
C SER E 70 -15.29 4.76 -23.67
N GLU E 71 -16.52 5.30 -23.55
CA GLU E 71 -17.42 4.95 -22.43
C GLU E 71 -17.85 3.49 -22.50
N PRO E 72 -18.20 2.88 -21.38
CA PRO E 72 -18.70 1.47 -21.40
C PRO E 72 -19.98 1.36 -22.21
N PRO E 73 -20.30 0.19 -22.74
CA PRO E 73 -21.60 0.02 -23.42
C PRO E 73 -22.74 0.10 -22.42
N LYS E 74 -23.89 0.53 -22.91
CA LYS E 74 -25.06 0.55 -22.06
C LYS E 74 -25.90 -0.72 -22.20
N THR E 75 -25.85 -1.41 -23.34
CA THR E 75 -26.62 -2.63 -23.50
C THR E 75 -25.91 -3.83 -22.85
N GLY E 76 -24.74 -4.21 -23.35
CA GLY E 76 -24.00 -5.31 -22.75
C GLY E 76 -22.68 -5.49 -23.46
N TYR E 77 -21.94 -6.54 -23.08
CA TYR E 77 -20.60 -6.79 -23.60
C TYR E 77 -20.50 -7.97 -24.54
N SER E 78 -21.60 -8.63 -24.88
CA SER E 78 -21.51 -9.72 -25.84
C SER E 78 -21.13 -9.17 -27.24
N GLY E 79 -20.70 -10.08 -28.12
CA GLY E 79 -20.28 -9.65 -29.45
C GLY E 79 -21.37 -8.93 -30.20
N GLU E 80 -22.59 -9.47 -30.11
CA GLU E 80 -23.73 -8.87 -30.78
C GLU E 80 -24.03 -7.46 -30.28
N GLN E 81 -23.95 -7.24 -28.98
CA GLN E 81 -24.26 -5.92 -28.43
C GLN E 81 -23.20 -4.89 -28.80
N VAL E 82 -21.92 -5.25 -28.69
CA VAL E 82 -20.85 -4.29 -28.96
C VAL E 82 -20.75 -3.98 -30.46
N ALA E 83 -20.97 -4.98 -31.31
CA ALA E 83 -20.89 -4.77 -32.75
C ALA E 83 -21.86 -3.67 -33.23
N VAL E 84 -22.96 -3.48 -32.52
CA VAL E 84 -23.91 -2.42 -32.88
C VAL E 84 -23.23 -1.05 -32.79
N TYR E 85 -22.43 -0.82 -31.74
CA TYR E 85 -21.77 0.48 -31.60
C TYR E 85 -20.74 0.70 -32.71
N LEU E 86 -19.98 -0.33 -33.04
CA LEU E 86 -18.96 -0.18 -34.07
C LEU E 86 -19.57 -0.02 -35.46
N HIS E 87 -20.65 -0.76 -35.74
CA HIS E 87 -21.33 -0.63 -37.02
C HIS E 87 -21.89 0.77 -37.23
N LYS E 88 -22.58 1.30 -36.22
CA LYS E 88 -23.15 2.64 -36.34
C LYS E 88 -22.07 3.70 -36.40
N LEU E 89 -20.98 3.53 -35.63
CA LEU E 89 -19.89 4.49 -35.72
C LEU E 89 -19.37 4.59 -37.15
N ALA E 90 -19.11 3.43 -37.78
CA ALA E 90 -18.57 3.42 -39.14
C ALA E 90 -19.57 3.98 -40.15
N ARG E 91 -20.83 3.59 -40.04
CA ARG E 91 -21.82 4.10 -40.97
C ARG E 91 -21.98 5.60 -40.87
N GLN E 92 -21.57 6.21 -39.76
CA GLN E 92 -21.63 7.66 -39.67
C GLN E 92 -20.57 8.33 -40.54
N PHE E 93 -19.52 7.61 -40.91
CA PHE E 93 -18.49 8.17 -41.76
C PHE E 93 -18.49 7.61 -43.16
N SER E 94 -19.19 6.50 -43.39
CA SER E 94 -19.30 5.89 -44.72
C SER E 94 -20.74 5.42 -44.90
N PRO E 95 -21.69 6.35 -44.94
CA PRO E 95 -23.10 5.96 -45.06
C PRO E 95 -23.50 5.56 -46.47
N ASP E 96 -22.68 5.86 -47.47
CA ASP E 96 -23.05 5.62 -48.86
C ASP E 96 -22.29 4.49 -49.52
N ARG E 97 -21.14 4.10 -49.00
CA ARG E 97 -20.39 3.02 -49.61
C ARG E 97 -19.99 1.99 -48.58
N PRO E 98 -19.67 0.78 -49.02
CA PRO E 98 -19.11 -0.18 -48.08
C PRO E 98 -17.77 0.32 -47.59
N PHE E 99 -17.37 -0.19 -46.43
CA PHE E 99 -16.07 0.14 -45.86
C PHE E 99 -15.29 -1.14 -45.58
N ASP E 100 -14.01 -0.97 -45.29
CA ASP E 100 -13.12 -2.08 -44.98
C ASP E 100 -12.99 -2.20 -43.47
N LEU E 101 -12.72 -3.42 -43.02
CA LEU E 101 -12.64 -3.70 -41.59
C LEU E 101 -11.38 -4.51 -41.33
N VAL E 102 -10.53 -4.01 -40.44
CA VAL E 102 -9.37 -4.73 -39.94
C VAL E 102 -9.53 -4.88 -38.44
N ALA E 103 -9.45 -6.11 -37.94
CA ALA E 103 -9.65 -6.31 -36.50
C ALA E 103 -8.62 -7.30 -35.92
N HIS E 104 -8.32 -7.12 -34.65
CA HIS E 104 -7.30 -7.88 -33.95
C HIS E 104 -7.80 -8.29 -32.56
N ASP E 105 -7.50 -9.52 -32.16
CA ASP E 105 -7.77 -9.97 -30.79
C ASP E 105 -9.29 -9.86 -30.53
N ILE E 106 -9.74 -9.36 -29.39
CA ILE E 106 -11.18 -9.31 -29.13
C ILE E 106 -11.91 -8.31 -30.02
N GLY E 107 -11.18 -7.51 -30.80
CA GLY E 107 -11.80 -6.76 -31.88
C GLY E 107 -12.54 -7.66 -32.86
N ILE E 108 -12.08 -8.90 -33.01
CA ILE E 108 -12.80 -9.87 -33.83
C ILE E 108 -14.14 -10.24 -33.19
N TRP E 109 -14.14 -10.52 -31.87
CA TRP E 109 -15.38 -10.88 -31.17
C TRP E 109 -16.45 -9.82 -31.36
N ASN E 110 -16.03 -8.56 -31.37
CA ASN E 110 -16.93 -7.43 -31.36
C ASN E 110 -17.23 -6.90 -32.76
N THR E 111 -16.77 -7.57 -33.81
CA THR E 111 -17.14 -7.08 -35.13
C THR E 111 -17.79 -8.18 -35.96
N TYR E 112 -17.42 -9.44 -35.70
CA TYR E 112 -18.01 -10.54 -36.46
C TYR E 112 -19.54 -10.47 -36.55
N PRO E 113 -20.30 -10.24 -35.47
CA PRO E 113 -21.76 -10.16 -35.65
C PRO E 113 -22.17 -9.03 -36.58
N MET E 114 -21.41 -7.92 -36.57
CA MET E 114 -21.71 -6.80 -37.46
C MET E 114 -21.46 -7.17 -38.91
N VAL E 115 -20.39 -7.92 -39.18
CA VAL E 115 -20.06 -8.28 -40.56
C VAL E 115 -21.10 -9.22 -41.13
N VAL E 116 -21.45 -10.28 -40.38
CA VAL E 116 -22.35 -11.31 -40.91
C VAL E 116 -23.77 -10.77 -41.06
N LYS E 117 -24.17 -9.80 -40.23
CA LYS E 117 -25.52 -9.27 -40.32
C LYS E 117 -25.68 -8.16 -41.34
N ASN E 118 -24.58 -7.55 -41.79
CA ASN E 118 -24.61 -6.43 -42.74
C ASN E 118 -23.54 -6.63 -43.81
N GLN E 119 -23.59 -7.77 -44.50
CA GLN E 119 -22.53 -8.11 -45.45
C GLN E 119 -22.41 -7.08 -46.57
N ALA E 120 -23.52 -6.46 -46.99
CA ALA E 120 -23.42 -5.44 -48.02
C ALA E 120 -22.58 -4.25 -47.56
N ASP E 121 -22.53 -4.00 -46.26
CA ASP E 121 -21.79 -2.87 -45.71
C ASP E 121 -20.28 -3.11 -45.65
N ILE E 122 -19.82 -4.35 -45.77
CA ILE E 122 -18.41 -4.69 -45.58
C ILE E 122 -17.81 -5.01 -46.93
N ALA E 123 -16.87 -4.19 -47.39
CA ALA E 123 -16.20 -4.43 -48.67
C ALA E 123 -15.20 -5.57 -48.58
N ARG E 124 -14.22 -5.43 -47.68
CA ARG E 124 -13.18 -6.42 -47.50
C ARG E 124 -12.94 -6.59 -46.00
N LEU E 125 -12.41 -7.74 -45.61
CA LEU E 125 -12.26 -8.06 -44.19
C LEU E 125 -10.85 -8.57 -43.90
N VAL E 126 -10.20 -7.99 -42.90
CA VAL E 126 -8.91 -8.48 -42.41
C VAL E 126 -9.07 -8.84 -40.94
N TYR E 127 -8.79 -10.09 -40.59
CA TYR E 127 -8.91 -10.58 -39.23
C TYR E 127 -7.61 -11.19 -38.78
N MET E 128 -7.07 -10.76 -37.66
CA MET E 128 -5.77 -11.23 -37.24
C MET E 128 -5.80 -11.60 -35.75
N GLU E 129 -5.27 -12.79 -35.45
CA GLU E 129 -4.86 -13.19 -34.11
C GLU E 129 -6.01 -13.16 -33.09
N ALA E 130 -7.00 -13.99 -33.33
CA ALA E 130 -8.03 -14.33 -32.35
C ALA E 130 -8.97 -15.36 -32.94
N PRO E 131 -9.48 -16.26 -32.12
CA PRO E 131 -10.58 -17.11 -32.58
C PRO E 131 -11.87 -16.32 -32.61
N ILE E 132 -12.68 -16.58 -33.65
CA ILE E 132 -14.08 -16.20 -33.55
C ILE E 132 -14.68 -17.02 -32.41
N PRO E 133 -15.43 -16.41 -31.49
CA PRO E 133 -16.01 -17.22 -30.40
C PRO E 133 -16.93 -18.33 -30.90
N ASP E 134 -16.53 -19.57 -30.69
CA ASP E 134 -17.36 -20.71 -30.95
C ASP E 134 -16.94 -21.92 -30.11
N ALA E 135 -17.54 -23.07 -30.35
CA ALA E 135 -17.28 -24.23 -29.50
C ALA E 135 -15.82 -24.67 -29.56
N ARG E 136 -15.08 -24.29 -30.60
CA ARG E 136 -13.67 -24.65 -30.68
C ARG E 136 -12.88 -24.17 -29.46
N ILE E 137 -13.26 -23.01 -28.92
CA ILE E 137 -12.51 -22.45 -27.80
C ILE E 137 -12.67 -23.31 -26.56
N TYR E 138 -13.67 -24.18 -26.51
CA TYR E 138 -13.82 -25.07 -25.37
C TYR E 138 -12.84 -26.23 -25.39
N ARG E 139 -11.98 -26.31 -26.40
CA ARG E 139 -11.00 -27.37 -26.47
C ARG E 139 -9.60 -26.96 -26.08
N PHE E 140 -9.28 -25.69 -26.09
CA PHE E 140 -7.93 -25.25 -25.79
C PHE E 140 -7.52 -25.76 -24.44
N PRO E 141 -6.28 -26.22 -24.28
CA PRO E 141 -5.85 -26.82 -23.01
C PRO E 141 -5.66 -25.78 -21.91
N ALA E 142 -5.94 -26.23 -20.67
CA ALA E 142 -5.67 -25.43 -19.49
C ALA E 142 -4.17 -25.39 -19.14
N PHE E 143 -3.39 -26.37 -19.59
CA PHE E 143 -2.01 -26.54 -19.16
C PHE E 143 -1.28 -27.38 -20.21
N THR E 144 -0.01 -27.09 -20.42
CA THR E 144 0.70 -27.78 -21.49
C THR E 144 2.00 -28.33 -20.96
N ALA E 145 2.55 -29.30 -21.71
CA ALA E 145 3.86 -29.84 -21.40
C ALA E 145 4.95 -28.77 -21.51
N GLN E 146 4.65 -27.64 -22.14
CA GLN E 146 5.55 -26.50 -22.17
C GLN E 146 5.39 -25.58 -20.95
N GLY E 147 4.43 -25.86 -20.07
CA GLY E 147 4.14 -24.97 -18.95
C GLY E 147 2.80 -24.30 -19.13
N GLU E 148 2.64 -23.07 -18.64
CA GLU E 148 1.34 -22.39 -18.71
C GLU E 148 0.82 -22.30 -20.13
N SER E 149 -0.46 -22.61 -20.32
CA SER E 149 -1.01 -22.33 -21.64
C SER E 149 -1.21 -20.83 -21.80
N LEU E 150 -1.60 -20.42 -22.99
CA LEU E 150 -1.75 -19.01 -23.25
C LEU E 150 -3.21 -18.57 -23.26
N VAL E 151 -4.11 -19.48 -22.85
CA VAL E 151 -5.53 -19.18 -22.86
C VAL E 151 -6.19 -19.36 -21.51
N TRP E 152 -5.43 -19.68 -20.46
CA TRP E 152 -6.06 -19.80 -19.16
C TRP E 152 -6.64 -18.48 -18.70
N HIS E 153 -6.16 -17.35 -19.25
CA HIS E 153 -6.78 -16.08 -18.86
C HIS E 153 -8.26 -16.04 -19.21
N PHE E 154 -8.70 -16.82 -20.20
CA PHE E 154 -10.13 -16.94 -20.48
C PHE E 154 -10.92 -17.19 -19.20
N SER E 155 -10.57 -18.22 -18.46
CA SER E 155 -11.31 -18.54 -17.26
C SER E 155 -11.04 -17.58 -16.12
N PHE E 156 -9.80 -17.15 -15.98
CA PHE E 156 -9.43 -16.16 -14.98
C PHE E 156 -10.26 -14.89 -15.15
N PHE E 157 -10.30 -14.37 -16.37
CA PHE E 157 -11.05 -13.14 -16.61
C PHE E 157 -12.55 -13.36 -16.47
N ALA E 158 -13.00 -14.56 -16.83
CA ALA E 158 -14.43 -14.84 -16.86
C ALA E 158 -15.02 -15.24 -15.49
N ALA E 159 -14.15 -15.55 -14.52
CA ALA E 159 -14.61 -15.93 -13.20
C ALA E 159 -15.46 -14.88 -12.49
N ASP E 160 -16.46 -15.31 -11.74
CA ASP E 160 -17.29 -14.34 -11.03
C ASP E 160 -16.59 -13.80 -9.78
N ASP E 161 -17.30 -12.96 -9.04
CA ASP E 161 -16.85 -12.32 -7.80
C ASP E 161 -15.71 -11.35 -8.01
N ARG E 162 -15.52 -10.88 -9.25
CA ARG E 162 -14.47 -9.91 -9.60
C ARG E 162 -13.09 -10.39 -9.23
N LEU E 163 -12.84 -11.68 -9.43
CA LEU E 163 -11.56 -12.27 -9.03
C LEU E 163 -10.41 -11.56 -9.72
N ALA E 164 -10.51 -11.36 -11.02
CA ALA E 164 -9.39 -10.77 -11.75
C ALA E 164 -9.17 -9.32 -11.36
N GLU E 165 -10.23 -8.50 -11.36
CA GLU E 165 -10.10 -7.10 -10.94
C GLU E 165 -9.50 -7.00 -9.55
N THR E 166 -9.95 -7.85 -8.63
CA THR E 166 -9.47 -7.78 -7.25
C THR E 166 -7.99 -8.14 -7.16
N LEU E 167 -7.57 -9.16 -7.90
CA LEU E 167 -6.17 -9.58 -7.86
C LEU E 167 -5.27 -8.64 -8.66
N ILE E 168 -5.78 -8.04 -9.73
CA ILE E 168 -4.90 -7.28 -10.60
C ILE E 168 -4.83 -5.82 -10.17
N ALA E 169 -5.88 -5.31 -9.53
CA ALA E 169 -5.92 -3.92 -9.09
C ALA E 169 -4.69 -3.58 -8.26
N GLY E 170 -4.01 -2.48 -8.65
CA GLY E 170 -2.76 -2.06 -8.03
C GLY E 170 -1.53 -2.76 -8.57
N LYS E 171 -1.70 -3.75 -9.44
CA LYS E 171 -0.59 -4.47 -10.08
C LYS E 171 -0.82 -4.52 -11.58
N GLU E 172 -1.56 -3.53 -12.12
CA GLU E 172 -1.90 -3.53 -13.54
C GLU E 172 -0.65 -3.47 -14.41
N ARG E 173 0.32 -2.64 -14.03
CA ARG E 173 1.56 -2.59 -14.78
C ARG E 173 2.28 -3.93 -14.73
N PHE E 174 2.36 -4.53 -13.54
CA PHE E 174 3.01 -5.84 -13.45
C PHE E 174 2.27 -6.88 -14.27
N PHE E 175 0.94 -6.94 -14.14
CA PHE E 175 0.17 -7.97 -14.84
C PHE E 175 0.20 -7.78 -16.36
N LEU E 176 0.03 -6.54 -16.83
CA LEU E 176 -0.03 -6.33 -18.28
C LEU E 176 1.29 -6.66 -18.94
N GLU E 177 2.41 -6.35 -18.27
CA GLU E 177 3.72 -6.69 -18.84
C GLU E 177 3.88 -8.21 -19.00
N HIS E 178 3.49 -8.99 -17.98
CA HIS E 178 3.55 -10.44 -18.11
C HIS E 178 2.58 -10.94 -19.18
N PHE E 179 1.36 -10.38 -19.19
CA PHE E 179 0.36 -10.84 -20.15
C PHE E 179 0.82 -10.57 -21.58
N ILE E 180 1.35 -9.35 -21.85
CA ILE E 180 1.77 -9.00 -23.20
C ILE E 180 3.01 -9.80 -23.56
N LYS E 181 3.99 -9.86 -22.66
CA LYS E 181 5.26 -10.48 -23.01
C LYS E 181 5.16 -12.00 -23.13
N SER E 182 4.30 -12.64 -22.35
CA SER E 182 4.16 -14.10 -22.48
C SER E 182 3.45 -14.50 -23.77
N HIS E 183 2.75 -13.57 -24.41
CA HIS E 183 2.14 -13.85 -25.70
C HIS E 183 2.95 -13.31 -26.87
N ALA E 184 4.12 -12.71 -26.61
CA ALA E 184 4.90 -12.11 -27.67
C ALA E 184 6.03 -13.05 -28.05
N SER E 185 6.38 -13.02 -29.33
CA SER E 185 7.67 -13.55 -29.76
C SER E 185 8.74 -12.47 -29.69
N ASN E 186 8.40 -11.26 -30.10
CA ASN E 186 9.30 -10.12 -30.09
C ASN E 186 8.89 -9.26 -28.87
N THR E 187 9.56 -9.48 -27.75
CA THR E 187 9.18 -8.79 -26.53
C THR E 187 9.70 -7.35 -26.45
N GLU E 188 10.78 -7.03 -27.15
CA GLU E 188 11.48 -5.76 -27.01
C GLU E 188 10.80 -4.57 -27.67
N VAL E 189 9.79 -4.77 -28.53
CA VAL E 189 9.01 -3.66 -29.07
C VAL E 189 8.07 -3.04 -28.05
N PHE E 190 7.89 -3.68 -26.89
CA PHE E 190 7.05 -3.14 -25.82
C PHE E 190 7.98 -2.44 -24.83
N SER E 191 8.29 -1.18 -25.14
CA SER E 191 9.14 -0.40 -24.29
C SER E 191 8.50 -0.16 -22.93
N GLU E 192 9.35 0.18 -21.96
CA GLU E 192 8.86 0.57 -20.63
C GLU E 192 7.86 1.71 -20.72
N ARG E 193 8.06 2.62 -21.67
CA ARG E 193 7.14 3.74 -21.86
C ARG E 193 5.81 3.27 -22.41
N LEU E 194 5.85 2.41 -23.44
CA LEU E 194 4.61 1.94 -24.02
C LEU E 194 3.81 1.10 -23.00
N LEU E 195 4.49 0.26 -22.21
CA LEU E 195 3.80 -0.49 -21.17
C LEU E 195 3.23 0.44 -20.10
N ASP E 196 3.92 1.54 -19.80
CA ASP E 196 3.38 2.51 -18.85
C ASP E 196 2.06 3.08 -19.36
N LEU E 197 2.04 3.46 -20.64
CA LEU E 197 0.84 4.05 -21.23
C LEU E 197 -0.35 3.09 -21.20
N TYR E 198 -0.15 1.85 -21.68
CA TYR E 198 -1.24 0.89 -21.68
C TYR E 198 -1.71 0.57 -20.26
N ALA E 199 -0.77 0.45 -19.33
CA ALA E 199 -1.16 0.13 -17.95
C ALA E 199 -1.98 1.27 -17.34
N ARG E 200 -1.54 2.52 -17.48
CA ARG E 200 -2.33 3.64 -16.97
C ARG E 200 -3.73 3.65 -17.56
N SER E 201 -3.84 3.37 -18.87
CA SER E 201 -5.15 3.38 -19.51
C SER E 201 -6.04 2.27 -18.96
N TYR E 202 -5.48 1.06 -18.81
CA TYR E 202 -6.26 -0.06 -18.31
C TYR E 202 -6.49 0.01 -16.82
N ALA E 203 -5.70 0.79 -16.09
CA ALA E 203 -5.88 0.89 -14.65
C ALA E 203 -7.03 1.79 -14.24
N LYS E 204 -7.62 2.58 -15.16
CA LYS E 204 -8.87 3.26 -14.86
C LYS E 204 -9.90 2.22 -14.42
N PRO E 205 -10.55 2.41 -13.27
CA PRO E 205 -11.37 1.31 -12.70
C PRO E 205 -12.44 0.80 -13.63
N HIS E 206 -13.14 1.68 -14.33
CA HIS E 206 -14.15 1.19 -15.25
C HIS E 206 -13.50 0.44 -16.41
N SER E 207 -12.25 0.75 -16.74
CA SER E 207 -11.62 0.04 -17.87
C SER E 207 -11.15 -1.35 -17.48
N LEU E 208 -10.59 -1.51 -16.28
CA LEU E 208 -10.20 -2.83 -15.82
C LEU E 208 -11.41 -3.76 -15.75
N ASN E 209 -12.52 -3.26 -15.18
CA ASN E 209 -13.75 -4.03 -15.10
C ASN E 209 -14.34 -4.28 -16.48
N ALA E 210 -14.40 -3.24 -17.33
CA ALA E 210 -14.89 -3.41 -18.69
C ALA E 210 -14.09 -4.46 -19.44
N SER E 211 -12.77 -4.43 -19.31
CA SER E 211 -11.89 -5.43 -19.94
C SER E 211 -12.38 -6.85 -19.71
N PHE E 212 -12.72 -7.18 -18.46
CA PHE E 212 -13.07 -8.56 -18.11
C PHE E 212 -14.51 -8.90 -18.43
N GLU E 213 -15.39 -7.88 -18.50
CA GLU E 213 -16.77 -8.12 -18.91
C GLU E 213 -16.85 -8.71 -20.31
N TYR E 214 -15.90 -8.39 -21.18
CA TYR E 214 -15.85 -9.00 -22.51
C TYR E 214 -15.75 -10.52 -22.42
N TYR E 215 -14.90 -11.05 -21.53
CA TYR E 215 -14.72 -12.49 -21.33
C TYR E 215 -15.88 -13.12 -20.53
N ARG E 216 -16.46 -12.34 -19.57
CA ARG E 216 -17.63 -12.83 -18.86
C ARG E 216 -18.81 -12.96 -19.80
N ALA E 217 -18.76 -12.29 -20.95
CA ALA E 217 -19.79 -12.37 -21.97
C ALA E 217 -19.46 -13.38 -23.07
N LEU E 218 -18.32 -14.06 -22.96
CA LEU E 218 -17.86 -14.91 -24.04
C LEU E 218 -18.82 -16.09 -24.31
N ASN E 219 -19.34 -16.72 -23.24
CA ASN E 219 -20.28 -17.82 -23.43
C ASN E 219 -21.53 -17.35 -24.16
N GLU E 220 -22.02 -16.16 -23.81
CA GLU E 220 -23.15 -15.61 -24.54
C GLU E 220 -22.78 -15.40 -26.00
N SER E 221 -21.58 -14.83 -26.25
CA SER E 221 -21.13 -14.60 -27.62
C SER E 221 -21.05 -15.89 -28.41
N VAL E 222 -20.59 -16.98 -27.76
CA VAL E 222 -20.55 -18.26 -28.46
C VAL E 222 -21.95 -18.70 -28.84
N ARG E 223 -22.93 -18.53 -27.92
CA ARG E 223 -24.30 -18.91 -28.23
C ARG E 223 -24.85 -18.07 -29.38
N GLN E 224 -24.51 -16.78 -29.42
CA GLN E 224 -24.93 -15.93 -30.52
C GLN E 224 -24.30 -16.38 -31.83
N ASN E 225 -22.99 -16.62 -31.83
CA ASN E 225 -22.33 -16.94 -33.08
C ASN E 225 -22.78 -18.28 -33.63
N ALA E 226 -23.23 -19.19 -32.77
CA ALA E 226 -23.76 -20.46 -33.24
C ALA E 226 -24.95 -20.26 -34.15
N GLU E 227 -25.76 -19.23 -33.87
CA GLU E 227 -26.87 -18.86 -34.74
C GLU E 227 -26.39 -18.06 -35.95
N LEU E 228 -25.61 -17.01 -35.71
CA LEU E 228 -25.16 -16.16 -36.81
C LEU E 228 -24.42 -16.97 -37.86
N ALA E 229 -23.55 -17.89 -37.44
CA ALA E 229 -22.66 -18.61 -38.34
C ALA E 229 -23.39 -19.47 -39.36
N LYS E 230 -24.71 -19.60 -39.26
CA LYS E 230 -25.46 -20.31 -40.30
C LYS E 230 -25.36 -19.61 -41.65
N THR E 231 -24.98 -18.34 -41.65
CA THR E 231 -24.77 -17.53 -42.85
C THR E 231 -23.28 -17.33 -43.03
N ARG E 232 -22.72 -17.92 -44.10
CA ARG E 232 -21.30 -17.76 -44.29
C ARG E 232 -20.98 -16.41 -44.93
N LEU E 233 -19.74 -15.99 -44.73
CA LEU E 233 -19.29 -14.67 -45.15
C LEU E 233 -18.91 -14.69 -46.63
N GLN E 234 -19.45 -13.75 -47.39
CA GLN E 234 -19.25 -13.78 -48.83
C GLN E 234 -18.17 -12.82 -49.31
N MET E 235 -17.82 -11.80 -48.54
CA MET E 235 -16.86 -10.81 -49.01
C MET E 235 -15.44 -11.34 -48.99
N PRO E 236 -14.52 -10.69 -49.71
CA PRO E 236 -13.11 -11.12 -49.65
C PRO E 236 -12.55 -10.95 -48.24
N THR E 237 -11.81 -11.96 -47.80
CA THR E 237 -11.32 -12.00 -46.43
C THR E 237 -9.86 -12.44 -46.39
N MET E 238 -9.11 -11.86 -45.47
CA MET E 238 -7.75 -12.30 -45.23
C MET E 238 -7.51 -12.44 -43.72
N THR E 239 -6.91 -13.56 -43.33
CA THR E 239 -6.49 -13.78 -41.95
C THR E 239 -4.98 -13.73 -41.82
N LEU E 240 -4.53 -13.08 -40.75
CA LEU E 240 -3.11 -12.99 -40.41
C LEU E 240 -2.91 -13.64 -39.04
N ALA E 241 -1.76 -14.30 -38.86
CA ALA E 241 -1.47 -15.00 -37.62
C ALA E 241 0.05 -15.09 -37.43
N GLY E 242 0.49 -15.07 -36.17
CA GLY E 242 1.88 -15.32 -35.87
C GLY E 242 2.19 -16.82 -35.90
N GLY E 243 3.39 -17.14 -36.38
CA GLY E 243 3.93 -18.49 -36.38
C GLY E 243 4.94 -18.74 -35.28
N GLY E 244 5.27 -17.71 -34.50
CA GLY E 244 6.12 -17.89 -33.35
C GLY E 244 5.31 -18.09 -32.08
N HIS E 245 6.03 -18.20 -30.97
CA HIS E 245 5.43 -18.35 -29.65
C HIS E 245 4.36 -17.29 -29.42
N GLY E 246 3.16 -17.74 -29.03
CA GLY E 246 2.04 -16.86 -28.77
C GLY E 246 1.17 -16.55 -29.97
N GLY E 247 1.59 -16.94 -31.19
CA GLY E 247 0.78 -16.73 -32.36
C GLY E 247 -0.28 -17.80 -32.52
N MET E 248 -1.30 -17.47 -33.32
CA MET E 248 -2.43 -18.36 -33.55
C MET E 248 -2.08 -19.53 -34.45
N GLY E 249 -1.01 -19.41 -35.23
CA GLY E 249 -0.65 -20.51 -36.09
C GLY E 249 -1.69 -20.76 -37.17
N THR E 250 -1.80 -22.02 -37.55
CA THR E 250 -2.73 -22.43 -38.58
C THR E 250 -4.20 -22.33 -38.15
N PHE E 251 -4.49 -22.22 -36.85
CA PHE E 251 -5.88 -22.20 -36.41
C PHE E 251 -6.64 -21.04 -37.03
N GLN E 252 -5.96 -19.89 -37.18
CA GLN E 252 -6.63 -18.68 -37.66
C GLN E 252 -7.27 -18.94 -39.02
N LEU E 253 -6.49 -19.41 -40.01
CA LEU E 253 -7.06 -19.69 -41.33
C LEU E 253 -8.03 -20.86 -41.29
N GLU E 254 -7.71 -21.90 -40.51
CA GLU E 254 -8.57 -23.08 -40.47
C GLU E 254 -9.97 -22.75 -39.96
N GLN E 255 -10.08 -21.95 -38.88
CA GLN E 255 -11.40 -21.59 -38.39
C GLN E 255 -12.13 -20.69 -39.39
N MET E 256 -11.41 -19.76 -40.01
CA MET E 256 -12.07 -18.83 -40.92
C MET E 256 -12.66 -19.55 -42.12
N LYS E 257 -12.10 -20.70 -42.51
CA LYS E 257 -12.66 -21.42 -43.65
C LYS E 257 -14.06 -21.92 -43.36
N ALA E 258 -14.41 -22.11 -42.09
CA ALA E 258 -15.77 -22.50 -41.81
C ALA E 258 -16.74 -21.34 -41.91
N TYR E 259 -16.22 -20.10 -41.86
CA TYR E 259 -17.04 -18.91 -41.85
C TYR E 259 -17.10 -18.19 -43.19
N ALA E 260 -16.04 -18.22 -43.99
CA ALA E 260 -15.93 -17.39 -45.17
C ALA E 260 -15.75 -18.25 -46.42
N GLU E 261 -16.29 -17.77 -47.53
CA GLU E 261 -16.19 -18.46 -48.79
C GLU E 261 -14.89 -18.11 -49.49
N ASP E 262 -14.50 -16.86 -49.38
CA ASP E 262 -13.35 -16.30 -50.06
C ASP E 262 -12.34 -15.87 -49.02
N VAL E 263 -11.37 -16.73 -48.73
CA VAL E 263 -10.39 -16.35 -47.72
C VAL E 263 -9.02 -16.89 -48.13
N GLU E 264 -8.00 -16.07 -47.89
CA GLU E 264 -6.62 -16.44 -47.98
C GLU E 264 -5.97 -16.10 -46.66
N GLY E 265 -4.93 -16.81 -46.27
CA GLY E 265 -4.35 -16.60 -44.96
C GLY E 265 -2.84 -16.45 -45.02
N HIS E 266 -2.27 -15.82 -43.99
CA HIS E 266 -0.82 -15.77 -43.86
C HIS E 266 -0.41 -16.05 -42.41
N VAL E 267 0.62 -16.87 -42.26
CA VAL E 267 1.24 -17.14 -40.98
C VAL E 267 2.64 -16.53 -41.02
N LEU E 268 2.91 -15.60 -40.09
CA LEU E 268 4.13 -14.81 -40.09
C LEU E 268 5.15 -15.46 -39.15
N PRO E 269 6.25 -16.01 -39.65
CA PRO E 269 7.19 -16.72 -38.76
C PRO E 269 7.89 -15.77 -37.80
N GLY E 270 8.14 -16.26 -36.58
CA GLY E 270 8.83 -15.46 -35.58
C GLY E 270 8.01 -14.35 -34.95
N CYS E 271 6.70 -14.30 -35.19
CA CYS E 271 5.81 -13.28 -34.66
C CYS E 271 4.84 -13.92 -33.71
N GLY E 272 4.53 -13.23 -32.62
CA GLY E 272 3.59 -13.74 -31.64
C GLY E 272 2.17 -13.25 -31.89
N HIS E 273 1.49 -12.91 -30.79
CA HIS E 273 0.09 -12.51 -30.87
C HIS E 273 -0.07 -11.05 -31.29
N TRP E 274 0.81 -10.18 -30.80
CA TRP E 274 0.74 -8.75 -31.14
C TRP E 274 1.40 -8.45 -32.49
N LEU E 275 0.73 -8.79 -33.60
CA LEU E 275 1.29 -8.56 -34.95
C LEU E 275 1.59 -7.11 -35.28
N PRO E 276 0.70 -6.14 -35.02
CA PRO E 276 0.99 -4.75 -35.44
C PRO E 276 2.27 -4.21 -34.81
N GLU E 277 2.63 -4.67 -33.61
CA GLU E 277 3.83 -4.18 -32.96
C GLU E 277 5.04 -5.05 -33.18
N GLU E 278 4.85 -6.37 -33.25
CA GLU E 278 5.98 -7.28 -33.35
C GLU E 278 6.52 -7.36 -34.77
N CYS E 279 5.64 -7.27 -35.75
CA CYS E 279 5.99 -7.51 -37.14
C CYS E 279 5.30 -6.46 -38.01
N ALA E 280 5.55 -5.18 -37.67
CA ALA E 280 4.91 -4.06 -38.33
C ALA E 280 5.15 -4.06 -39.84
N ALA E 281 6.41 -4.17 -40.28
CA ALA E 281 6.69 -4.07 -41.71
C ALA E 281 6.00 -5.15 -42.53
N PRO E 282 6.15 -6.45 -42.24
CA PRO E 282 5.40 -7.44 -43.03
C PRO E 282 3.90 -7.32 -42.89
N MET E 283 3.40 -7.07 -41.67
CA MET E 283 1.96 -7.05 -41.46
C MET E 283 1.34 -5.86 -42.19
N ASN E 284 1.95 -4.68 -42.06
CA ASN E 284 1.44 -3.50 -42.75
C ASN E 284 1.41 -3.73 -44.25
N ARG E 285 2.49 -4.29 -44.79
CA ARG E 285 2.56 -4.58 -46.22
C ARG E 285 1.38 -5.43 -46.67
N LEU E 286 1.16 -6.57 -45.99
CA LEU E 286 0.07 -7.47 -46.35
C LEU E 286 -1.30 -6.82 -46.28
N VAL E 287 -1.55 -6.02 -45.24
CA VAL E 287 -2.86 -5.37 -45.11
C VAL E 287 -3.05 -4.35 -46.22
N ILE E 288 -2.05 -3.50 -46.45
CA ILE E 288 -2.20 -2.46 -47.46
C ILE E 288 -2.37 -3.08 -48.85
N ASP E 289 -1.54 -4.08 -49.18
CA ASP E 289 -1.65 -4.72 -50.48
C ASP E 289 -3.01 -5.39 -50.64
N PHE E 290 -3.47 -6.11 -49.61
CA PHE E 290 -4.75 -6.79 -49.69
C PHE E 290 -5.90 -5.81 -49.83
N LEU E 291 -5.86 -4.69 -49.10
CA LEU E 291 -6.95 -3.74 -49.15
C LEU E 291 -7.00 -3.02 -50.47
N SER E 292 -5.96 -3.18 -51.29
CA SER E 292 -5.88 -2.59 -52.61
C SER E 292 -6.26 -3.67 -53.62
N ALA F 1 1.49 -22.72 20.31
CA ALA F 1 1.80 -22.06 19.06
C ALA F 1 1.23 -22.81 17.87
N GLU F 2 0.01 -23.31 18.02
CA GLU F 2 -0.65 -24.05 16.96
C GLU F 2 -1.48 -23.15 16.04
N GLU F 3 -1.54 -23.57 14.78
CA GLU F 3 -2.37 -22.92 13.78
C GLU F 3 -3.78 -23.45 13.79
N PHE F 4 -3.99 -24.63 14.36
CA PHE F 4 -5.29 -25.31 14.36
C PHE F 4 -5.48 -26.09 15.65
N PRO F 5 -6.73 -26.28 16.09
CA PRO F 5 -6.98 -27.04 17.33
C PRO F 5 -6.71 -28.52 17.12
N VAL F 6 -5.90 -29.10 18.00
CA VAL F 6 -5.59 -30.53 17.95
C VAL F 6 -6.75 -31.30 18.58
N PRO F 7 -7.19 -32.39 17.99
CA PRO F 7 -8.32 -33.14 18.55
C PRO F 7 -7.98 -33.85 19.85
N ASN F 8 -9.03 -34.18 20.61
CA ASN F 8 -8.88 -34.88 21.88
C ASN F 8 -8.10 -36.18 21.68
N GLY F 9 -7.09 -36.37 22.52
CA GLY F 9 -6.25 -37.56 22.46
C GLY F 9 -5.12 -37.50 21.47
N PHE F 10 -4.91 -36.38 20.79
CA PHE F 10 -3.87 -36.27 19.78
C PHE F 10 -2.81 -35.28 20.23
N GLU F 11 -1.60 -35.47 19.71
CA GLU F 11 -0.48 -34.62 20.05
C GLU F 11 0.10 -34.04 18.77
N SER F 12 0.43 -32.76 18.81
CA SER F 12 1.12 -32.10 17.70
C SER F 12 2.63 -32.01 17.85
N ALA F 13 3.35 -32.80 17.06
CA ALA F 13 4.80 -32.84 17.15
C ALA F 13 5.54 -32.64 15.82
N TYR F 14 6.85 -32.44 15.93
CA TYR F 14 7.72 -32.25 14.80
C TYR F 14 8.77 -33.35 14.74
N ARG F 15 9.34 -33.56 13.56
CA ARG F 15 10.35 -34.60 13.36
C ARG F 15 11.21 -34.24 12.16
N GLU F 16 12.53 -34.31 12.35
CA GLU F 16 13.47 -33.94 11.29
C GLU F 16 13.69 -35.09 10.31
N VAL F 17 13.50 -34.80 9.01
CA VAL F 17 13.58 -35.80 7.95
C VAL F 17 14.40 -35.20 6.81
N ASP F 18 15.61 -35.73 6.59
CA ASP F 18 16.56 -35.25 5.58
C ASP F 18 16.76 -33.74 5.69
N GLY F 19 16.97 -33.27 6.92
CA GLY F 19 17.21 -31.87 7.19
C GLY F 19 15.98 -30.97 7.20
N VAL F 20 14.78 -31.50 6.97
CA VAL F 20 13.56 -30.70 6.92
C VAL F 20 12.71 -31.06 8.14
N LYS F 21 12.30 -30.03 8.89
CA LYS F 21 11.46 -30.23 10.06
C LYS F 21 10.00 -30.30 9.63
N LEU F 22 9.43 -31.49 9.71
CA LEU F 22 8.05 -31.73 9.32
C LEU F 22 7.15 -31.67 10.55
N HIS F 23 5.99 -31.04 10.39
CA HIS F 23 5.00 -30.99 11.44
C HIS F 23 3.93 -32.05 11.18
N TYR F 24 3.47 -32.71 12.23
CA TYR F 24 2.44 -33.70 12.12
C TYR F 24 1.60 -33.76 13.37
N VAL F 25 0.44 -34.39 13.27
CA VAL F 25 -0.46 -34.61 14.39
C VAL F 25 -0.69 -36.11 14.47
N LYS F 26 -0.45 -36.68 15.66
CA LYS F 26 -0.46 -38.12 15.86
C LYS F 26 -1.35 -38.50 17.04
N GLY F 27 -2.01 -39.65 16.93
CA GLY F 27 -2.77 -40.22 18.03
C GLY F 27 -3.27 -41.60 17.69
N GLY F 28 -3.64 -42.36 18.72
CA GLY F 28 -4.23 -43.69 18.56
C GLY F 28 -3.24 -44.83 18.71
N GLN F 29 -3.76 -46.06 18.56
CA GLN F 29 -2.97 -47.29 18.67
C GLN F 29 -3.31 -48.22 17.53
N GLY F 30 -2.32 -49.04 17.14
CA GLY F 30 -2.45 -50.03 16.10
C GLY F 30 -1.52 -49.75 14.93
N PRO F 31 -1.77 -50.37 13.78
CA PRO F 31 -0.95 -50.08 12.60
C PRO F 31 -1.12 -48.62 12.18
N LEU F 32 -0.08 -48.10 11.53
CA LEU F 32 -0.01 -46.70 11.17
C LEU F 32 -0.82 -46.42 9.90
N VAL F 33 -1.64 -45.35 9.94
CA VAL F 33 -2.26 -44.79 8.75
C VAL F 33 -1.75 -43.37 8.59
N MET F 34 -1.29 -43.03 7.37
CA MET F 34 -0.87 -41.66 7.09
C MET F 34 -1.91 -40.99 6.21
N LEU F 35 -2.36 -39.82 6.63
CA LEU F 35 -3.31 -39.01 5.88
C LEU F 35 -2.55 -37.80 5.35
N VAL F 36 -2.61 -37.58 4.04
CA VAL F 36 -1.82 -36.55 3.38
C VAL F 36 -2.76 -35.54 2.73
N HIS F 37 -2.70 -34.30 3.19
CA HIS F 37 -3.61 -33.27 2.76
C HIS F 37 -3.21 -32.72 1.39
N GLY F 38 -4.02 -31.80 0.86
CA GLY F 38 -3.73 -31.18 -0.41
C GLY F 38 -3.61 -29.66 -0.41
N PHE F 39 -3.66 -29.05 -1.61
CA PHE F 39 -3.44 -27.62 -1.72
C PHE F 39 -4.56 -26.84 -1.04
N GLY F 40 -4.21 -25.71 -0.47
CA GLY F 40 -5.13 -24.85 0.25
C GLY F 40 -5.54 -25.33 1.62
N GLN F 41 -5.03 -26.47 2.07
CA GLN F 41 -5.38 -26.98 3.38
C GLN F 41 -4.17 -27.41 4.17
N THR F 42 -4.38 -28.02 5.32
CA THR F 42 -3.32 -28.57 6.14
C THR F 42 -3.78 -29.93 6.63
N TRP F 43 -3.04 -30.49 7.60
CA TRP F 43 -3.49 -31.71 8.27
C TRP F 43 -4.91 -31.58 8.78
N TYR F 44 -5.33 -30.35 9.11
CA TYR F 44 -6.60 -30.12 9.81
C TYR F 44 -7.80 -30.58 8.99
N GLU F 45 -7.65 -30.72 7.68
CA GLU F 45 -8.75 -31.23 6.88
C GLU F 45 -9.16 -32.64 7.31
N TRP F 46 -8.30 -33.36 8.02
CA TRP F 46 -8.57 -34.71 8.48
C TRP F 46 -9.14 -34.79 9.88
N HIS F 47 -9.45 -33.65 10.51
CA HIS F 47 -9.71 -33.64 11.95
C HIS F 47 -11.01 -34.36 12.36
N GLN F 48 -11.94 -34.58 11.43
CA GLN F 48 -13.12 -35.39 11.73
C GLN F 48 -12.86 -36.88 11.50
N LEU F 49 -12.02 -37.22 10.53
CA LEU F 49 -11.72 -38.62 10.29
C LEU F 49 -10.78 -39.18 11.35
N MET F 50 -9.87 -38.34 11.86
CA MET F 50 -8.81 -38.82 12.73
C MET F 50 -9.30 -39.48 14.02
N PRO F 51 -10.23 -38.90 14.80
CA PRO F 51 -10.65 -39.57 16.05
C PRO F 51 -11.39 -40.87 15.79
N GLU F 52 -11.91 -41.05 14.59
CA GLU F 52 -12.64 -42.27 14.26
C GLU F 52 -11.68 -43.37 13.83
N LEU F 53 -10.68 -43.03 13.02
CA LEU F 53 -9.64 -43.99 12.69
C LEU F 53 -8.81 -44.31 13.92
N ALA F 54 -8.64 -43.33 14.82
CA ALA F 54 -7.80 -43.54 16.00
C ALA F 54 -8.35 -44.58 16.94
N LYS F 55 -9.61 -44.97 16.81
CA LYS F 55 -10.14 -46.06 17.63
C LYS F 55 -9.54 -47.39 17.21
N ARG F 56 -9.03 -47.48 15.97
CA ARG F 56 -8.51 -48.72 15.43
C ARG F 56 -7.08 -48.64 14.88
N PHE F 57 -6.51 -47.44 14.74
CA PHE F 57 -5.19 -47.26 14.14
C PHE F 57 -4.40 -46.20 14.89
N THR F 58 -3.08 -46.21 14.66
CA THR F 58 -2.27 -45.03 14.96
C THR F 58 -2.33 -44.12 13.74
N VAL F 59 -2.85 -42.91 13.93
CA VAL F 59 -3.13 -41.99 12.84
C VAL F 59 -2.08 -40.90 12.87
N ILE F 60 -1.47 -40.65 11.71
CA ILE F 60 -0.52 -39.54 11.58
C ILE F 60 -0.94 -38.68 10.39
N ALA F 61 -0.95 -37.38 10.59
CA ALA F 61 -1.31 -36.42 9.53
C ALA F 61 -0.24 -35.34 9.47
N PRO F 62 0.68 -35.42 8.52
CA PRO F 62 1.70 -34.38 8.38
C PRO F 62 1.19 -33.19 7.58
N ASP F 63 1.91 -32.08 7.73
CA ASP F 63 1.80 -30.95 6.82
C ASP F 63 2.78 -31.12 5.68
N LEU F 64 2.34 -30.89 4.45
CA LEU F 64 3.24 -31.00 3.31
C LEU F 64 4.40 -30.00 3.46
N PRO F 65 5.59 -30.36 2.98
CA PRO F 65 6.72 -29.46 3.09
C PRO F 65 6.35 -28.08 2.57
N GLY F 66 6.64 -27.06 3.37
CA GLY F 66 6.34 -25.70 3.02
C GLY F 66 4.94 -25.23 3.37
N LEU F 67 4.00 -26.16 3.61
CA LEU F 67 2.65 -25.82 4.02
C LEU F 67 2.47 -26.11 5.51
N GLY F 68 1.38 -25.55 6.06
CA GLY F 68 1.12 -25.62 7.48
C GLY F 68 2.30 -25.14 8.29
N GLN F 69 2.80 -25.99 9.19
CA GLN F 69 3.95 -25.68 10.02
C GLN F 69 5.19 -26.49 9.62
N SER F 70 5.22 -27.01 8.40
CA SER F 70 6.36 -27.74 7.86
C SER F 70 7.31 -26.82 7.10
N GLU F 71 8.61 -27.06 7.29
CA GLU F 71 9.62 -26.34 6.56
C GLU F 71 9.55 -26.70 5.08
N PRO F 72 10.02 -25.81 4.20
CA PRO F 72 10.08 -26.13 2.77
C PRO F 72 10.99 -27.31 2.51
N PRO F 73 10.83 -28.01 1.40
CA PRO F 73 11.78 -29.07 1.06
C PRO F 73 13.11 -28.48 0.68
N LYS F 74 14.17 -29.26 0.87
CA LYS F 74 15.49 -28.83 0.47
C LYS F 74 15.87 -29.31 -0.94
N THR F 75 15.31 -30.43 -1.40
CA THR F 75 15.64 -30.90 -2.74
C THR F 75 14.80 -30.17 -3.80
N GLY F 76 13.50 -30.42 -3.82
CA GLY F 76 12.63 -29.79 -4.80
C GLY F 76 11.18 -30.18 -4.54
N TYR F 77 10.30 -29.72 -5.45
CA TYR F 77 8.87 -29.86 -5.25
C TYR F 77 8.18 -30.88 -6.13
N SER F 78 8.91 -31.57 -7.02
CA SER F 78 8.30 -32.63 -7.82
C SER F 78 7.87 -33.80 -6.93
N GLY F 79 6.99 -34.64 -7.47
CA GLY F 79 6.47 -35.76 -6.69
C GLY F 79 7.55 -36.66 -6.14
N GLU F 80 8.55 -37.05 -6.96
CA GLU F 80 9.61 -37.96 -6.51
C GLU F 80 10.37 -37.37 -5.34
N GLN F 81 10.70 -36.10 -5.38
CA GLN F 81 11.49 -35.51 -4.30
C GLN F 81 10.67 -35.38 -3.02
N VAL F 82 9.41 -34.96 -3.15
CA VAL F 82 8.56 -34.79 -1.98
C VAL F 82 8.17 -36.14 -1.41
N ALA F 83 8.00 -37.15 -2.27
CA ALA F 83 7.65 -38.48 -1.83
C ALA F 83 8.68 -39.03 -0.85
N VAL F 84 9.94 -38.61 -0.99
CA VAL F 84 11.01 -39.04 -0.10
C VAL F 84 10.72 -38.63 1.35
N TYR F 85 10.27 -37.38 1.57
CA TYR F 85 10.03 -36.93 2.93
C TYR F 85 8.88 -37.69 3.57
N LEU F 86 7.80 -37.95 2.82
CA LEU F 86 6.64 -38.64 3.37
C LEU F 86 6.94 -40.11 3.64
N HIS F 87 7.69 -40.76 2.74
CA HIS F 87 8.07 -42.15 2.95
C HIS F 87 8.92 -42.33 4.20
N LYS F 88 9.98 -41.52 4.32
CA LYS F 88 10.87 -41.65 5.45
C LYS F 88 10.17 -41.28 6.75
N LEU F 89 9.32 -40.25 6.74
CA LEU F 89 8.53 -39.93 7.92
C LEU F 89 7.67 -41.11 8.34
N ALA F 90 6.99 -41.70 7.36
CA ALA F 90 6.12 -42.84 7.60
C ALA F 90 6.88 -44.02 8.19
N ARG F 91 7.99 -44.38 7.56
CA ARG F 91 8.79 -45.50 8.02
C ARG F 91 9.38 -45.27 9.40
N GLN F 92 9.49 -44.01 9.82
CA GLN F 92 10.05 -43.68 11.13
C GLN F 92 9.11 -44.07 12.27
N PHE F 93 7.82 -44.26 11.98
CA PHE F 93 6.84 -44.71 12.96
C PHE F 93 6.35 -46.13 12.70
N SER F 94 6.63 -46.67 11.51
CA SER F 94 6.29 -48.05 11.15
C SER F 94 7.48 -48.67 10.41
N PRO F 95 8.60 -48.86 11.11
CA PRO F 95 9.80 -49.37 10.42
C PRO F 95 9.76 -50.86 10.15
N ASP F 96 8.87 -51.61 10.81
CA ASP F 96 8.85 -53.05 10.71
C ASP F 96 7.66 -53.59 9.96
N ARG F 97 6.60 -52.79 9.81
CA ARG F 97 5.38 -53.22 9.17
C ARG F 97 4.99 -52.27 8.05
N PRO F 98 4.25 -52.75 7.06
CA PRO F 98 3.67 -51.84 6.07
C PRO F 98 2.68 -50.91 6.76
N PHE F 99 2.43 -49.77 6.14
CA PHE F 99 1.49 -48.78 6.67
C PHE F 99 0.42 -48.48 5.64
N ASP F 100 -0.61 -47.76 6.07
CA ASP F 100 -1.69 -47.37 5.19
C ASP F 100 -1.53 -45.91 4.79
N LEU F 101 -2.09 -45.56 3.63
CA LEU F 101 -1.95 -44.22 3.10
C LEU F 101 -3.30 -43.76 2.56
N VAL F 102 -3.77 -42.61 3.06
CA VAL F 102 -4.91 -41.88 2.50
C VAL F 102 -4.39 -40.54 2.01
N ALA F 103 -4.67 -40.20 0.75
CA ALA F 103 -4.18 -38.96 0.18
C ALA F 103 -5.30 -38.24 -0.57
N HIS F 104 -5.20 -36.92 -0.59
CA HIS F 104 -6.21 -36.03 -1.15
C HIS F 104 -5.52 -34.94 -1.96
N ASP F 105 -6.08 -34.62 -3.12
CA ASP F 105 -5.64 -33.45 -3.91
C ASP F 105 -4.16 -33.67 -4.23
N ILE F 106 -3.29 -32.66 -4.07
CA ILE F 106 -1.87 -32.84 -4.36
C ILE F 106 -1.18 -33.80 -3.40
N GLY F 107 -1.87 -34.28 -2.36
CA GLY F 107 -1.33 -35.37 -1.59
C GLY F 107 -1.05 -36.59 -2.46
N ILE F 108 -1.83 -36.75 -3.54
CA ILE F 108 -1.65 -37.83 -4.50
C ILE F 108 -0.35 -37.63 -5.29
N TRP F 109 -0.12 -36.40 -5.77
CA TRP F 109 1.10 -36.10 -6.53
C TRP F 109 2.34 -36.44 -5.74
N ASN F 110 2.29 -36.19 -4.43
CA ASN F 110 3.44 -36.26 -3.56
C ASN F 110 3.56 -37.58 -2.80
N THR F 111 2.73 -38.58 -3.13
CA THR F 111 2.86 -39.90 -2.51
C THR F 111 2.97 -41.00 -3.57
N TYR F 112 2.38 -40.77 -4.76
CA TYR F 112 2.42 -41.79 -5.80
C TYR F 112 3.82 -42.33 -6.08
N PRO F 113 4.86 -41.51 -6.24
CA PRO F 113 6.21 -42.07 -6.47
C PRO F 113 6.69 -42.95 -5.32
N MET F 114 6.32 -42.62 -4.09
CA MET F 114 6.68 -43.45 -2.94
C MET F 114 5.95 -44.78 -2.98
N VAL F 115 4.69 -44.76 -3.45
CA VAL F 115 3.91 -45.98 -3.50
C VAL F 115 4.53 -46.97 -4.47
N VAL F 116 4.83 -46.50 -5.68
CA VAL F 116 5.29 -47.40 -6.73
C VAL F 116 6.71 -47.89 -6.46
N LYS F 117 7.52 -47.11 -5.73
CA LYS F 117 8.92 -47.47 -5.45
C LYS F 117 9.04 -48.42 -4.26
N ASN F 118 8.03 -48.48 -3.40
CA ASN F 118 8.06 -49.33 -2.21
C ASN F 118 6.73 -50.03 -2.03
N GLN F 119 6.31 -50.80 -3.04
CA GLN F 119 4.97 -51.39 -2.99
C GLN F 119 4.80 -52.27 -1.75
N ALA F 120 5.90 -52.89 -1.27
CA ALA F 120 5.81 -53.72 -0.07
C ALA F 120 5.49 -52.90 1.19
N ASP F 121 5.87 -51.62 1.22
CA ASP F 121 5.66 -50.78 2.40
C ASP F 121 4.23 -50.25 2.54
N ILE F 122 3.41 -50.33 1.50
CA ILE F 122 2.07 -49.78 1.55
C ILE F 122 1.09 -50.94 1.59
N ALA F 123 0.39 -51.08 2.72
CA ALA F 123 -0.58 -52.16 2.83
C ALA F 123 -1.86 -51.82 2.06
N ARG F 124 -2.42 -50.63 2.30
CA ARG F 124 -3.65 -50.23 1.63
C ARG F 124 -3.53 -48.78 1.18
N LEU F 125 -4.25 -48.44 0.12
CA LEU F 125 -4.15 -47.13 -0.51
C LEU F 125 -5.52 -46.53 -0.81
N VAL F 126 -5.74 -45.30 -0.35
CA VAL F 126 -6.93 -44.54 -0.70
C VAL F 126 -6.47 -43.26 -1.37
N TYR F 127 -6.90 -43.05 -2.62
CA TYR F 127 -6.58 -41.85 -3.37
C TYR F 127 -7.87 -41.10 -3.64
N MET F 128 -7.85 -39.81 -3.36
CA MET F 128 -9.08 -39.02 -3.27
C MET F 128 -8.92 -37.70 -4.01
N GLU F 129 -9.82 -37.46 -4.97
CA GLU F 129 -10.04 -36.13 -5.54
C GLU F 129 -8.75 -35.51 -6.08
N ALA F 130 -8.17 -36.17 -7.06
CA ALA F 130 -7.01 -35.61 -7.76
C ALA F 130 -6.54 -36.52 -8.88
N PRO F 131 -6.10 -35.96 -10.00
CA PRO F 131 -5.45 -36.78 -11.04
C PRO F 131 -4.00 -37.08 -10.67
N ILE F 132 -3.55 -38.28 -10.97
CA ILE F 132 -2.10 -38.52 -10.96
C ILE F 132 -1.46 -37.71 -12.08
N PRO F 133 -0.39 -36.98 -11.84
CA PRO F 133 0.23 -36.21 -12.92
C PRO F 133 0.67 -37.10 -14.08
N ASP F 134 -0.01 -36.95 -15.22
CA ASP F 134 0.40 -37.61 -16.46
C ASP F 134 -0.18 -36.80 -17.62
N ALA F 135 -0.02 -37.32 -18.84
CA ALA F 135 -0.39 -36.59 -20.04
C ALA F 135 -1.89 -36.28 -20.13
N ARG F 136 -2.74 -36.98 -19.35
CA ARG F 136 -4.17 -36.70 -19.34
C ARG F 136 -4.47 -35.25 -18.97
N ILE F 137 -3.67 -34.67 -18.06
CA ILE F 137 -3.90 -33.31 -17.61
C ILE F 137 -3.68 -32.27 -18.70
N TYR F 138 -2.95 -32.61 -19.78
CA TYR F 138 -2.77 -31.70 -20.90
C TYR F 138 -4.02 -31.57 -21.74
N ARG F 139 -5.05 -32.28 -21.35
CA ARG F 139 -6.27 -32.30 -22.10
C ARG F 139 -7.42 -31.60 -21.42
N PHE F 140 -7.25 -31.19 -20.18
CA PHE F 140 -8.29 -30.45 -19.51
C PHE F 140 -8.50 -29.11 -20.21
N PRO F 141 -9.73 -28.67 -20.36
CA PRO F 141 -9.97 -27.42 -21.09
C PRO F 141 -9.66 -26.18 -20.26
N ALA F 142 -9.21 -25.14 -20.96
CA ALA F 142 -8.97 -23.87 -20.31
C ALA F 142 -10.27 -23.17 -19.95
N PHE F 143 -11.36 -23.47 -20.67
CA PHE F 143 -12.60 -22.72 -20.59
C PHE F 143 -13.73 -23.64 -21.05
N THR F 144 -14.90 -23.47 -20.46
CA THR F 144 -16.03 -24.35 -20.78
C THR F 144 -17.28 -23.51 -21.08
N ALA F 145 -18.25 -24.16 -21.71
CA ALA F 145 -19.55 -23.53 -21.93
C ALA F 145 -20.24 -23.24 -20.62
N GLN F 146 -19.80 -23.84 -19.53
CA GLN F 146 -20.33 -23.49 -18.22
C GLN F 146 -19.63 -22.28 -17.60
N GLY F 147 -18.61 -21.73 -18.25
CA GLY F 147 -17.86 -20.64 -17.64
C GLY F 147 -16.46 -21.05 -17.27
N GLU F 148 -15.91 -20.45 -16.22
CA GLU F 148 -14.54 -20.74 -15.83
C GLU F 148 -14.35 -22.23 -15.59
N SER F 149 -13.30 -22.80 -16.16
CA SER F 149 -13.03 -24.17 -15.79
C SER F 149 -12.44 -24.18 -14.38
N LEU F 150 -12.25 -25.35 -13.82
CA LEU F 150 -11.71 -25.36 -12.50
C LEU F 150 -10.29 -25.82 -12.50
N VAL F 151 -9.60 -25.92 -13.65
CA VAL F 151 -8.21 -26.36 -13.78
C VAL F 151 -7.34 -25.31 -14.41
N TRP F 152 -7.87 -24.13 -14.69
CA TRP F 152 -7.00 -23.09 -15.22
C TRP F 152 -5.96 -22.69 -14.20
N HIS F 153 -6.21 -22.96 -12.90
CA HIS F 153 -5.21 -22.61 -11.86
C HIS F 153 -3.88 -23.34 -12.08
N PHE F 154 -3.92 -24.51 -12.72
CA PHE F 154 -2.68 -25.19 -13.11
C PHE F 154 -1.71 -24.21 -13.80
N SER F 155 -2.20 -23.51 -14.83
CA SER F 155 -1.32 -22.60 -15.58
C SER F 155 -1.01 -21.34 -14.80
N PHE F 156 -2.02 -20.79 -14.11
CA PHE F 156 -1.80 -19.62 -13.26
C PHE F 156 -0.73 -19.90 -12.20
N PHE F 157 -0.82 -21.04 -11.52
CA PHE F 157 0.17 -21.33 -10.49
C PHE F 157 1.53 -21.62 -11.10
N ALA F 158 1.57 -22.27 -12.26
CA ALA F 158 2.86 -22.63 -12.85
C ALA F 158 3.50 -21.49 -13.63
N ALA F 159 2.80 -20.37 -13.84
CA ALA F 159 3.35 -19.28 -14.66
C ALA F 159 4.65 -18.74 -14.08
N ASP F 160 5.54 -18.29 -14.97
CA ASP F 160 6.81 -17.71 -14.57
C ASP F 160 6.61 -16.34 -13.95
N ASP F 161 7.72 -15.72 -13.56
CA ASP F 161 7.75 -14.36 -13.05
C ASP F 161 6.94 -14.20 -11.76
N ARG F 162 6.69 -15.30 -11.04
CA ARG F 162 5.97 -15.26 -9.77
C ARG F 162 4.64 -14.56 -9.88
N LEU F 163 3.93 -14.83 -10.98
CA LEU F 163 2.68 -14.13 -11.24
C LEU F 163 1.70 -14.34 -10.09
N ALA F 164 1.53 -15.60 -9.66
CA ALA F 164 0.53 -15.93 -8.65
C ALA F 164 0.87 -15.32 -7.29
N GLU F 165 2.13 -15.45 -6.85
CA GLU F 165 2.53 -14.84 -5.58
C GLU F 165 2.27 -13.34 -5.60
N THR F 166 2.63 -12.69 -6.70
CA THR F 166 2.54 -11.24 -6.78
C THR F 166 1.08 -10.77 -6.72
N LEU F 167 0.18 -11.48 -7.41
CA LEU F 167 -1.22 -11.08 -7.42
C LEU F 167 -1.94 -11.47 -6.12
N ILE F 168 -1.57 -12.59 -5.53
CA ILE F 168 -2.33 -13.14 -4.40
C ILE F 168 -1.83 -12.59 -3.06
N ALA F 169 -0.56 -12.17 -3.00
CA ALA F 169 -0.01 -11.64 -1.76
C ALA F 169 -0.87 -10.50 -1.22
N GLY F 170 -1.22 -10.59 0.06
CA GLY F 170 -2.10 -9.64 0.70
C GLY F 170 -3.58 -9.86 0.45
N LYS F 171 -3.95 -10.78 -0.43
CA LYS F 171 -5.34 -11.05 -0.78
C LYS F 171 -5.62 -12.54 -0.62
N GLU F 172 -4.84 -13.20 0.25
CA GLU F 172 -4.92 -14.64 0.40
C GLU F 172 -6.31 -15.06 0.86
N ARG F 173 -6.89 -14.29 1.79
CA ARG F 173 -8.22 -14.62 2.30
C ARG F 173 -9.27 -14.52 1.20
N PHE F 174 -9.21 -13.49 0.38
CA PHE F 174 -10.12 -13.36 -0.76
C PHE F 174 -9.93 -14.50 -1.74
N PHE F 175 -8.69 -14.79 -2.12
CA PHE F 175 -8.44 -15.82 -3.14
C PHE F 175 -8.82 -17.19 -2.63
N LEU F 176 -8.46 -17.51 -1.39
CA LEU F 176 -8.68 -18.86 -0.91
C LEU F 176 -10.17 -19.16 -0.80
N GLU F 177 -10.96 -18.18 -0.37
CA GLU F 177 -12.41 -18.42 -0.33
C GLU F 177 -12.95 -18.68 -1.73
N HIS F 178 -12.52 -17.89 -2.73
CA HIS F 178 -13.01 -18.16 -4.07
C HIS F 178 -12.50 -19.51 -4.58
N PHE F 179 -11.22 -19.85 -4.30
CA PHE F 179 -10.68 -21.11 -4.80
C PHE F 179 -11.44 -22.31 -4.23
N ILE F 180 -11.72 -22.29 -2.92
CA ILE F 180 -12.38 -23.43 -2.26
C ILE F 180 -13.84 -23.52 -2.68
N LYS F 181 -14.59 -22.42 -2.61
CA LYS F 181 -16.02 -22.52 -2.84
C LYS F 181 -16.33 -22.83 -4.30
N SER F 182 -15.50 -22.35 -5.24
CA SER F 182 -15.73 -22.69 -6.65
C SER F 182 -15.43 -24.16 -6.93
N HIS F 183 -14.65 -24.81 -6.06
CA HIS F 183 -14.43 -26.26 -6.17
C HIS F 183 -15.33 -27.07 -5.26
N ALA F 184 -16.22 -26.44 -4.50
CA ALA F 184 -17.08 -27.14 -3.55
C ALA F 184 -18.52 -27.25 -4.07
N SER F 185 -19.19 -28.35 -3.72
CA SER F 185 -20.64 -28.47 -3.85
C SER F 185 -21.34 -28.00 -2.59
N ASN F 186 -20.79 -28.35 -1.44
CA ASN F 186 -21.33 -27.94 -0.15
C ASN F 186 -20.42 -26.82 0.37
N THR F 187 -20.82 -25.58 0.09
CA THR F 187 -20.04 -24.44 0.52
C THR F 187 -20.24 -24.11 1.99
N GLU F 188 -21.38 -24.49 2.57
CA GLU F 188 -21.74 -24.02 3.91
C GLU F 188 -20.87 -24.59 5.01
N VAL F 189 -20.16 -25.70 4.75
CA VAL F 189 -19.22 -26.24 5.72
C VAL F 189 -17.96 -25.40 5.85
N PHE F 190 -17.72 -24.44 4.94
CA PHE F 190 -16.56 -23.55 5.02
C PHE F 190 -16.97 -22.22 5.65
N SER F 191 -16.99 -22.21 6.98
CA SER F 191 -17.31 -21.06 7.79
C SER F 191 -16.25 -19.96 7.64
N GLU F 192 -16.62 -18.74 8.05
CA GLU F 192 -15.65 -17.65 8.10
C GLU F 192 -14.46 -18.00 9.00
N ARG F 193 -14.69 -18.75 10.09
CA ARG F 193 -13.60 -19.10 10.98
C ARG F 193 -12.64 -20.10 10.33
N LEU F 194 -13.18 -21.13 9.68
CA LEU F 194 -12.32 -22.13 9.05
C LEU F 194 -11.50 -21.52 7.92
N LEU F 195 -12.12 -20.69 7.09
CA LEU F 195 -11.40 -20.00 6.03
C LEU F 195 -10.37 -19.02 6.60
N ASP F 196 -10.67 -18.38 7.73
CA ASP F 196 -9.69 -17.50 8.35
C ASP F 196 -8.44 -18.27 8.76
N LEU F 197 -8.61 -19.43 9.39
CA LEU F 197 -7.47 -20.25 9.79
C LEU F 197 -6.65 -20.67 8.58
N TYR F 198 -7.28 -21.20 7.54
CA TYR F 198 -6.55 -21.64 6.37
C TYR F 198 -5.85 -20.48 5.65
N ALA F 199 -6.50 -19.31 5.57
CA ALA F 199 -5.85 -18.19 4.91
C ALA F 199 -4.63 -17.73 5.70
N ARG F 200 -4.69 -17.83 7.04
CA ARG F 200 -3.56 -17.42 7.86
C ARG F 200 -2.35 -18.30 7.60
N SER F 201 -2.54 -19.62 7.63
CA SER F 201 -1.45 -20.56 7.34
C SER F 201 -0.84 -20.29 5.97
N TYR F 202 -1.68 -20.20 4.94
N TYR F 202 -1.70 -20.17 4.97
CA TYR F 202 -1.12 -20.07 3.60
CA TYR F 202 -1.38 -20.06 3.57
C TYR F 202 -0.55 -18.68 3.36
C TYR F 202 -0.89 -18.67 3.18
N ALA F 203 -1.05 -17.67 4.06
CA ALA F 203 -0.53 -16.33 3.84
C ALA F 203 0.88 -16.15 4.39
N LYS F 204 1.39 -17.07 5.21
CA LYS F 204 2.80 -17.02 5.54
C LYS F 204 3.59 -17.01 4.24
N PRO F 205 4.51 -16.05 4.05
CA PRO F 205 5.12 -15.89 2.72
C PRO F 205 5.77 -17.15 2.19
N HIS F 206 6.49 -17.92 3.02
CA HIS F 206 7.10 -19.13 2.49
C HIS F 206 6.06 -20.19 2.11
N SER F 207 4.87 -20.16 2.72
CA SER F 207 3.85 -21.14 2.38
C SER F 207 3.14 -20.77 1.08
N LEU F 208 2.86 -19.49 0.88
CA LEU F 208 2.27 -19.05 -0.39
C LEU F 208 3.19 -19.41 -1.56
N ASN F 209 4.49 -19.15 -1.42
CA ASN F 209 5.43 -19.53 -2.47
C ASN F 209 5.50 -21.04 -2.63
N ALA F 210 5.59 -21.75 -1.51
CA ALA F 210 5.67 -23.21 -1.58
C ALA F 210 4.46 -23.80 -2.29
N SER F 211 3.27 -23.33 -1.96
CA SER F 211 2.07 -23.80 -2.63
C SER F 211 2.19 -23.87 -4.13
N PHE F 212 2.71 -22.83 -4.75
CA PHE F 212 2.78 -22.77 -6.19
C PHE F 212 3.95 -23.56 -6.77
N GLU F 213 5.00 -23.78 -5.98
CA GLU F 213 6.12 -24.59 -6.46
C GLU F 213 5.70 -26.02 -6.78
N TYR F 214 4.70 -26.56 -6.07
CA TYR F 214 4.19 -27.88 -6.43
C TYR F 214 3.68 -27.90 -7.86
N TYR F 215 2.95 -26.80 -8.25
CA TYR F 215 2.48 -26.69 -9.63
C TYR F 215 3.60 -26.36 -10.61
N ARG F 216 4.59 -25.59 -10.20
CA ARG F 216 5.71 -25.33 -11.10
C ARG F 216 6.58 -26.56 -11.30
N ALA F 217 6.47 -27.57 -10.43
CA ALA F 217 7.20 -28.81 -10.62
C ALA F 217 6.36 -29.87 -11.31
N LEU F 218 5.12 -29.53 -11.66
CA LEU F 218 4.16 -30.51 -12.15
C LEU F 218 4.62 -31.15 -13.45
N ASN F 219 5.22 -30.36 -14.36
CA ASN F 219 5.73 -30.90 -15.62
C ASN F 219 6.79 -31.96 -15.38
N GLU F 220 7.60 -31.78 -14.34
CA GLU F 220 8.58 -32.79 -14.02
C GLU F 220 7.88 -34.02 -13.52
N SER F 221 6.93 -33.85 -12.62
CA SER F 221 6.22 -34.99 -12.05
C SER F 221 5.61 -35.87 -13.13
N VAL F 222 5.08 -35.24 -14.19
CA VAL F 222 4.53 -36.00 -15.30
C VAL F 222 5.63 -36.84 -15.96
N ARG F 223 6.78 -36.24 -16.14
CA ARG F 223 7.90 -36.90 -16.75
C ARG F 223 8.40 -38.02 -15.86
N GLN F 224 8.47 -37.78 -14.58
CA GLN F 224 8.86 -38.82 -13.64
C GLN F 224 7.86 -39.96 -13.67
N ASN F 225 6.57 -39.62 -13.60
CA ASN F 225 5.53 -40.64 -13.55
C ASN F 225 5.45 -41.44 -14.84
N ALA F 226 5.92 -40.87 -15.95
CA ALA F 226 5.93 -41.60 -17.20
C ALA F 226 6.77 -42.87 -17.13
N GLU F 227 7.88 -42.84 -16.37
CA GLU F 227 8.68 -44.05 -16.15
C GLU F 227 8.11 -44.91 -15.01
N LEU F 228 7.75 -44.25 -13.92
CA LEU F 228 7.24 -44.95 -12.74
C LEU F 228 6.00 -45.80 -13.04
N ALA F 229 5.12 -45.28 -13.89
CA ALA F 229 3.87 -45.96 -14.21
C ALA F 229 4.08 -47.23 -15.02
N LYS F 230 5.31 -47.49 -15.48
CA LYS F 230 5.62 -48.75 -16.12
C LYS F 230 5.49 -49.93 -15.18
N THR F 231 5.49 -49.71 -13.88
CA THR F 231 5.22 -50.74 -12.88
C THR F 231 3.84 -50.48 -12.29
N ARG F 232 2.92 -51.41 -12.51
CA ARG F 232 1.58 -51.22 -11.98
C ARG F 232 1.47 -51.52 -10.49
N LEU F 233 0.48 -50.89 -9.87
CA LEU F 233 0.29 -50.95 -8.42
C LEU F 233 -0.43 -52.23 -8.03
N GLN F 234 0.15 -53.00 -7.11
CA GLN F 234 -0.35 -54.35 -6.83
C GLN F 234 -1.23 -54.41 -5.59
N MET F 235 -1.12 -53.44 -4.70
CA MET F 235 -1.93 -53.48 -3.48
C MET F 235 -3.38 -53.05 -3.76
N PRO F 236 -4.29 -53.46 -2.88
CA PRO F 236 -5.69 -53.03 -2.99
C PRO F 236 -5.83 -51.53 -2.80
N THR F 237 -6.65 -50.91 -3.64
CA THR F 237 -6.79 -49.48 -3.68
C THR F 237 -8.26 -49.10 -3.81
N MET F 238 -8.61 -47.97 -3.20
CA MET F 238 -9.94 -47.40 -3.34
C MET F 238 -9.80 -45.94 -3.74
N THR F 239 -10.56 -45.55 -4.76
CA THR F 239 -10.65 -44.16 -5.17
C THR F 239 -12.00 -43.61 -4.72
N LEU F 240 -11.98 -42.37 -4.26
CA LEU F 240 -13.15 -41.62 -3.89
C LEU F 240 -13.17 -40.34 -4.71
N ALA F 241 -14.37 -39.92 -5.11
CA ALA F 241 -14.52 -38.71 -5.90
C ALA F 241 -15.90 -38.15 -5.68
N GLY F 242 -16.02 -36.83 -5.70
CA GLY F 242 -17.32 -36.21 -5.69
C GLY F 242 -17.92 -36.22 -7.09
N GLY F 243 -19.24 -36.44 -7.14
CA GLY F 243 -20.01 -36.39 -8.37
C GLY F 243 -20.74 -35.09 -8.57
N GLY F 244 -20.63 -34.16 -7.62
CA GLY F 244 -21.26 -32.87 -7.76
C GLY F 244 -20.33 -31.86 -8.38
N HIS F 245 -20.82 -30.63 -8.44
CA HIS F 245 -20.02 -29.56 -8.98
C HIS F 245 -18.65 -29.54 -8.31
N GLY F 246 -17.60 -29.51 -9.12
CA GLY F 246 -16.24 -29.44 -8.61
C GLY F 246 -15.59 -30.78 -8.29
N GLY F 247 -16.34 -31.89 -8.26
CA GLY F 247 -15.72 -33.17 -7.99
C GLY F 247 -15.07 -33.78 -9.21
N MET F 248 -14.21 -34.78 -8.98
CA MET F 248 -13.50 -35.42 -10.08
C MET F 248 -14.40 -36.32 -10.92
N GLY F 249 -15.53 -36.77 -10.36
CA GLY F 249 -16.42 -37.62 -11.13
C GLY F 249 -15.79 -38.97 -11.46
N THR F 250 -16.16 -39.51 -12.63
CA THR F 250 -15.69 -40.83 -13.07
C THR F 250 -14.21 -40.86 -13.41
N PHE F 251 -13.58 -39.68 -13.60
CA PHE F 251 -12.19 -39.66 -14.03
C PHE F 251 -11.27 -40.34 -13.02
N GLN F 252 -11.54 -40.14 -11.72
CA GLN F 252 -10.67 -40.66 -10.66
C GLN F 252 -10.48 -42.16 -10.80
N LEU F 253 -11.58 -42.91 -10.87
CA LEU F 253 -11.47 -44.36 -11.00
C LEU F 253 -10.93 -44.75 -12.38
N GLU F 254 -11.32 -44.03 -13.43
CA GLU F 254 -10.89 -44.42 -14.77
C GLU F 254 -9.37 -44.34 -14.92
N GLN F 255 -8.76 -43.26 -14.44
CA GLN F 255 -7.30 -43.14 -14.51
C GLN F 255 -6.61 -44.18 -13.63
N MET F 256 -7.16 -44.43 -12.44
CA MET F 256 -6.53 -45.36 -11.50
C MET F 256 -6.46 -46.77 -12.06
N LYS F 257 -7.38 -47.12 -12.96
CA LYS F 257 -7.33 -48.45 -13.57
C LYS F 257 -6.09 -48.65 -14.43
N ALA F 258 -5.51 -47.57 -14.95
CA ALA F 258 -4.26 -47.66 -15.70
C ALA F 258 -3.04 -47.79 -14.80
N TYR F 259 -3.19 -47.48 -13.51
CA TYR F 259 -2.11 -47.53 -12.53
C TYR F 259 -2.16 -48.72 -11.58
N ALA F 260 -3.35 -49.19 -11.22
CA ALA F 260 -3.53 -50.18 -10.18
C ALA F 260 -4.24 -51.41 -10.72
N GLU F 261 -3.88 -52.58 -10.17
CA GLU F 261 -4.53 -53.83 -10.57
C GLU F 261 -5.78 -54.06 -9.76
N ASP F 262 -5.72 -53.75 -8.48
CA ASP F 262 -6.80 -54.01 -7.54
C ASP F 262 -7.32 -52.66 -7.05
N VAL F 263 -8.36 -52.18 -7.70
CA VAL F 263 -8.94 -50.89 -7.39
C VAL F 263 -10.47 -50.99 -7.47
N GLU F 264 -11.15 -50.41 -6.47
CA GLU F 264 -12.58 -50.20 -6.49
C GLU F 264 -12.82 -48.71 -6.34
N GLY F 265 -13.90 -48.20 -6.91
CA GLY F 265 -14.16 -46.78 -6.91
C GLY F 265 -15.53 -46.43 -6.37
N HIS F 266 -15.62 -45.20 -5.83
CA HIS F 266 -16.89 -44.63 -5.40
C HIS F 266 -16.96 -43.17 -5.81
N VAL F 267 -18.14 -42.76 -6.26
CA VAL F 267 -18.44 -41.38 -6.58
C VAL F 267 -19.58 -40.90 -5.69
N LEU F 268 -19.30 -39.87 -4.90
CA LEU F 268 -20.24 -39.42 -3.89
C LEU F 268 -21.15 -38.34 -4.45
N PRO F 269 -22.43 -38.60 -4.64
CA PRO F 269 -23.30 -37.61 -5.27
C PRO F 269 -23.42 -36.33 -4.43
N GLY F 270 -23.49 -35.20 -5.13
CA GLY F 270 -23.66 -33.94 -4.44
C GLY F 270 -22.45 -33.43 -3.71
N CYS F 271 -21.27 -34.02 -3.93
CA CYS F 271 -20.05 -33.64 -3.25
C CYS F 271 -19.07 -33.07 -4.26
N GLY F 272 -18.36 -32.03 -3.87
CA GLY F 272 -17.36 -31.47 -4.75
C GLY F 272 -15.96 -32.01 -4.50
N HIS F 273 -14.97 -31.13 -4.57
CA HIS F 273 -13.56 -31.51 -4.47
C HIS F 273 -13.12 -31.77 -3.04
N TRP F 274 -13.66 -31.07 -2.05
CA TRP F 274 -13.23 -31.27 -0.67
C TRP F 274 -14.09 -32.31 0.03
N LEU F 275 -13.82 -33.59 -0.30
CA LEU F 275 -14.58 -34.70 0.28
C LEU F 275 -14.55 -34.75 1.80
N PRO F 276 -13.38 -34.62 2.48
CA PRO F 276 -13.41 -34.73 3.95
C PRO F 276 -14.28 -33.69 4.65
N GLU F 277 -14.37 -32.51 4.07
CA GLU F 277 -15.16 -31.44 4.68
C GLU F 277 -16.61 -31.37 4.19
N GLU F 278 -16.84 -31.69 2.94
CA GLU F 278 -18.16 -31.56 2.34
C GLU F 278 -19.05 -32.75 2.67
N CYS F 279 -18.48 -33.95 2.78
CA CYS F 279 -19.25 -35.18 2.89
C CYS F 279 -18.59 -36.10 3.93
N ALA F 280 -18.44 -35.55 5.14
CA ALA F 280 -17.73 -36.25 6.21
C ALA F 280 -18.32 -37.61 6.50
N ALA F 281 -19.64 -37.69 6.73
CA ALA F 281 -20.24 -38.95 7.14
C ALA F 281 -20.05 -40.06 6.12
N PRO F 282 -20.42 -39.90 4.83
CA PRO F 282 -20.20 -40.99 3.88
C PRO F 282 -18.73 -41.33 3.66
N MET F 283 -17.88 -40.31 3.57
CA MET F 283 -16.49 -40.53 3.23
C MET F 283 -15.76 -41.24 4.34
N ASN F 284 -16.00 -40.82 5.58
CA ASN F 284 -15.31 -41.45 6.70
C ASN F 284 -15.61 -42.94 6.77
N ARG F 285 -16.85 -43.31 6.62
CA ARG F 285 -17.20 -44.71 6.64
C ARG F 285 -16.42 -45.47 5.61
N LEU F 286 -16.47 -45.00 4.39
CA LEU F 286 -15.80 -45.67 3.27
C LEU F 286 -14.32 -45.86 3.55
N VAL F 287 -13.66 -44.86 4.14
CA VAL F 287 -12.26 -45.03 4.50
C VAL F 287 -12.13 -46.07 5.61
N ILE F 288 -12.94 -45.94 6.67
CA ILE F 288 -12.87 -46.86 7.80
C ILE F 288 -13.22 -48.29 7.40
N ASP F 289 -14.27 -48.47 6.60
CA ASP F 289 -14.64 -49.81 6.15
C ASP F 289 -13.54 -50.40 5.28
N PHE F 290 -13.05 -49.63 4.32
CA PHE F 290 -12.05 -50.16 3.40
C PHE F 290 -10.76 -50.50 4.14
N LEU F 291 -10.30 -49.62 5.02
CA LEU F 291 -9.04 -49.86 5.71
C LEU F 291 -9.13 -50.99 6.73
N SER F 292 -10.35 -51.45 7.06
CA SER F 292 -10.57 -52.49 8.06
C SER F 292 -10.77 -53.86 7.44
N ARG F 293 -10.10 -54.13 6.31
CA ARG F 293 -10.08 -55.46 5.71
C ARG F 293 -8.70 -56.12 5.86
N VAL G 4 10.42 -22.03 -39.47
CA VAL G 4 11.62 -22.28 -38.66
C VAL G 4 12.38 -23.51 -39.14
N GLN G 5 13.69 -23.36 -39.36
CA GLN G 5 14.57 -24.46 -39.73
C GLN G 5 15.79 -24.44 -38.82
N LEU G 6 16.30 -25.62 -38.47
CA LEU G 6 17.38 -25.75 -37.50
C LEU G 6 18.59 -26.42 -38.15
N VAL G 7 19.76 -25.84 -37.96
CA VAL G 7 21.01 -26.40 -38.47
C VAL G 7 21.88 -26.76 -37.26
N GLU G 8 22.25 -28.03 -37.15
CA GLU G 8 23.22 -28.41 -36.15
C GLU G 8 24.63 -28.44 -36.76
N SER G 9 25.64 -28.46 -35.89
CA SER G 9 27.03 -28.54 -36.33
C SER G 9 27.91 -29.15 -35.25
N LEU G 20 34.06 -31.19 -25.66
CA LEU G 20 33.40 -30.90 -26.92
C LEU G 20 32.20 -29.97 -26.71
N ARG G 21 31.85 -29.18 -27.73
CA ARG G 21 30.61 -28.42 -27.67
C ARG G 21 29.93 -28.45 -29.04
N LEU G 22 28.62 -28.66 -29.03
CA LEU G 22 27.80 -28.69 -30.23
C LEU G 22 26.77 -27.56 -30.20
N SER G 23 26.28 -27.17 -31.38
CA SER G 23 25.47 -25.97 -31.48
C SER G 23 24.42 -26.12 -32.57
N CYS G 24 23.32 -25.39 -32.41
CA CYS G 24 22.23 -25.42 -33.37
C CYS G 24 21.68 -24.02 -33.59
N THR G 25 21.52 -23.64 -34.85
CA THR G 25 21.05 -22.31 -35.21
C THR G 25 19.59 -22.39 -35.65
N THR G 26 18.92 -21.24 -35.57
CA THR G 26 17.52 -21.14 -35.95
C THR G 26 17.35 -20.04 -37.00
N SER G 27 16.45 -20.28 -37.95
CA SER G 27 16.13 -19.32 -39.00
C SER G 27 15.21 -18.19 -38.54
N THR G 28 14.59 -18.31 -37.37
CA THR G 28 13.85 -17.23 -36.74
C THR G 28 14.56 -16.80 -35.46
N SER G 29 14.16 -15.66 -34.93
CA SER G 29 14.70 -15.23 -33.64
C SER G 29 14.48 -16.32 -32.60
N LEU G 30 15.51 -16.52 -31.76
CA LEU G 30 15.44 -17.54 -30.73
C LEU G 30 14.34 -17.26 -29.71
N PHE G 31 14.11 -15.98 -29.39
CA PHE G 31 13.05 -15.68 -28.43
C PHE G 31 11.66 -15.93 -28.99
N SER G 32 11.53 -16.20 -30.27
CA SER G 32 10.27 -16.63 -30.86
C SER G 32 9.99 -18.12 -30.66
N ILE G 33 10.86 -18.84 -29.95
CA ILE G 33 10.72 -20.27 -29.72
C ILE G 33 10.56 -20.50 -28.22
N THR G 34 9.52 -21.26 -27.85
CA THR G 34 9.20 -21.49 -26.44
C THR G 34 10.30 -22.29 -25.75
N THR G 35 10.63 -23.47 -26.28
CA THR G 35 11.61 -24.36 -25.69
C THR G 35 12.61 -24.83 -26.74
N MET G 36 13.90 -24.69 -26.43
CA MET G 36 14.95 -25.37 -27.14
C MET G 36 15.44 -26.53 -26.28
N GLY G 37 15.51 -27.73 -26.86
CA GLY G 37 16.03 -28.88 -26.16
C GLY G 37 17.04 -29.67 -26.99
N TRP G 38 17.96 -30.33 -26.28
CA TRP G 38 18.91 -31.26 -26.87
C TRP G 38 18.50 -32.68 -26.54
N TYR G 39 18.45 -33.55 -27.56
CA TYR G 39 18.02 -34.93 -27.42
C TYR G 39 18.99 -35.87 -28.14
N ARG G 40 19.63 -36.77 -27.38
CA ARG G 40 20.58 -37.73 -27.96
C ARG G 40 19.96 -39.12 -28.10
N GLN G 41 20.57 -39.90 -28.98
CA GLN G 41 20.09 -41.26 -29.20
C GLN G 41 21.22 -42.22 -29.64
N GLU G 48 15.74 -39.97 -26.83
CA GLU G 48 15.93 -39.61 -25.41
C GLU G 48 16.25 -38.12 -25.17
N LEU G 49 15.88 -37.64 -23.99
CA LEU G 49 16.09 -36.24 -23.63
C LEU G 49 17.43 -36.02 -22.93
N VAL G 50 18.04 -34.88 -23.18
CA VAL G 50 19.32 -34.50 -22.58
C VAL G 50 19.24 -33.20 -21.78
N ALA G 51 18.81 -32.09 -22.43
CA ALA G 51 18.79 -30.79 -21.74
C ALA G 51 17.93 -29.77 -22.50
N SER G 52 17.19 -28.95 -21.74
CA SER G 52 16.19 -28.01 -22.28
C SER G 52 16.41 -26.61 -21.71
N ILE G 53 16.41 -25.61 -22.58
CA ILE G 53 16.49 -24.21 -22.18
C ILE G 53 15.17 -23.53 -22.54
N LYS G 54 14.54 -22.93 -21.52
CA LYS G 54 13.32 -22.18 -21.71
C LYS G 54 13.66 -20.82 -22.29
N ARG G 55 12.71 -20.26 -23.04
CA ARG G 55 12.90 -18.98 -23.71
C ARG G 55 13.48 -17.97 -22.71
N GLY G 56 13.13 -18.09 -21.43
CA GLY G 56 13.55 -17.13 -20.43
C GLY G 56 14.72 -17.58 -19.59
N GLY G 57 15.51 -18.53 -20.09
CA GLY G 57 16.70 -18.96 -19.38
C GLY G 57 16.51 -20.13 -18.42
N GLY G 58 15.30 -20.67 -18.31
CA GLY G 58 15.08 -21.81 -17.44
C GLY G 58 15.78 -23.03 -17.99
N THR G 59 16.69 -23.60 -17.22
CA THR G 59 17.43 -24.79 -17.63
C THR G 59 16.82 -26.04 -17.04
N ASN G 60 17.01 -27.17 -17.72
CA ASN G 60 16.43 -28.42 -17.28
C ASN G 60 17.24 -29.58 -17.85
N TYR G 61 17.94 -30.32 -17.00
CA TYR G 61 18.80 -31.43 -17.42
C TYR G 61 18.25 -32.74 -16.87
N ALA G 62 18.09 -33.74 -17.73
CA ALA G 62 17.73 -35.08 -17.28
C ALA G 62 18.90 -35.69 -16.53
N PHE G 69 27.32 -31.72 -18.50
CA PHE G 69 26.56 -31.12 -19.61
C PHE G 69 26.07 -29.71 -19.25
N THR G 70 26.21 -28.78 -20.18
CA THR G 70 25.77 -27.40 -19.99
C THR G 70 25.08 -26.91 -21.25
N ILE G 71 24.00 -26.14 -21.10
CA ILE G 71 23.25 -25.63 -22.24
C ILE G 71 23.06 -24.12 -22.08
N SER G 72 23.49 -23.37 -23.10
CA SER G 72 23.34 -21.92 -23.13
C SER G 72 22.82 -21.49 -24.49
N ARG G 73 22.62 -20.18 -24.71
CA ARG G 73 22.12 -19.69 -25.99
C ARG G 73 22.54 -18.24 -26.26
N ASP G 74 23.38 -18.03 -27.25
CA ASP G 74 23.61 -16.69 -27.74
C ASP G 74 22.36 -16.29 -28.51
N ASN G 75 21.46 -15.55 -27.85
CA ASN G 75 20.33 -14.97 -28.55
C ASN G 75 20.79 -13.97 -29.62
N ALA G 76 22.03 -13.48 -29.49
CA ALA G 76 22.60 -12.58 -30.48
C ALA G 76 22.88 -13.29 -31.81
N ARG G 77 23.15 -14.58 -31.77
CA ARG G 77 23.45 -15.34 -32.98
C ARG G 77 22.36 -16.34 -33.34
N ASN G 78 21.28 -16.42 -32.55
CA ASN G 78 20.16 -17.34 -32.78
C ASN G 78 20.63 -18.79 -32.70
N THR G 79 21.36 -19.11 -31.64
CA THR G 79 22.08 -20.36 -31.51
C THR G 79 21.95 -20.88 -30.09
N VAL G 80 21.77 -22.18 -29.95
CA VAL G 80 21.80 -22.82 -28.64
C VAL G 80 23.00 -23.75 -28.59
N PHE G 81 23.73 -23.71 -27.48
CA PHE G 81 24.97 -24.46 -27.29
C PHE G 81 24.77 -25.61 -26.32
N LEU G 82 25.53 -26.68 -26.52
CA LEU G 82 25.59 -27.81 -25.60
C LEU G 82 27.05 -28.15 -25.35
N GLU G 83 27.56 -27.75 -24.19
CA GLU G 83 28.94 -28.00 -23.82
C GLU G 83 29.08 -29.30 -23.07
N MET G 84 29.92 -30.20 -23.58
CA MET G 84 30.14 -31.53 -23.02
C MET G 84 31.49 -31.57 -22.32
N ASN G 85 31.56 -32.32 -21.21
CA ASN G 85 32.78 -32.48 -20.43
C ASN G 85 32.71 -33.80 -19.66
N ASN G 86 33.89 -34.40 -19.47
CA ASN G 86 34.07 -35.66 -18.72
C ASN G 86 33.52 -36.87 -19.48
N LEU G 87 33.52 -36.79 -20.80
CA LEU G 87 33.04 -37.88 -21.64
C LEU G 87 34.01 -39.06 -21.64
N TYR G 95 22.60 -37.20 -31.55
CA TYR G 95 22.28 -35.92 -30.91
C TYR G 95 21.42 -34.96 -31.77
N TYR G 96 20.27 -34.54 -31.21
CA TYR G 96 19.30 -33.73 -31.94
C TYR G 96 18.87 -32.50 -31.16
N CYS G 97 18.64 -31.41 -31.89
CA CYS G 97 18.12 -30.17 -31.30
C CYS G 97 16.67 -29.99 -31.72
N ASN G 98 15.82 -29.67 -30.75
CA ASN G 98 14.38 -29.51 -30.97
C ASN G 98 13.91 -28.11 -30.61
N ALA G 99 13.06 -27.55 -31.47
CA ALA G 99 12.41 -26.25 -31.25
C ALA G 99 10.93 -26.48 -31.07
N ALA G 100 10.42 -26.20 -29.87
CA ALA G 100 9.01 -26.32 -29.54
C ALA G 100 8.38 -24.93 -29.47
N ILE G 101 7.32 -24.71 -30.23
CA ILE G 101 6.61 -23.42 -30.27
C ILE G 101 5.20 -23.62 -29.73
N LEU G 102 4.86 -22.84 -28.71
CA LEU G 102 3.53 -22.90 -28.12
C LEU G 102 2.64 -21.85 -28.80
N ALA G 103 1.58 -22.31 -29.45
CA ALA G 103 0.63 -21.39 -30.06
C ALA G 103 -0.29 -20.77 -29.00
N TYR G 104 -0.86 -19.59 -29.36
CA TYR G 104 -1.90 -18.97 -28.53
C TYR G 104 -2.96 -19.97 -28.07
N THR G 105 -3.37 -20.89 -28.95
CA THR G 105 -4.41 -21.87 -28.66
C THR G 105 -3.94 -22.96 -27.71
N GLY G 106 -2.71 -23.02 -27.33
CA GLY G 106 -2.15 -24.08 -26.52
C GLY G 106 -1.58 -25.24 -27.31
N GLU G 107 -1.80 -25.31 -28.60
CA GLU G 107 -1.12 -26.32 -29.40
C GLU G 107 0.38 -26.02 -29.48
N VAL G 108 1.19 -27.08 -29.46
CA VAL G 108 2.65 -26.96 -29.56
C VAL G 108 3.09 -27.63 -30.85
N THR G 109 4.06 -27.01 -31.51
CA THR G 109 4.59 -27.49 -32.77
C THR G 109 6.09 -27.73 -32.62
N ASN G 110 6.57 -28.88 -33.06
CA ASN G 110 7.97 -29.24 -32.92
C ASN G 110 8.67 -29.21 -34.27
N TYR G 111 9.94 -28.79 -34.26
CA TYR G 111 10.81 -28.80 -35.42
C TYR G 111 12.14 -29.40 -34.99
N TRP G 112 12.66 -30.35 -35.76
CA TRP G 112 13.92 -31.00 -35.44
C TRP G 112 14.97 -30.75 -36.53
N GLY G 113 16.22 -31.01 -36.20
CA GLY G 113 17.32 -30.82 -37.13
C GLY G 113 17.73 -32.11 -37.82
N GLN G 114 18.96 -32.14 -38.31
CA GLN G 114 19.48 -33.32 -38.99
C GLN G 114 20.28 -34.20 -38.03
N GLY G 115 20.97 -33.57 -37.09
CA GLY G 115 21.77 -34.29 -36.11
C GLY G 115 23.10 -34.74 -36.68
N GLU H 3 -26.67 -41.21 -10.70
CA GLU H 3 -25.83 -40.10 -10.24
C GLU H 3 -26.67 -39.00 -9.63
N VAL H 4 -27.64 -38.50 -10.39
CA VAL H 4 -28.50 -37.44 -9.92
C VAL H 4 -29.78 -37.69 -10.67
N GLN H 5 -30.91 -37.64 -10.00
CA GLN H 5 -32.16 -37.94 -10.64
C GLN H 5 -33.03 -36.73 -10.70
N LEU H 6 -33.63 -36.50 -11.86
CA LEU H 6 -34.51 -35.36 -12.02
C LEU H 6 -35.93 -35.80 -12.16
N VAL H 7 -36.81 -35.20 -11.39
CA VAL H 7 -38.21 -35.51 -11.49
C VAL H 7 -39.00 -34.31 -12.01
N GLU H 8 -39.40 -34.40 -13.26
CA GLU H 8 -40.13 -33.34 -13.91
C GLU H 8 -41.65 -33.52 -13.74
N SER H 9 -42.36 -32.40 -13.82
CA SER H 9 -43.81 -32.43 -13.71
C SER H 9 -44.35 -31.13 -14.28
N GLY H 10 -45.62 -31.18 -14.71
CA GLY H 10 -46.26 -30.06 -15.38
C GLY H 10 -46.48 -30.34 -16.86
N GLY H 11 -47.03 -29.35 -17.52
CA GLY H 11 -47.23 -29.44 -18.96
C GLY H 11 -48.70 -29.46 -19.30
N GLY H 12 -49.04 -29.88 -20.51
CA GLY H 12 -50.42 -30.13 -20.88
C GLY H 12 -50.88 -29.21 -21.99
N LEU H 13 -52.20 -29.16 -22.18
CA LEU H 13 -52.82 -28.41 -23.25
C LEU H 13 -53.31 -27.08 -22.71
N VAL H 14 -52.90 -25.98 -23.37
CA VAL H 14 -53.27 -24.64 -22.90
C VAL H 14 -53.66 -23.78 -24.10
N GLN H 15 -54.55 -22.78 -23.86
CA GLN H 15 -54.92 -21.89 -24.96
C GLN H 15 -53.93 -20.74 -25.12
N PRO H 16 -53.90 -20.11 -26.31
CA PRO H 16 -53.10 -18.89 -26.47
C PRO H 16 -53.52 -17.81 -25.47
N GLY H 17 -52.53 -17.05 -24.99
CA GLY H 17 -52.72 -16.17 -23.85
C GLY H 17 -52.47 -16.86 -22.51
N GLY H 18 -52.66 -18.18 -22.47
CA GLY H 18 -52.60 -18.93 -21.22
C GLY H 18 -51.24 -19.00 -20.58
N SER H 19 -51.26 -19.47 -19.33
CA SER H 19 -50.09 -19.67 -18.49
C SER H 19 -49.91 -21.14 -18.16
N LEU H 20 -48.68 -21.50 -17.85
CA LEU H 20 -48.39 -22.88 -17.48
C LEU H 20 -47.18 -22.84 -16.56
N ARG H 21 -47.06 -23.80 -15.66
CA ARG H 21 -45.87 -23.88 -14.85
C ARG H 21 -45.31 -25.29 -14.89
N LEU H 22 -44.03 -25.40 -15.19
CA LEU H 22 -43.29 -26.65 -15.19
C LEU H 22 -42.40 -26.66 -13.95
N SER H 23 -42.15 -27.86 -13.42
CA SER H 23 -41.30 -27.97 -12.25
C SER H 23 -40.38 -29.17 -12.40
N CYS H 24 -39.24 -29.09 -11.71
CA CYS H 24 -38.34 -30.22 -11.68
C CYS H 24 -37.65 -30.26 -10.33
N THR H 25 -37.60 -31.45 -9.73
CA THR H 25 -36.88 -31.65 -8.49
C THR H 25 -35.60 -32.41 -8.81
N THR H 26 -34.57 -32.16 -8.02
CA THR H 26 -33.32 -32.88 -8.17
C THR H 26 -33.10 -33.72 -6.92
N SER H 27 -32.47 -34.88 -7.09
CA SER H 27 -32.18 -35.76 -5.97
C SER H 27 -31.02 -35.27 -5.12
N THR H 28 -30.18 -34.36 -5.63
CA THR H 28 -29.09 -33.80 -4.84
C THR H 28 -29.36 -32.33 -4.57
N SER H 29 -28.53 -31.76 -3.71
CA SER H 29 -28.66 -30.35 -3.43
C SER H 29 -28.51 -29.55 -4.72
N LEU H 30 -29.37 -28.55 -4.85
CA LEU H 30 -29.37 -27.68 -6.02
C LEU H 30 -28.01 -27.01 -6.14
N PHE H 31 -27.41 -26.66 -5.00
CA PHE H 31 -26.11 -26.04 -5.05
C PHE H 31 -24.96 -26.92 -5.49
N SER H 32 -25.17 -28.23 -5.62
CA SER H 32 -24.17 -29.12 -6.17
C SER H 32 -24.28 -29.24 -7.69
N ILE H 33 -25.17 -28.49 -8.31
CA ILE H 33 -25.40 -28.55 -9.76
C ILE H 33 -24.93 -27.23 -10.35
N THR H 34 -24.02 -27.30 -11.33
CA THR H 34 -23.43 -26.10 -11.89
C THR H 34 -24.49 -25.20 -12.54
N THR H 35 -25.29 -25.77 -13.45
CA THR H 35 -26.35 -25.01 -14.10
C THR H 35 -27.60 -25.88 -14.23
N MET H 36 -28.75 -25.28 -13.91
CA MET H 36 -30.04 -25.88 -14.17
C MET H 36 -30.64 -25.14 -15.36
N GLY H 37 -31.19 -25.91 -16.30
CA GLY H 37 -31.71 -25.32 -17.52
C GLY H 37 -32.98 -26.00 -17.99
N TRP H 38 -33.76 -25.23 -18.74
CA TRP H 38 -34.92 -25.75 -19.42
C TRP H 38 -34.66 -25.66 -20.92
N TYR H 39 -34.90 -26.75 -21.63
CA TYR H 39 -34.78 -26.83 -23.07
C TYR H 39 -36.12 -27.29 -23.63
N ARG H 40 -36.34 -27.01 -24.91
CA ARG H 40 -37.54 -27.49 -25.55
C ARG H 40 -37.19 -28.02 -26.92
N GLN H 41 -38.07 -28.88 -27.45
CA GLN H 41 -37.89 -29.42 -28.79
C GLN H 41 -39.26 -29.57 -29.43
N ALA H 42 -39.47 -28.83 -30.50
CA ALA H 42 -40.65 -28.88 -31.32
C ALA H 42 -40.48 -29.99 -32.38
N PRO H 43 -41.58 -30.49 -32.93
CA PRO H 43 -41.46 -31.59 -33.91
C PRO H 43 -40.61 -31.15 -35.08
N GLY H 44 -39.62 -31.96 -35.42
CA GLY H 44 -38.79 -31.67 -36.55
C GLY H 44 -37.79 -30.56 -36.38
N LYS H 45 -37.63 -30.01 -35.18
CA LYS H 45 -36.69 -28.91 -34.96
C LYS H 45 -35.62 -29.42 -34.01
N GLN H 46 -34.58 -28.61 -33.84
CA GLN H 46 -33.49 -28.96 -32.93
C GLN H 46 -33.86 -28.61 -31.49
N ARG H 47 -33.32 -29.37 -30.54
CA ARG H 47 -33.51 -29.02 -29.13
C ARG H 47 -32.84 -27.69 -28.85
N GLU H 48 -33.61 -26.73 -28.34
CA GLU H 48 -33.12 -25.37 -28.12
C GLU H 48 -33.28 -24.94 -26.67
N LEU H 49 -32.36 -24.07 -26.25
CA LEU H 49 -32.34 -23.55 -24.89
C LEU H 49 -33.52 -22.60 -24.65
N VAL H 50 -34.13 -22.71 -23.48
CA VAL H 50 -35.16 -21.75 -23.09
C VAL H 50 -34.55 -20.78 -22.08
N ALA H 51 -34.11 -21.31 -20.95
CA ALA H 51 -33.55 -20.48 -19.89
C ALA H 51 -32.68 -21.33 -18.98
N SER H 52 -31.68 -20.68 -18.39
CA SER H 52 -30.72 -21.28 -17.48
C SER H 52 -30.65 -20.47 -16.19
N ILE H 53 -30.32 -21.14 -15.09
CA ILE H 53 -30.04 -20.48 -13.82
C ILE H 53 -28.82 -21.16 -13.21
N LYS H 54 -27.75 -20.40 -12.99
CA LYS H 54 -26.53 -20.94 -12.42
C LYS H 54 -26.73 -21.20 -10.94
N ARG H 55 -25.86 -22.04 -10.37
CA ARG H 55 -26.01 -22.33 -8.95
C ARG H 55 -25.89 -21.06 -8.08
N GLY H 56 -25.17 -20.05 -8.55
CA GLY H 56 -25.15 -18.79 -7.80
C GLY H 56 -26.37 -17.90 -8.01
N GLY H 57 -27.25 -18.24 -8.94
CA GLY H 57 -28.50 -17.54 -9.14
C GLY H 57 -28.60 -16.76 -10.44
N GLY H 58 -27.49 -16.51 -11.12
CA GLY H 58 -27.53 -15.73 -12.34
C GLY H 58 -28.34 -16.44 -13.41
N THR H 59 -29.27 -15.72 -14.04
CA THR H 59 -30.14 -16.32 -15.03
C THR H 59 -29.75 -15.87 -16.43
N ASN H 60 -30.12 -16.68 -17.40
CA ASN H 60 -29.86 -16.44 -18.81
C ASN H 60 -31.10 -16.86 -19.60
N TYR H 61 -31.60 -15.99 -20.47
CA TYR H 61 -32.70 -16.36 -21.34
C TYR H 61 -32.26 -16.36 -22.78
N ALA H 62 -32.81 -17.26 -23.57
CA ALA H 62 -32.52 -17.26 -24.97
C ALA H 62 -33.20 -16.09 -25.65
N ASP H 63 -32.73 -15.83 -26.86
CA ASP H 63 -33.31 -14.83 -27.72
C ASP H 63 -34.77 -15.15 -27.89
N SER H 64 -35.63 -14.16 -27.68
CA SER H 64 -37.07 -14.33 -27.94
C SER H 64 -37.84 -15.26 -26.98
N MET H 65 -37.31 -15.47 -25.81
CA MET H 65 -37.92 -16.15 -24.67
C MET H 65 -38.20 -15.24 -23.48
N LYS H 66 -37.38 -14.22 -23.25
CA LYS H 66 -37.62 -13.29 -22.15
C LYS H 66 -39.00 -12.67 -22.30
N GLY H 67 -39.65 -12.46 -21.16
CA GLY H 67 -40.99 -11.88 -21.14
C GLY H 67 -42.11 -12.91 -21.08
N ARG H 68 -41.94 -14.01 -21.81
CA ARG H 68 -42.90 -15.10 -21.76
C ARG H 68 -42.48 -16.23 -20.84
N PHE H 69 -41.22 -16.25 -20.43
CA PHE H 69 -40.71 -17.28 -19.54
C PHE H 69 -40.00 -16.68 -18.39
N THR H 70 -40.05 -17.36 -17.27
CA THR H 70 -39.33 -16.94 -16.09
C THR H 70 -38.87 -18.20 -15.38
N ILE H 71 -37.57 -18.30 -15.18
CA ILE H 71 -36.98 -19.44 -14.50
C ILE H 71 -36.73 -19.03 -13.06
N SER H 72 -36.90 -19.96 -12.14
CA SER H 72 -36.75 -19.65 -10.73
C SER H 72 -36.46 -20.94 -9.98
N ARG H 73 -36.04 -20.79 -8.73
CA ARG H 73 -35.73 -21.96 -7.93
C ARG H 73 -36.22 -21.78 -6.50
N ASP H 74 -36.25 -22.89 -5.78
CA ASP H 74 -36.54 -22.95 -4.34
C ASP H 74 -35.50 -23.93 -3.82
N ASN H 75 -34.48 -23.41 -3.16
CA ASN H 75 -33.34 -24.26 -2.79
C ASN H 75 -33.69 -25.24 -1.68
N ALA H 76 -34.63 -24.89 -0.80
CA ALA H 76 -34.99 -25.81 0.28
C ALA H 76 -35.60 -27.08 -0.27
N ARG H 77 -36.42 -26.96 -1.30
CA ARG H 77 -37.08 -28.10 -1.90
C ARG H 77 -36.34 -28.63 -3.11
N ASN H 78 -35.15 -28.10 -3.42
CA ASN H 78 -34.32 -28.55 -4.54
C ASN H 78 -35.12 -28.62 -5.84
N THR H 79 -35.81 -27.54 -6.14
CA THR H 79 -36.76 -27.52 -7.22
C THR H 79 -36.51 -26.31 -8.12
N VAL H 80 -36.53 -26.55 -9.42
CA VAL H 80 -36.45 -25.49 -10.40
C VAL H 80 -37.80 -25.41 -11.10
N PHE H 81 -38.20 -24.17 -11.40
CA PHE H 81 -39.49 -23.86 -11.98
C PHE H 81 -39.29 -23.16 -13.31
N LEU H 82 -40.21 -23.38 -14.24
CA LEU H 82 -40.31 -22.62 -15.48
C LEU H 82 -41.72 -22.04 -15.58
N GLU H 83 -41.82 -20.72 -15.52
CA GLU H 83 -43.10 -20.06 -15.61
C GLU H 83 -43.34 -19.60 -17.03
N MET H 84 -44.43 -20.05 -17.61
CA MET H 84 -44.82 -19.73 -18.97
C MET H 84 -46.02 -18.78 -18.98
N ASN H 85 -45.86 -17.61 -19.61
CA ASN H 85 -46.86 -16.55 -19.68
C ASN H 85 -47.16 -16.20 -21.14
N ASN H 86 -48.38 -15.75 -21.41
CA ASN H 86 -48.77 -15.29 -22.75
C ASN H 86 -48.25 -16.23 -23.83
N LEU H 87 -48.64 -17.50 -23.72
CA LEU H 87 -48.09 -18.51 -24.60
C LEU H 87 -48.61 -18.36 -26.03
N THR H 88 -47.81 -18.85 -26.97
CA THR H 88 -48.17 -18.80 -28.38
C THR H 88 -48.06 -20.15 -29.03
N THR H 89 -48.67 -20.31 -30.20
CA THR H 89 -48.64 -21.59 -30.92
C THR H 89 -47.20 -22.02 -31.14
N GLU H 90 -46.27 -21.09 -31.37
CA GLU H 90 -44.88 -21.48 -31.60
C GLU H 90 -44.19 -22.02 -30.36
N ASP H 91 -44.82 -21.95 -29.19
CA ASP H 91 -44.23 -22.45 -27.96
C ASP H 91 -44.50 -23.93 -27.78
N THR H 92 -45.35 -24.49 -28.61
CA THR H 92 -45.67 -25.91 -28.59
C THR H 92 -44.43 -26.76 -28.82
N ALA H 93 -44.12 -27.64 -27.86
CA ALA H 93 -42.89 -28.43 -27.90
C ALA H 93 -42.88 -29.40 -26.72
N VAL H 94 -41.90 -30.30 -26.73
CA VAL H 94 -41.56 -31.08 -25.55
C VAL H 94 -40.52 -30.30 -24.76
N TYR H 95 -40.81 -30.04 -23.49
CA TYR H 95 -39.95 -29.26 -22.61
C TYR H 95 -39.17 -30.19 -21.68
N TYR H 96 -37.86 -30.01 -21.63
CA TYR H 96 -36.96 -30.83 -20.84
C TYR H 96 -36.24 -29.97 -19.82
N CYS H 97 -36.04 -30.51 -18.64
CA CYS H 97 -35.16 -29.91 -17.64
C CYS H 97 -33.78 -30.57 -17.71
N ASN H 98 -32.74 -29.76 -17.52
CA ASN H 98 -31.37 -30.22 -17.65
C ASN H 98 -30.55 -29.86 -16.42
N ALA H 99 -29.75 -30.82 -15.94
CA ALA H 99 -28.77 -30.59 -14.89
C ALA H 99 -27.38 -30.76 -15.48
N ALA H 100 -26.58 -29.69 -15.43
CA ALA H 100 -25.21 -29.70 -15.92
C ALA H 100 -24.27 -29.61 -14.72
N ILE H 101 -23.28 -30.49 -14.70
CA ILE H 101 -22.30 -30.54 -13.63
C ILE H 101 -20.91 -30.42 -14.23
N LEU H 102 -20.17 -29.40 -13.81
CA LEU H 102 -18.79 -29.20 -14.24
C LEU H 102 -17.87 -29.94 -13.27
N ALA H 103 -17.11 -30.90 -13.78
CA ALA H 103 -16.19 -31.66 -12.96
C ALA H 103 -14.88 -30.89 -12.73
N TYR H 104 -14.13 -31.32 -11.74
CA TYR H 104 -12.80 -30.76 -11.49
C TYR H 104 -11.98 -30.73 -12.78
N THR H 105 -12.14 -31.77 -13.61
CA THR H 105 -11.35 -31.92 -14.83
C THR H 105 -11.80 -30.99 -15.95
N GLY H 106 -12.91 -30.31 -15.84
CA GLY H 106 -13.48 -29.55 -16.92
C GLY H 106 -14.49 -30.31 -17.73
N GLU H 107 -14.65 -31.61 -17.44
CA GLU H 107 -15.68 -32.44 -18.03
C GLU H 107 -17.05 -31.92 -17.57
N VAL H 108 -18.00 -31.81 -18.49
CA VAL H 108 -19.36 -31.42 -18.16
C VAL H 108 -20.25 -32.62 -18.42
N THR H 109 -21.00 -33.04 -17.41
CA THR H 109 -21.96 -34.14 -17.50
C THR H 109 -23.38 -33.61 -17.47
N ASN H 110 -24.24 -34.15 -18.31
CA ASN H 110 -25.60 -33.65 -18.38
C ASN H 110 -26.57 -34.72 -17.90
N TYR H 111 -27.59 -34.27 -17.19
CA TYR H 111 -28.71 -35.10 -16.76
C TYR H 111 -30.01 -34.44 -17.18
N TRP H 112 -30.93 -35.24 -17.68
CA TRP H 112 -32.18 -34.74 -18.23
C TRP H 112 -33.36 -35.28 -17.47
N GLY H 113 -34.36 -34.45 -17.30
CA GLY H 113 -35.64 -34.93 -16.82
C GLY H 113 -36.45 -35.55 -17.96
N GLN H 114 -37.52 -36.21 -17.59
CA GLN H 114 -38.42 -36.73 -18.59
C GLN H 114 -39.13 -35.55 -19.25
N GLY H 115 -39.09 -35.49 -20.58
CA GLY H 115 -39.76 -34.39 -21.26
C GLY H 115 -41.26 -34.42 -21.05
N THR H 116 -41.87 -33.23 -21.08
CA THR H 116 -43.31 -33.12 -20.97
C THR H 116 -43.82 -32.25 -22.11
N GLN H 117 -44.94 -32.68 -22.69
CA GLN H 117 -45.48 -32.03 -23.87
C GLN H 117 -46.26 -30.79 -23.46
N VAL H 118 -45.98 -29.68 -24.13
CA VAL H 118 -46.78 -28.47 -23.97
C VAL H 118 -47.38 -28.16 -25.34
N THR H 119 -48.71 -28.07 -25.40
CA THR H 119 -49.42 -27.78 -26.64
C THR H 119 -50.27 -26.56 -26.39
N VAL H 120 -50.06 -25.54 -27.21
CA VAL H 120 -50.76 -24.26 -27.10
C VAL H 120 -51.79 -24.22 -28.21
N SER H 121 -53.05 -24.39 -27.84
CA SER H 121 -54.12 -24.50 -28.82
C SER H 121 -55.49 -24.21 -28.22
N ALA I 1 -19.70 -1.61 -13.37
CA ALA I 1 -21.02 -1.02 -13.52
C ALA I 1 -21.34 -0.09 -12.36
N GLU I 2 -21.64 -0.67 -11.19
CA GLU I 2 -21.94 0.11 -10.01
C GLU I 2 -21.08 -0.48 -8.93
N GLU I 3 -21.19 0.04 -7.71
CA GLU I 3 -20.45 -0.53 -6.60
C GLU I 3 -21.18 -1.69 -5.95
N PHE I 4 -22.49 -1.79 -6.15
CA PHE I 4 -23.32 -2.80 -5.51
C PHE I 4 -24.43 -3.19 -6.47
N PRO I 5 -24.91 -4.45 -6.43
CA PRO I 5 -25.97 -4.86 -7.35
C PRO I 5 -27.31 -4.24 -6.95
N VAL I 6 -27.97 -3.62 -7.92
CA VAL I 6 -29.27 -2.97 -7.74
C VAL I 6 -30.34 -4.05 -7.73
N PRO I 7 -31.32 -4.00 -6.83
CA PRO I 7 -32.36 -5.04 -6.81
C PRO I 7 -33.32 -4.93 -7.98
N ASN I 8 -33.87 -6.06 -8.38
CA ASN I 8 -34.79 -6.06 -9.50
C ASN I 8 -36.04 -5.30 -9.17
N GLY I 9 -36.41 -4.40 -10.07
CA GLY I 9 -37.49 -3.45 -9.86
C GLY I 9 -37.07 -2.12 -9.30
N PHE I 10 -35.76 -1.90 -9.11
CA PHE I 10 -35.26 -0.63 -8.63
C PHE I 10 -34.34 -0.03 -9.68
N GLU I 11 -34.19 1.30 -9.63
CA GLU I 11 -33.36 2.05 -10.56
C GLU I 11 -32.27 2.82 -9.80
N SER I 12 -31.04 2.74 -10.31
CA SER I 12 -29.93 3.54 -9.81
C SER I 12 -29.80 4.79 -10.67
N ALA I 13 -29.94 5.96 -10.04
CA ALA I 13 -29.98 7.22 -10.76
C ALA I 13 -29.18 8.26 -9.98
N TYR I 14 -29.05 9.43 -10.58
CA TYR I 14 -28.36 10.56 -9.97
C TYR I 14 -29.27 11.78 -10.01
N ARG I 15 -28.95 12.75 -9.15
CA ARG I 15 -29.75 13.98 -9.04
C ARG I 15 -28.90 15.06 -8.39
N GLU I 16 -28.79 16.22 -9.05
CA GLU I 16 -28.01 17.33 -8.52
C GLU I 16 -28.82 18.11 -7.49
N VAL I 17 -28.21 18.35 -6.34
CA VAL I 17 -28.87 19.01 -5.20
C VAL I 17 -27.92 20.06 -4.64
N ASP I 18 -28.25 21.34 -4.85
CA ASP I 18 -27.42 22.47 -4.42
C ASP I 18 -25.96 22.28 -4.86
N GLY I 19 -25.79 21.92 -6.13
CA GLY I 19 -24.50 21.75 -6.74
C GLY I 19 -23.80 20.44 -6.45
N VAL I 20 -24.42 19.55 -5.69
CA VAL I 20 -23.82 18.26 -5.33
C VAL I 20 -24.61 17.16 -6.03
N LYS I 21 -23.90 16.31 -6.79
CA LYS I 21 -24.47 15.18 -7.51
C LYS I 21 -24.63 13.99 -6.58
N LEU I 22 -25.87 13.65 -6.24
CA LEU I 22 -26.20 12.56 -5.33
C LEU I 22 -26.58 11.29 -6.07
N HIS I 23 -26.10 10.15 -5.58
CA HIS I 23 -26.51 8.84 -6.10
C HIS I 23 -27.56 8.24 -5.17
N TYR I 24 -28.56 7.58 -5.76
CA TYR I 24 -29.61 6.95 -4.98
C TYR I 24 -30.16 5.76 -5.77
N VAL I 25 -30.94 4.93 -5.08
CA VAL I 25 -31.68 3.83 -5.68
C VAL I 25 -33.15 4.03 -5.36
N LYS I 26 -33.99 4.04 -6.40
CA LYS I 26 -35.40 4.36 -6.23
C LYS I 26 -36.24 3.27 -6.90
N GLY I 27 -37.40 3.00 -6.31
CA GLY I 27 -38.33 2.06 -6.88
C GLY I 27 -39.60 2.06 -6.08
N GLY I 28 -40.65 1.52 -6.68
CA GLY I 28 -41.92 1.40 -5.99
C GLY I 28 -42.89 2.53 -6.28
N GLN I 29 -44.06 2.42 -5.66
CA GLN I 29 -45.12 3.42 -5.78
C GLN I 29 -45.78 3.64 -4.42
N GLY I 30 -46.30 4.86 -4.24
CA GLY I 30 -47.01 5.21 -3.04
C GLY I 30 -46.33 6.35 -2.30
N PRO I 31 -46.62 6.49 -1.00
CA PRO I 31 -45.94 7.51 -0.20
C PRO I 31 -44.44 7.25 -0.17
N LEU I 32 -43.66 8.32 0.00
CA LEU I 32 -42.21 8.24 -0.02
C LEU I 32 -41.67 7.87 1.36
N VAL I 33 -40.79 6.87 1.40
CA VAL I 33 -39.95 6.62 2.57
C VAL I 33 -38.49 6.72 2.12
N MET I 34 -37.70 7.49 2.86
CA MET I 34 -36.27 7.62 2.59
C MET I 34 -35.48 6.83 3.61
N LEU I 35 -34.56 5.99 3.13
CA LEU I 35 -33.69 5.20 3.97
C LEU I 35 -32.27 5.74 3.88
N VAL I 36 -31.70 6.14 5.01
CA VAL I 36 -30.41 6.83 5.03
C VAL I 36 -29.40 5.97 5.78
N HIS I 37 -28.34 5.54 5.08
CA HIS I 37 -27.37 4.61 5.60
C HIS I 37 -26.37 5.31 6.55
N GLY I 38 -25.47 4.52 7.15
CA GLY I 38 -24.43 5.07 8.01
C GLY I 38 -23.00 4.78 7.58
N PHE I 39 -22.06 5.01 8.53
CA PHE I 39 -20.65 4.88 8.22
C PHE I 39 -20.28 3.45 7.86
N GLY I 40 -19.27 3.29 6.98
CA GLY I 40 -18.79 2.03 6.46
C GLY I 40 -19.74 1.36 5.50
N GLN I 41 -20.85 2.01 5.15
CA GLN I 41 -21.80 1.37 4.26
C GLN I 41 -22.32 2.39 3.25
N THR I 42 -23.22 1.91 2.42
CA THR I 42 -23.86 2.69 1.37
C THR I 42 -25.34 2.35 1.39
N TRP I 43 -26.07 2.83 0.38
CA TRP I 43 -27.48 2.49 0.25
C TRP I 43 -27.72 0.99 0.30
N TYR I 44 -26.73 0.19 -0.11
CA TYR I 44 -26.93 -1.24 -0.29
C TYR I 44 -27.27 -1.94 1.02
N GLU I 45 -26.98 -1.33 2.17
CA GLU I 45 -27.35 -1.98 3.42
C GLU I 45 -28.85 -2.16 3.54
N TRP I 46 -29.64 -1.39 2.77
CA TRP I 46 -31.09 -1.49 2.77
C TRP I 46 -31.63 -2.41 1.69
N HIS I 47 -30.75 -3.14 0.98
CA HIS I 47 -31.15 -3.86 -0.23
C HIS I 47 -32.10 -5.02 0.05
N GLN I 48 -32.16 -5.51 1.30
CA GLN I 48 -33.16 -6.50 1.66
C GLN I 48 -34.47 -5.90 2.09
N LEU I 49 -34.44 -4.74 2.74
CA LEU I 49 -35.68 -4.09 3.16
C LEU I 49 -36.42 -3.48 1.98
N MET I 50 -35.68 -2.97 1.00
CA MET I 50 -36.30 -2.18 -0.07
C MET I 50 -37.34 -2.94 -0.86
N PRO I 51 -37.12 -4.17 -1.34
CA PRO I 51 -38.15 -4.85 -2.15
C PRO I 51 -39.41 -5.16 -1.37
N GLU I 52 -39.38 -5.13 -0.04
CA GLU I 52 -40.56 -5.39 0.76
C GLU I 52 -41.35 -4.12 1.01
N LEU I 53 -40.66 -3.02 1.33
CA LEU I 53 -41.31 -1.73 1.46
C LEU I 53 -41.87 -1.26 0.13
N ALA I 54 -41.24 -1.63 -0.99
CA ALA I 54 -41.66 -1.17 -2.30
C ALA I 54 -43.06 -1.66 -2.67
N LYS I 55 -43.59 -2.62 -1.92
CA LYS I 55 -44.95 -3.10 -2.18
C LYS I 55 -45.99 -2.05 -1.79
N ARG I 56 -45.67 -1.17 -0.83
CA ARG I 56 -46.61 -0.12 -0.43
C ARG I 56 -46.05 1.30 -0.48
N PHE I 57 -44.76 1.48 -0.74
CA PHE I 57 -44.19 2.81 -0.70
C PHE I 57 -43.30 3.03 -1.91
N THR I 58 -43.04 4.30 -2.19
CA THR I 58 -41.95 4.70 -3.06
C THR I 58 -40.70 4.81 -2.16
N VAL I 59 -39.69 4.02 -2.49
CA VAL I 59 -38.50 3.88 -1.64
C VAL I 59 -37.35 4.57 -2.34
N ILE I 60 -36.66 5.45 -1.61
CA ILE I 60 -35.45 6.07 -2.11
C ILE I 60 -34.36 5.89 -1.06
N ALA I 61 -33.20 5.40 -1.49
CA ALA I 61 -32.07 5.16 -0.58
C ALA I 61 -30.87 5.89 -1.16
N PRO I 62 -30.52 7.05 -0.62
CA PRO I 62 -29.36 7.80 -1.12
C PRO I 62 -28.04 7.36 -0.53
N ASP I 63 -26.97 7.70 -1.25
CA ASP I 63 -25.63 7.64 -0.69
C ASP I 63 -25.36 8.98 -0.02
N LEU I 64 -24.84 8.94 1.20
CA LEU I 64 -24.51 10.19 1.87
C LEU I 64 -23.45 10.93 1.04
N PRO I 65 -23.48 12.27 1.06
CA PRO I 65 -22.46 13.03 0.31
C PRO I 65 -21.06 12.56 0.66
N GLY I 66 -20.28 12.30 -0.40
CA GLY I 66 -18.90 11.88 -0.27
C GLY I 66 -18.66 10.40 -0.10
N LEU I 67 -19.68 9.63 0.28
CA LEU I 67 -19.60 8.19 0.43
C LEU I 67 -20.33 7.53 -0.73
N GLY I 68 -20.08 6.24 -0.89
CA GLY I 68 -20.65 5.55 -2.03
C GLY I 68 -20.34 6.32 -3.31
N GLN I 69 -21.39 6.64 -4.06
CA GLN I 69 -21.21 7.31 -5.34
C GLN I 69 -21.76 8.74 -5.32
N SER I 70 -21.90 9.33 -4.14
CA SER I 70 -22.33 10.71 -4.01
C SER I 70 -21.14 11.65 -3.93
N GLU I 71 -21.24 12.79 -4.60
CA GLU I 71 -20.19 13.80 -4.53
C GLU I 71 -20.08 14.34 -3.10
N PRO I 72 -18.90 14.80 -2.72
CA PRO I 72 -18.74 15.42 -1.39
C PRO I 72 -19.65 16.63 -1.27
N PRO I 73 -20.00 17.04 -0.05
CA PRO I 73 -20.79 18.27 0.09
C PRO I 73 -19.98 19.51 -0.26
N LYS I 74 -20.67 20.55 -0.71
CA LYS I 74 -19.97 21.81 -0.94
C LYS I 74 -19.97 22.69 0.29
N THR I 75 -20.95 22.51 1.17
CA THR I 75 -21.02 23.34 2.38
C THR I 75 -20.11 22.80 3.48
N GLY I 76 -20.46 21.66 4.04
CA GLY I 76 -19.67 21.08 5.10
C GLY I 76 -20.22 19.73 5.50
N TYR I 77 -19.64 19.16 6.56
CA TYR I 77 -20.04 17.84 7.00
C TYR I 77 -20.82 17.80 8.31
N SER I 78 -21.14 18.94 8.91
CA SER I 78 -21.96 18.92 10.11
C SER I 78 -23.38 18.44 9.78
N GLY I 79 -24.10 18.03 10.84
CA GLY I 79 -25.45 17.52 10.63
C GLY I 79 -26.37 18.50 9.94
N GLU I 80 -26.32 19.75 10.39
CA GLU I 80 -27.19 20.75 9.76
C GLU I 80 -26.88 20.89 8.28
N GLN I 81 -25.59 20.91 7.92
CA GLN I 81 -25.23 21.11 6.52
C GLN I 81 -25.62 19.92 5.67
N VAL I 82 -25.37 18.70 6.13
CA VAL I 82 -25.72 17.54 5.34
C VAL I 82 -27.23 17.36 5.28
N ALA I 83 -27.94 17.70 6.37
CA ALA I 83 -29.39 17.54 6.39
C ALA I 83 -30.03 18.30 5.25
N VAL I 84 -29.43 19.43 4.84
CA VAL I 84 -29.99 20.24 3.76
C VAL I 84 -30.07 19.44 2.46
N TYR I 85 -29.02 18.66 2.15
CA TYR I 85 -29.01 17.90 0.90
C TYR I 85 -30.06 16.79 0.91
N LEU I 86 -30.19 16.09 2.03
CA LEU I 86 -31.16 14.99 2.12
C LEU I 86 -32.59 15.50 2.10
N HIS I 87 -32.86 16.62 2.76
CA HIS I 87 -34.20 17.20 2.75
C HIS I 87 -34.63 17.60 1.34
N LYS I 88 -33.78 18.36 0.64
CA LYS I 88 -34.18 18.80 -0.70
C LYS I 88 -34.33 17.62 -1.65
N LEU I 89 -33.45 16.63 -1.55
CA LEU I 89 -33.57 15.44 -2.38
C LEU I 89 -34.92 14.75 -2.17
N ALA I 90 -35.29 14.50 -0.91
CA ALA I 90 -36.56 13.82 -0.65
C ALA I 90 -37.74 14.68 -1.08
N ARG I 91 -37.71 15.98 -0.78
CA ARG I 91 -38.78 16.87 -1.19
C ARG I 91 -38.89 16.99 -2.71
N GLN I 92 -37.87 16.59 -3.43
CA GLN I 92 -37.94 16.67 -4.87
C GLN I 92 -38.75 15.54 -5.44
N PHE I 93 -39.01 14.51 -4.65
CA PHE I 93 -39.85 13.41 -5.07
C PHE I 93 -41.20 13.39 -4.38
N SER I 94 -41.33 14.10 -3.26
CA SER I 94 -42.58 14.21 -2.51
C SER I 94 -42.74 15.67 -2.12
N PRO I 95 -42.99 16.55 -3.10
CA PRO I 95 -43.04 17.98 -2.78
C PRO I 95 -44.32 18.45 -2.09
N ASP I 96 -45.41 17.69 -2.17
CA ASP I 96 -46.69 18.13 -1.62
C ASP I 96 -47.16 17.36 -0.40
N ARG I 97 -46.62 16.17 -0.14
CA ARG I 97 -47.05 15.41 1.01
C ARG I 97 -45.86 15.06 1.89
N PRO I 98 -46.08 14.84 3.19
CA PRO I 98 -44.99 14.39 4.06
C PRO I 98 -44.49 13.02 3.64
N PHE I 99 -43.24 12.72 4.02
CA PHE I 99 -42.63 11.44 3.74
C PHE I 99 -42.14 10.81 5.04
N ASP I 100 -41.79 9.53 4.96
CA ASP I 100 -41.29 8.78 6.09
C ASP I 100 -39.78 8.71 5.99
N LEU I 101 -39.13 8.55 7.13
CA LEU I 101 -37.68 8.54 7.21
C LEU I 101 -37.20 7.39 8.08
N VAL I 102 -36.35 6.55 7.53
CA VAL I 102 -35.62 5.53 8.27
C VAL I 102 -34.14 5.83 8.15
N ALA I 103 -33.45 5.91 9.27
CA ALA I 103 -32.04 6.23 9.26
C ALA I 103 -31.29 5.31 10.22
N HIS I 104 -30.02 5.08 9.88
CA HIS I 104 -29.16 4.18 10.63
C HIS I 104 -27.79 4.81 10.79
N ASP I 105 -27.22 4.68 11.97
CA ASP I 105 -25.83 5.08 12.26
C ASP I 105 -25.73 6.59 12.05
N ILE I 106 -24.69 7.09 11.35
CA ILE I 106 -24.55 8.52 11.11
C ILE I 106 -25.63 9.06 10.19
N GLY I 107 -26.45 8.17 9.61
CA GLY I 107 -27.67 8.64 8.97
C GLY I 107 -28.56 9.42 9.91
N ILE I 108 -28.53 9.09 11.20
CA ILE I 108 -29.27 9.86 12.19
C ILE I 108 -28.67 11.25 12.32
N TRP I 109 -27.32 11.31 12.43
CA TRP I 109 -26.63 12.58 12.58
C TRP I 109 -27.00 13.54 11.47
N ASN I 110 -27.13 13.03 10.25
CA ASN I 110 -27.33 13.88 9.08
C ASN I 110 -28.78 14.04 8.70
N THR I 111 -29.71 13.56 9.52
CA THR I 111 -31.12 13.81 9.23
C THR I 111 -31.85 14.52 10.36
N TYR I 112 -31.46 14.31 11.61
CA TYR I 112 -32.12 14.97 12.74
C TYR I 112 -32.29 16.47 12.55
N PRO I 113 -31.29 17.24 12.10
CA PRO I 113 -31.54 18.68 11.88
C PRO I 113 -32.66 18.95 10.89
N MET I 114 -32.82 18.10 9.88
CA MET I 114 -33.91 18.26 8.94
C MET I 114 -35.25 17.92 9.57
N VAL I 115 -35.29 16.88 10.39
CA VAL I 115 -36.55 16.46 10.99
C VAL I 115 -37.06 17.53 11.94
N VAL I 116 -36.19 18.04 12.81
CA VAL I 116 -36.65 18.99 13.81
C VAL I 116 -37.02 20.33 13.19
N LYS I 117 -36.40 20.72 12.07
CA LYS I 117 -36.74 22.00 11.47
C LYS I 117 -37.94 21.96 10.53
N ASN I 118 -38.34 20.78 10.07
CA ASN I 118 -39.45 20.65 9.13
C ASN I 118 -40.36 19.54 9.61
N GLN I 119 -40.82 19.66 10.85
CA GLN I 119 -41.58 18.56 11.45
C GLN I 119 -42.81 18.21 10.62
N ALA I 120 -43.41 19.20 9.96
CA ALA I 120 -44.57 18.92 9.13
C ALA I 120 -44.23 18.02 7.95
N ASP I 121 -42.98 18.05 7.49
CA ASP I 121 -42.55 17.26 6.35
C ASP I 121 -42.28 15.78 6.69
N ILE I 122 -42.21 15.42 7.97
CA ILE I 122 -41.89 14.05 8.39
C ILE I 122 -43.14 13.42 8.97
N ALA I 123 -43.65 12.39 8.27
CA ALA I 123 -44.85 11.69 8.70
C ALA I 123 -44.55 10.71 9.83
N ARG I 124 -43.60 9.83 9.59
CA ARG I 124 -43.18 8.85 10.57
C ARG I 124 -41.66 8.86 10.64
N LEU I 125 -41.08 8.47 11.78
CA LEU I 125 -39.64 8.49 12.00
C LEU I 125 -39.20 7.15 12.56
N VAL I 126 -38.22 6.52 11.91
CA VAL I 126 -37.58 5.33 12.42
C VAL I 126 -36.09 5.59 12.55
N TYR I 127 -35.58 5.52 13.77
CA TYR I 127 -34.17 5.73 14.06
C TYR I 127 -33.64 4.42 14.63
N MET I 128 -32.45 4.02 14.17
CA MET I 128 -31.84 2.78 14.67
C MET I 128 -30.33 2.95 14.82
N GLU I 129 -29.81 2.50 15.97
CA GLU I 129 -28.40 2.20 16.20
C GLU I 129 -27.48 3.39 15.95
N ALA I 130 -27.68 4.44 16.70
CA ALA I 130 -26.79 5.59 16.78
C ALA I 130 -27.32 6.58 17.80
N PRO I 131 -26.44 7.20 18.57
CA PRO I 131 -26.87 8.33 19.38
C PRO I 131 -27.07 9.55 18.51
N ILE I 132 -28.08 10.34 18.83
CA ILE I 132 -28.13 11.70 18.31
C ILE I 132 -26.95 12.48 18.88
N PRO I 133 -26.22 13.24 18.07
CA PRO I 133 -25.07 13.96 18.64
C PRO I 133 -25.46 14.95 19.73
N ASP I 134 -25.10 14.67 20.97
CA ASP I 134 -25.27 15.65 22.05
C ASP I 134 -24.27 15.35 23.16
N ALA I 135 -24.40 16.07 24.27
CA ALA I 135 -23.38 15.99 25.33
C ALA I 135 -23.28 14.60 25.97
N ARG I 136 -24.28 13.74 25.79
N ARG I 136 -24.25 13.73 25.76
CA ARG I 136 -24.19 12.38 26.28
CA ARG I 136 -24.17 12.38 26.31
C ARG I 136 -22.95 11.66 25.76
C ARG I 136 -23.02 11.57 25.71
N ILE I 137 -22.58 11.91 24.49
CA ILE I 137 -21.48 11.16 23.88
C ILE I 137 -20.13 11.46 24.53
N TYR I 138 -19.99 12.59 25.22
CA TYR I 138 -18.75 12.91 25.91
C TYR I 138 -18.56 12.07 27.17
N ARG I 139 -19.51 11.19 27.50
CA ARG I 139 -19.41 10.31 28.64
C ARG I 139 -19.18 8.84 28.28
N PHE I 140 -19.22 8.48 27.01
CA PHE I 140 -18.87 7.10 26.64
C PHE I 140 -17.44 6.82 27.08
N PRO I 141 -17.16 5.67 27.71
CA PRO I 141 -15.81 5.42 28.20
C PRO I 141 -14.82 5.11 27.07
N ALA I 142 -13.57 5.53 27.27
CA ALA I 142 -12.51 5.22 26.33
C ALA I 142 -12.07 3.76 26.41
N PHE I 143 -12.24 3.11 27.56
CA PHE I 143 -11.72 1.78 27.81
C PHE I 143 -12.63 1.12 28.84
N THR I 144 -12.83 -0.19 28.73
CA THR I 144 -13.78 -0.85 29.61
C THR I 144 -13.17 -2.09 30.24
N ALA I 145 -13.82 -2.57 31.31
CA ALA I 145 -13.41 -3.82 31.95
C ALA I 145 -13.60 -5.00 31.02
N GLN I 146 -14.36 -4.84 29.95
CA GLN I 146 -14.51 -5.86 28.93
C GLN I 146 -13.44 -5.76 27.85
N GLY I 147 -12.55 -4.77 27.93
CA GLY I 147 -11.57 -4.61 26.89
C GLY I 147 -11.86 -3.37 26.05
N GLU I 148 -11.51 -3.47 24.77
CA GLU I 148 -11.65 -2.35 23.84
C GLU I 148 -13.07 -1.83 23.84
N SER I 149 -13.24 -0.52 24.01
CA SER I 149 -14.60 -0.04 23.82
C SER I 149 -14.91 0.06 22.33
N LEU I 150 -16.17 0.33 22.03
CA LEU I 150 -16.61 0.39 20.66
C LEU I 150 -16.76 1.82 20.16
N VAL I 151 -16.32 2.80 20.98
CA VAL I 151 -16.52 4.19 20.61
C VAL I 151 -15.22 4.98 20.53
N TRP I 152 -14.07 4.36 20.72
CA TRP I 152 -12.81 5.07 20.61
C TRP I 152 -12.56 5.60 19.20
N HIS I 153 -13.17 4.99 18.19
CA HIS I 153 -13.01 5.54 16.85
C HIS I 153 -13.49 6.99 16.74
N PHE I 154 -14.42 7.42 17.60
CA PHE I 154 -14.79 8.84 17.62
C PHE I 154 -13.55 9.73 17.65
N SER I 155 -12.64 9.46 18.58
CA SER I 155 -11.47 10.29 18.72
C SER I 155 -10.49 10.02 17.58
N PHE I 156 -10.35 8.74 17.21
CA PHE I 156 -9.48 8.36 16.11
C PHE I 156 -9.88 9.05 14.81
N PHE I 157 -11.17 8.99 14.44
CA PHE I 157 -11.58 9.60 13.19
C PHE I 157 -11.52 11.12 13.25
N ALA I 158 -11.80 11.68 14.43
CA ALA I 158 -11.79 13.13 14.48
C ALA I 158 -10.40 13.72 14.66
N ALA I 159 -9.41 12.88 14.97
CA ALA I 159 -8.10 13.41 15.30
C ALA I 159 -7.51 14.19 14.13
N ASP I 160 -6.78 15.24 14.47
CA ASP I 160 -6.07 16.08 13.49
C ASP I 160 -4.82 15.35 12.98
N ASP I 161 -4.02 16.04 12.17
CA ASP I 161 -2.79 15.49 11.62
C ASP I 161 -3.09 14.36 10.64
N ARG I 162 -4.32 14.30 10.15
CA ARG I 162 -4.75 13.27 9.20
C ARG I 162 -4.40 11.88 9.73
N LEU I 163 -4.61 11.68 11.02
CA LEU I 163 -4.15 10.45 11.64
C LEU I 163 -4.82 9.23 11.02
N ALA I 164 -6.14 9.28 10.87
CA ALA I 164 -6.88 8.11 10.40
C ALA I 164 -6.56 7.81 8.94
N GLU I 165 -6.52 8.83 8.06
CA GLU I 165 -6.12 8.58 6.68
C GLU I 165 -4.73 7.96 6.59
N THR I 166 -3.77 8.47 7.37
CA THR I 166 -2.41 7.94 7.29
C THR I 166 -2.31 6.52 7.84
N LEU I 167 -3.00 6.23 8.94
CA LEU I 167 -2.89 4.87 9.46
C LEU I 167 -3.67 3.87 8.62
N ILE I 168 -4.78 4.29 8.00
CA ILE I 168 -5.66 3.36 7.32
C ILE I 168 -5.29 3.19 5.85
N ALA I 169 -4.67 4.19 5.22
CA ALA I 169 -4.24 4.07 3.82
C ALA I 169 -3.45 2.80 3.62
N GLY I 170 -3.82 2.03 2.58
CA GLY I 170 -3.25 0.73 2.33
C GLY I 170 -3.84 -0.39 3.16
N LYS I 171 -4.71 -0.09 4.13
CA LYS I 171 -5.26 -1.12 4.98
C LYS I 171 -6.77 -0.97 5.15
N GLU I 172 -7.46 -0.38 4.16
CA GLU I 172 -8.87 -0.04 4.30
C GLU I 172 -9.72 -1.29 4.51
N ARG I 173 -9.42 -2.35 3.76
CA ARG I 173 -10.13 -3.61 3.88
C ARG I 173 -9.90 -4.24 5.25
N PHE I 174 -8.65 -4.26 5.69
CA PHE I 174 -8.33 -4.80 7.00
C PHE I 174 -9.01 -3.99 8.09
N PHE I 175 -8.96 -2.66 7.99
CA PHE I 175 -9.54 -1.86 9.05
C PHE I 175 -11.05 -1.99 9.10
N LEU I 176 -11.71 -1.93 7.94
CA LEU I 176 -13.16 -1.99 7.92
C LEU I 176 -13.68 -3.34 8.42
N GLU I 177 -12.96 -4.42 8.08
CA GLU I 177 -13.34 -5.72 8.59
C GLU I 177 -13.25 -5.76 10.10
N HIS I 178 -12.18 -5.23 10.69
CA HIS I 178 -12.14 -5.19 12.14
C HIS I 178 -13.24 -4.30 12.68
N PHE I 179 -13.51 -3.21 12.01
CA PHE I 179 -14.50 -2.26 12.50
C PHE I 179 -15.91 -2.85 12.47
N ILE I 180 -16.26 -3.47 11.34
CA ILE I 180 -17.60 -4.00 11.21
C ILE I 180 -17.81 -5.15 12.17
N LYS I 181 -16.85 -6.08 12.22
CA LYS I 181 -17.02 -7.27 13.04
C LYS I 181 -16.94 -6.95 14.54
N SER I 182 -16.14 -5.96 14.93
CA SER I 182 -16.10 -5.68 16.35
C SER I 182 -17.39 -5.04 16.84
N HIS I 183 -18.21 -4.49 15.95
CA HIS I 183 -19.49 -3.91 16.31
C HIS I 183 -20.64 -4.85 16.06
N ALA I 184 -20.38 -6.07 15.58
CA ALA I 184 -21.45 -6.98 15.22
C ALA I 184 -21.65 -8.07 16.27
N SER I 185 -22.88 -8.53 16.41
CA SER I 185 -23.13 -9.80 17.08
C SER I 185 -23.10 -10.94 16.08
N ASN I 186 -23.63 -10.75 14.88
CA ASN I 186 -23.59 -11.78 13.83
C ASN I 186 -22.55 -11.40 12.77
N THR I 187 -21.33 -11.91 12.92
CA THR I 187 -20.29 -11.66 11.93
C THR I 187 -20.48 -12.51 10.68
N GLU I 188 -21.17 -13.64 10.76
CA GLU I 188 -21.23 -14.53 9.60
C GLU I 188 -22.00 -13.90 8.45
N VAL I 189 -22.84 -12.90 8.73
CA VAL I 189 -23.57 -12.23 7.66
C VAL I 189 -22.70 -11.29 6.85
N PHE I 190 -21.50 -10.96 7.36
CA PHE I 190 -20.55 -10.12 6.64
C PHE I 190 -19.56 -11.04 5.94
N SER I 191 -19.99 -11.54 4.80
CA SER I 191 -19.18 -12.44 3.99
C SER I 191 -17.98 -11.70 3.44
N GLU I 192 -16.96 -12.47 3.05
CA GLU I 192 -15.81 -11.88 2.39
C GLU I 192 -16.24 -11.11 1.15
N ARG I 193 -17.31 -11.54 0.51
CA ARG I 193 -17.77 -10.86 -0.67
C ARG I 193 -18.38 -9.54 -0.36
N LEU I 194 -19.23 -9.49 0.65
CA LEU I 194 -19.87 -8.24 1.01
C LEU I 194 -18.86 -7.24 1.59
N LEU I 195 -17.92 -7.72 2.40
CA LEU I 195 -16.90 -6.84 2.97
C LEU I 195 -16.06 -6.21 1.87
N ASP I 196 -15.79 -6.97 0.81
CA ASP I 196 -15.02 -6.43 -0.30
C ASP I 196 -15.74 -5.29 -0.96
N LEU I 197 -17.05 -5.44 -1.18
CA LEU I 197 -17.82 -4.39 -1.83
C LEU I 197 -17.73 -3.09 -1.02
N TYR I 198 -18.00 -3.16 0.28
CA TYR I 198 -17.93 -1.95 1.10
C TYR I 198 -16.50 -1.42 1.20
N ALA I 199 -15.52 -2.29 1.33
CA ALA I 199 -14.15 -1.82 1.48
C ALA I 199 -13.67 -1.06 0.25
N ARG I 200 -14.01 -1.52 -0.95
N ARG I 200 -14.04 -1.53 -0.94
CA ARG I 200 -13.60 -0.83 -2.17
CA ARG I 200 -13.58 -0.86 -2.16
C ARG I 200 -14.28 0.51 -2.30
C ARG I 200 -14.29 0.46 -2.37
N SER I 201 -15.55 0.57 -1.94
CA SER I 201 -16.29 1.82 -2.05
C SER I 201 -15.63 2.93 -1.23
N TYR I 202 -15.43 2.71 0.07
CA TYR I 202 -14.96 3.78 0.94
C TYR I 202 -13.43 3.95 0.89
N ALA I 203 -12.72 3.07 0.19
CA ALA I 203 -11.29 3.27 0.03
C ALA I 203 -10.97 4.29 -1.05
N LYS I 204 -11.95 4.69 -1.88
CA LYS I 204 -11.72 5.81 -2.78
C LYS I 204 -11.25 7.00 -1.95
N PRO I 205 -10.16 7.66 -2.35
CA PRO I 205 -9.56 8.68 -1.47
C PRO I 205 -10.55 9.75 -1.00
N HIS I 206 -11.44 10.21 -1.87
CA HIS I 206 -12.39 11.21 -1.39
C HIS I 206 -13.43 10.62 -0.46
N SER I 207 -13.72 9.31 -0.56
CA SER I 207 -14.71 8.70 0.32
C SER I 207 -14.12 8.37 1.68
N LEU I 208 -12.87 7.87 1.71
CA LEU I 208 -12.19 7.66 2.98
C LEU I 208 -12.10 8.95 3.76
N ASN I 209 -11.69 10.01 3.09
CA ASN I 209 -11.56 11.29 3.75
C ASN I 209 -12.91 11.81 4.19
N ALA I 210 -13.93 11.70 3.32
CA ALA I 210 -15.27 12.15 3.68
C ALA I 210 -15.80 11.44 4.93
N SER I 211 -15.60 10.15 5.01
CA SER I 211 -15.99 9.41 6.18
C SER I 211 -15.51 10.04 7.46
N PHE I 212 -14.26 10.47 7.49
CA PHE I 212 -13.71 11.02 8.71
C PHE I 212 -14.13 12.47 8.92
N GLU I 213 -14.42 13.21 7.84
CA GLU I 213 -14.92 14.57 8.02
C GLU I 213 -16.24 14.57 8.80
N TYR I 214 -17.06 13.52 8.64
CA TYR I 214 -18.28 13.43 9.43
C TYR I 214 -17.98 13.42 10.92
N TYR I 215 -16.99 12.68 11.32
CA TYR I 215 -16.59 12.69 12.71
C TYR I 215 -15.89 13.98 13.08
N ARG I 216 -15.20 14.59 12.13
CA ARG I 216 -14.55 15.86 12.44
C ARG I 216 -15.56 16.97 12.63
N ALA I 217 -16.79 16.79 12.16
CA ALA I 217 -17.82 17.78 12.35
C ALA I 217 -18.66 17.49 13.58
N LEU I 218 -18.37 16.41 14.28
CA LEU I 218 -19.28 15.93 15.31
C LEU I 218 -19.43 16.95 16.44
N ASN I 219 -18.32 17.59 16.86
CA ASN I 219 -18.43 18.62 17.89
C ASN I 219 -19.30 19.78 17.42
N GLU I 220 -19.15 20.16 16.15
CA GLU I 220 -20.04 21.17 15.58
C GLU I 220 -21.49 20.69 15.64
N SER I 221 -21.73 19.44 15.22
CA SER I 221 -23.07 18.90 15.25
C SER I 221 -23.64 18.88 16.66
N VAL I 222 -22.81 18.57 17.66
CA VAL I 222 -23.28 18.63 19.04
C VAL I 222 -23.73 20.03 19.39
N ARG I 223 -22.94 21.05 19.03
CA ARG I 223 -23.35 22.42 19.29
C ARG I 223 -24.63 22.78 18.55
N GLN I 224 -24.75 22.33 17.30
CA GLN I 224 -25.96 22.62 16.53
C GLN I 224 -27.18 22.01 17.18
N ASN I 225 -27.07 20.75 17.59
CA ASN I 225 -28.20 20.04 18.19
C ASN I 225 -28.60 20.58 19.54
N ALA I 226 -27.69 21.23 20.26
CA ALA I 226 -28.08 21.81 21.54
C ALA I 226 -29.14 22.89 21.35
N GLU I 227 -29.06 23.65 20.26
CA GLU I 227 -30.06 24.67 20.01
C GLU I 227 -31.34 24.04 19.46
N LEU I 228 -31.19 23.19 18.44
CA LEU I 228 -32.35 22.55 17.81
C LEU I 228 -33.21 21.78 18.80
N ALA I 229 -32.58 21.06 19.75
CA ALA I 229 -33.33 20.16 20.62
C ALA I 229 -34.33 20.89 21.52
N LYS I 230 -34.31 22.22 21.51
CA LYS I 230 -35.33 22.98 22.23
C LYS I 230 -36.73 22.75 21.68
N THR I 231 -36.84 22.24 20.46
CA THR I 231 -38.13 21.84 19.89
C THR I 231 -38.18 20.33 19.91
N ARG I 232 -39.07 19.78 20.71
CA ARG I 232 -39.16 18.32 20.77
C ARG I 232 -39.89 17.80 19.54
N LEU I 233 -39.62 16.55 19.20
CA LEU I 233 -40.21 15.95 18.01
C LEU I 233 -41.58 15.36 18.36
N GLN I 234 -42.60 15.79 17.64
CA GLN I 234 -43.96 15.37 17.96
C GLN I 234 -44.52 14.30 17.04
N MET I 235 -43.89 14.02 15.89
CA MET I 235 -44.43 12.99 15.04
C MET I 235 -44.18 11.61 15.65
N PRO I 236 -44.91 10.59 15.21
CA PRO I 236 -44.65 9.24 15.72
C PRO I 236 -43.27 8.75 15.34
N THR I 237 -42.61 8.11 16.31
CA THR I 237 -41.22 7.72 16.19
C THR I 237 -41.02 6.32 16.75
N MET I 238 -40.12 5.56 16.15
CA MET I 238 -39.75 4.25 16.67
C MET I 238 -38.23 4.17 16.68
N THR I 239 -37.69 3.58 17.75
CA THR I 239 -36.24 3.39 17.88
C THR I 239 -35.93 1.90 17.94
N LEU I 240 -34.94 1.48 17.17
CA LEU I 240 -34.50 0.09 17.11
C LEU I 240 -33.06 0.07 17.59
N ALA I 241 -32.69 -0.99 18.30
CA ALA I 241 -31.33 -1.11 18.83
C ALA I 241 -31.03 -2.58 19.03
N GLY I 242 -29.76 -2.93 18.85
CA GLY I 242 -29.35 -4.27 19.19
C GLY I 242 -29.14 -4.42 20.69
N GLY I 243 -29.52 -5.60 21.20
CA GLY I 243 -29.24 -5.94 22.58
C GLY I 243 -28.05 -6.85 22.76
N GLY I 244 -27.42 -7.29 21.67
CA GLY I 244 -26.23 -8.10 21.76
C GLY I 244 -24.98 -7.23 21.69
N HIS I 245 -23.83 -7.91 21.72
CA HIS I 245 -22.55 -7.23 21.61
C HIS I 245 -22.55 -6.26 20.45
N GLY I 246 -22.14 -5.02 20.71
CA GLY I 246 -22.06 -4.02 19.68
C GLY I 246 -23.33 -3.21 19.46
N GLY I 247 -24.45 -3.62 20.06
CA GLY I 247 -25.68 -2.87 19.93
C GLY I 247 -25.76 -1.70 20.89
N MET I 248 -26.69 -0.79 20.61
CA MET I 248 -26.87 0.40 21.43
C MET I 248 -27.53 0.08 22.77
N GLY I 249 -28.34 -0.99 22.81
CA GLY I 249 -29.03 -1.35 24.03
C GLY I 249 -30.13 -0.36 24.38
N THR I 250 -30.33 -0.18 25.70
CA THR I 250 -31.38 0.71 26.20
C THR I 250 -31.12 2.18 25.89
N PHE I 251 -29.87 2.54 25.55
CA PHE I 251 -29.53 3.94 25.34
C PHE I 251 -30.34 4.54 24.20
N GLN I 252 -30.56 3.76 23.15
CA GLN I 252 -31.26 4.29 21.98
C GLN I 252 -32.62 4.88 22.39
N LEU I 253 -33.46 4.07 23.06
CA LEU I 253 -34.78 4.57 23.46
C LEU I 253 -34.67 5.63 24.55
N GLU I 254 -33.79 5.44 25.54
CA GLU I 254 -33.73 6.42 26.63
C GLU I 254 -33.37 7.80 26.09
N GLN I 255 -32.38 7.88 25.19
CA GLN I 255 -32.01 9.18 24.65
C GLN I 255 -33.14 9.78 23.82
N MET I 256 -33.81 8.96 23.00
CA MET I 256 -34.84 9.51 22.12
C MET I 256 -35.98 10.12 22.92
N LYS I 257 -36.21 9.62 24.14
CA LYS I 257 -37.31 10.16 24.95
C LYS I 257 -37.08 11.63 25.30
N ALA I 258 -35.81 12.06 25.33
CA ALA I 258 -35.51 13.45 25.55
C ALA I 258 -35.75 14.30 24.31
N TYR I 259 -35.85 13.68 23.14
CA TYR I 259 -36.08 14.41 21.90
C TYR I 259 -37.50 14.29 21.39
N ALA I 260 -38.16 13.15 21.61
CA ALA I 260 -39.43 12.83 21.00
C ALA I 260 -40.49 12.55 22.07
N GLU I 261 -41.73 12.94 21.80
CA GLU I 261 -42.81 12.67 22.75
C GLU I 261 -43.54 11.36 22.45
N ASP I 262 -43.74 11.07 21.16
CA ASP I 262 -44.47 9.89 20.71
C ASP I 262 -43.38 8.98 20.14
N VAL I 263 -42.88 8.09 21.00
CA VAL I 263 -41.76 7.23 20.67
C VAL I 263 -42.01 5.84 21.24
N GLU I 264 -41.72 4.84 20.41
CA GLU I 264 -41.77 3.44 20.82
C GLU I 264 -40.41 2.81 20.51
N GLY I 265 -39.96 1.92 21.38
CA GLY I 265 -38.64 1.35 21.26
C GLY I 265 -38.67 -0.16 21.21
N HIS I 266 -37.66 -0.72 20.55
CA HIS I 266 -37.44 -2.15 20.56
C HIS I 266 -35.95 -2.41 20.66
N VAL I 267 -35.59 -3.40 21.47
CA VAL I 267 -34.21 -3.85 21.61
C VAL I 267 -34.17 -5.29 21.13
N LEU I 268 -33.36 -5.55 20.10
CA LEU I 268 -33.36 -6.85 19.43
C LEU I 268 -32.28 -7.75 20.02
N PRO I 269 -32.63 -8.83 20.72
CA PRO I 269 -31.63 -9.66 21.38
C PRO I 269 -30.72 -10.36 20.38
N GLY I 270 -29.46 -10.51 20.77
CA GLY I 270 -28.54 -11.19 19.91
C GLY I 270 -28.11 -10.41 18.69
N CYS I 271 -28.46 -9.13 18.59
CA CYS I 271 -28.13 -8.30 17.44
C CYS I 271 -27.20 -7.20 17.88
N GLY I 272 -26.21 -6.92 17.04
CA GLY I 272 -25.23 -5.86 17.29
C GLY I 272 -25.60 -4.56 16.60
N HIS I 273 -24.58 -3.88 16.13
CA HIS I 273 -24.79 -2.54 15.58
C HIS I 273 -25.41 -2.58 14.19
N TRP I 274 -25.08 -3.57 13.38
CA TRP I 274 -25.62 -3.61 12.02
C TRP I 274 -26.97 -4.37 11.93
N LEU I 275 -28.06 -3.71 12.33
CA LEU I 275 -29.38 -4.35 12.32
C LEU I 275 -29.86 -4.77 10.94
N PRO I 276 -29.77 -3.93 9.89
CA PRO I 276 -30.28 -4.39 8.59
C PRO I 276 -29.61 -5.65 8.07
N GLU I 277 -28.33 -5.88 8.41
CA GLU I 277 -27.67 -7.09 7.96
C GLU I 277 -27.73 -8.21 8.98
N GLU I 278 -27.58 -7.89 10.26
CA GLU I 278 -27.47 -8.95 11.25
C GLU I 278 -28.82 -9.59 11.54
N CYS I 279 -29.88 -8.81 11.50
CA CYS I 279 -31.21 -9.25 11.94
C CYS I 279 -32.28 -8.70 11.00
N ALA I 280 -32.10 -8.94 9.69
CA ALA I 280 -32.97 -8.33 8.70
C ALA I 280 -34.44 -8.69 8.94
N ALA I 281 -34.75 -9.99 9.06
CA ALA I 281 -36.15 -10.41 9.12
C ALA I 281 -36.91 -9.75 10.25
N PRO I 282 -36.46 -9.80 11.51
CA PRO I 282 -37.19 -9.06 12.56
C PRO I 282 -37.19 -7.55 12.32
N MET I 283 -36.06 -7.00 11.87
CA MET I 283 -35.95 -5.55 11.70
C MET I 283 -36.86 -5.08 10.59
N ASN I 284 -36.85 -5.77 9.44
CA ASN I 284 -37.71 -5.40 8.34
C ASN I 284 -39.17 -5.44 8.77
N ARG I 285 -39.53 -6.47 9.50
CA ARG I 285 -40.86 -6.60 10.00
C ARG I 285 -41.24 -5.37 10.79
N LEU I 286 -40.48 -5.05 11.82
CA LEU I 286 -40.82 -3.91 12.67
C LEU I 286 -40.98 -2.64 11.86
N VAL I 287 -40.08 -2.40 10.92
CA VAL I 287 -40.10 -1.17 10.11
C VAL I 287 -41.34 -1.12 9.25
N ILE I 288 -41.64 -2.21 8.53
CA ILE I 288 -42.81 -2.26 7.66
C ILE I 288 -44.08 -2.11 8.50
N ASP I 289 -44.14 -2.80 9.63
CA ASP I 289 -45.34 -2.73 10.48
C ASP I 289 -45.54 -1.32 11.03
N PHE I 290 -44.47 -0.70 11.52
CA PHE I 290 -44.61 0.64 12.07
C PHE I 290 -45.02 1.64 11.00
N LEU I 291 -44.47 1.50 9.80
CA LEU I 291 -44.78 2.41 8.69
C LEU I 291 -46.16 2.19 8.16
N SER I 292 -46.71 0.99 8.32
CA SER I 292 -48.01 0.68 7.76
C SER I 292 -49.17 0.82 8.74
N ARG I 293 -49.46 2.04 9.19
CA ARG I 293 -50.68 2.25 9.96
C ARG I 293 -51.11 3.71 10.08
N ALA J 1 25.41 0.38 18.19
CA ALA J 1 24.00 0.07 18.16
C ALA J 1 23.32 0.45 19.46
N GLU J 2 24.04 1.11 20.38
CA GLU J 2 23.34 1.72 21.52
C GLU J 2 22.27 2.66 20.97
N GLU J 3 21.14 2.68 21.63
CA GLU J 3 20.03 3.46 21.10
C GLU J 3 20.02 4.92 21.53
N PHE J 4 20.69 5.29 22.62
CA PHE J 4 20.66 6.68 23.04
C PHE J 4 22.01 7.02 23.65
N PRO J 5 22.44 8.28 23.55
CA PRO J 5 23.76 8.63 24.10
C PRO J 5 23.75 8.58 25.61
N VAL J 6 24.70 7.84 26.16
CA VAL J 6 24.86 7.69 27.60
C VAL J 6 25.58 8.92 28.15
N PRO J 7 25.11 9.50 29.25
CA PRO J 7 25.77 10.69 29.79
C PRO J 7 27.11 10.34 30.40
N ASN J 8 27.98 11.35 30.44
CA ASN J 8 29.32 11.18 30.96
C ASN J 8 29.26 10.64 32.39
N GLY J 9 30.08 9.65 32.68
CA GLY J 9 30.12 9.02 33.98
C GLY J 9 29.16 7.86 34.17
N PHE J 10 28.43 7.46 33.14
CA PHE J 10 27.46 6.37 33.24
C PHE J 10 27.90 5.19 32.38
N GLU J 11 27.38 4.01 32.73
CA GLU J 11 27.67 2.80 32.00
C GLU J 11 26.37 2.15 31.55
N SER J 12 26.35 1.66 30.31
CA SER J 12 25.26 0.86 29.77
C SER J 12 25.61 -0.62 29.91
N ALA J 13 24.78 -1.37 30.62
CA ALA J 13 25.07 -2.77 30.88
C ALA J 13 23.78 -3.58 30.86
N TYR J 14 23.94 -4.90 30.94
CA TYR J 14 22.84 -5.85 30.93
C TYR J 14 22.95 -6.79 32.12
N ARG J 15 21.83 -7.44 32.42
CA ARG J 15 21.81 -8.35 33.56
C ARG J 15 20.64 -9.31 33.36
N GLU J 16 20.91 -10.62 33.44
CA GLU J 16 19.86 -11.62 33.24
C GLU J 16 19.08 -11.74 34.55
N VAL J 17 17.75 -11.65 34.45
CA VAL J 17 16.86 -11.62 35.61
C VAL J 17 15.68 -12.52 35.29
N ASP J 18 15.54 -13.64 36.00
CA ASP J 18 14.49 -14.62 35.74
C ASP J 18 14.44 -14.98 34.25
N GLY J 19 15.62 -15.26 33.69
CA GLY J 19 15.74 -15.69 32.31
C GLY J 19 15.64 -14.59 31.28
N VAL J 20 15.48 -13.34 31.71
CA VAL J 20 15.29 -12.20 30.83
C VAL J 20 16.49 -11.28 30.94
N LYS J 21 17.10 -10.93 29.80
CA LYS J 21 18.23 -10.01 29.75
C LYS J 21 17.70 -8.58 29.77
N LEU J 22 17.92 -7.87 30.86
CA LEU J 22 17.42 -6.52 31.00
C LEU J 22 18.52 -5.51 30.73
N HIS J 23 18.16 -4.44 30.03
CA HIS J 23 19.11 -3.35 29.80
C HIS J 23 18.85 -2.22 30.78
N TYR J 24 19.94 -1.65 31.30
CA TYR J 24 19.83 -0.55 32.25
C TYR J 24 21.02 0.36 32.05
N VAL J 25 20.90 1.58 32.57
CA VAL J 25 21.99 2.54 32.62
C VAL J 25 22.22 2.89 34.08
N LYS J 26 23.46 2.74 34.54
CA LYS J 26 23.79 2.85 35.96
C LYS J 26 24.92 3.86 36.12
N GLY J 27 24.90 4.58 37.23
CA GLY J 27 25.98 5.49 37.55
C GLY J 27 25.79 6.09 38.92
N GLY J 28 26.89 6.62 39.46
CA GLY J 28 26.85 7.29 40.75
C GLY J 28 27.22 6.37 41.90
N GLN J 29 27.25 6.96 43.09
CA GLN J 29 27.55 6.24 44.31
C GLN J 29 26.57 6.66 45.39
N GLY J 30 26.30 5.75 46.31
CA GLY J 30 25.42 6.04 47.41
C GLY J 30 24.20 5.15 47.43
N PRO J 31 23.14 5.61 48.10
CA PRO J 31 21.89 4.85 48.12
C PRO J 31 21.30 4.72 46.72
N LEU J 32 20.57 3.63 46.50
CA LEU J 32 20.06 3.29 45.19
C LEU J 32 18.74 4.01 44.93
N VAL J 33 18.63 4.63 43.77
CA VAL J 33 17.35 5.11 43.25
C VAL J 33 17.11 4.41 41.92
N MET J 34 15.92 3.86 41.72
CA MET J 34 15.55 3.31 40.43
C MET J 34 14.55 4.23 39.74
N LEU J 35 14.83 4.53 38.47
CA LEU J 35 13.97 5.34 37.61
C LEU J 35 13.36 4.46 36.53
N VAL J 36 12.02 4.41 36.47
CA VAL J 36 11.29 3.54 35.55
C VAL J 36 10.50 4.39 34.56
N HIS J 37 10.85 4.28 33.28
CA HIS J 37 10.27 5.07 32.21
C HIS J 37 8.91 4.51 31.78
N GLY J 38 8.24 5.21 30.86
CA GLY J 38 6.98 4.71 30.35
C GLY J 38 6.92 4.52 28.85
N PHE J 39 5.68 4.36 28.33
CA PHE J 39 5.49 4.06 26.91
C PHE J 39 5.89 5.24 26.03
N GLY J 40 6.41 4.92 24.83
CA GLY J 40 6.90 5.92 23.90
C GLY J 40 8.26 6.47 24.25
N GLN J 41 8.89 5.93 25.30
CA GLN J 41 10.19 6.38 25.77
C GLN J 41 11.03 5.17 26.16
N THR J 42 12.23 5.46 26.65
CA THR J 42 13.15 4.47 27.17
C THR J 42 13.77 5.08 28.41
N TRP J 43 14.80 4.41 28.93
CA TRP J 43 15.59 4.99 30.02
C TRP J 43 16.03 6.42 29.72
N TYR J 44 16.17 6.77 28.44
CA TYR J 44 16.77 8.06 28.06
C TYR J 44 15.96 9.26 28.54
N GLU J 45 14.66 9.09 28.83
CA GLU J 45 13.86 10.22 29.29
C GLU J 45 14.40 10.80 30.58
N TRP J 46 15.18 10.05 31.33
CA TRP J 46 15.77 10.48 32.59
C TRP J 46 17.17 11.06 32.44
N HIS J 47 17.66 11.26 31.21
CA HIS J 47 19.06 11.58 31.00
C HIS J 47 19.43 12.97 31.55
N GLN J 48 18.44 13.84 31.79
CA GLN J 48 18.72 15.12 32.44
C GLN J 48 18.70 15.01 33.96
N LEU J 49 17.85 14.16 34.53
CA LEU J 49 17.82 14.00 35.98
C LEU J 49 18.99 13.15 36.48
N MET J 50 19.42 12.16 35.70
CA MET J 50 20.44 11.22 36.16
C MET J 50 21.76 11.88 36.59
N PRO J 51 22.35 12.81 35.82
CA PRO J 51 23.62 13.40 36.28
C PRO J 51 23.48 14.24 37.53
N GLU J 52 22.26 14.69 37.86
CA GLU J 52 22.08 15.45 39.09
C GLU J 52 21.80 14.54 40.28
N LEU J 53 21.00 13.49 40.08
CA LEU J 53 20.80 12.52 41.14
C LEU J 53 22.08 11.77 41.47
N ALA J 54 22.96 11.59 40.48
CA ALA J 54 24.21 10.86 40.66
C ALA J 54 25.20 11.58 41.57
N LYS J 55 24.96 12.87 41.87
CA LYS J 55 25.79 13.58 42.81
C LYS J 55 25.53 13.10 44.24
N ARG J 56 24.34 12.56 44.51
CA ARG J 56 23.96 12.10 45.85
C ARG J 56 23.47 10.65 45.93
N PHE J 57 23.20 9.99 44.81
CA PHE J 57 22.66 8.64 44.84
C PHE J 57 23.36 7.81 43.77
N THR J 58 23.29 6.49 43.91
CA THR J 58 23.57 5.61 42.78
C THR J 58 22.26 5.39 42.02
N VAL J 59 22.27 5.71 40.73
CA VAL J 59 21.09 5.79 39.90
C VAL J 59 21.05 4.61 38.94
N ILE J 60 19.91 3.94 38.87
CA ILE J 60 19.65 2.89 37.90
C ILE J 60 18.39 3.24 37.12
N ALA J 61 18.48 3.17 35.80
CA ALA J 61 17.35 3.44 34.91
C ALA J 61 17.27 2.29 33.92
N PRO J 62 16.38 1.34 34.15
CA PRO J 62 16.23 0.23 33.20
C PRO J 62 15.26 0.56 32.07
N ASP J 63 15.40 -0.22 31.01
CA ASP J 63 14.42 -0.27 29.92
C ASP J 63 13.35 -1.29 30.30
N LEU J 64 12.09 -0.93 30.11
CA LEU J 64 11.04 -1.89 30.42
C LEU J 64 11.22 -3.14 29.56
N PRO J 65 10.85 -4.31 30.09
CA PRO J 65 10.98 -5.54 29.31
C PRO J 65 10.35 -5.43 27.92
N GLY J 66 11.14 -5.80 26.90
CA GLY J 66 10.67 -5.74 25.54
C GLY J 66 10.79 -4.38 24.88
N LEU J 67 10.98 -3.32 25.66
CA LEU J 67 11.15 -1.98 25.15
C LEU J 67 12.62 -1.57 25.24
N GLY J 68 12.97 -0.53 24.49
CA GLY J 68 14.36 -0.13 24.40
C GLY J 68 15.22 -1.31 24.04
N GLN J 69 16.22 -1.61 24.86
CA GLN J 69 17.14 -2.71 24.62
C GLN J 69 16.97 -3.86 25.62
N SER J 70 15.81 -3.92 26.31
CA SER J 70 15.48 -5.03 27.20
C SER J 70 14.66 -6.07 26.46
N GLU J 71 14.95 -7.34 26.73
CA GLU J 71 14.22 -8.46 26.16
C GLU J 71 12.77 -8.51 26.67
N PRO J 72 11.86 -9.12 25.90
CA PRO J 72 10.47 -9.26 26.36
C PRO J 72 10.39 -10.08 27.63
N PRO J 73 9.32 -9.91 28.42
CA PRO J 73 9.14 -10.78 29.59
C PRO J 73 8.79 -12.20 29.17
N LYS J 74 9.18 -13.16 30.01
CA LYS J 74 8.83 -14.53 29.71
C LYS J 74 7.51 -14.97 30.36
N THR J 75 7.11 -14.35 31.47
CA THR J 75 5.84 -14.71 32.09
C THR J 75 4.68 -14.02 31.39
N GLY J 76 4.62 -12.69 31.46
CA GLY J 76 3.57 -11.95 30.81
C GLY J 76 3.77 -10.46 31.00
N TYR J 77 2.77 -9.68 30.60
CA TYR J 77 2.87 -8.23 30.64
C TYR J 77 2.03 -7.56 31.73
N SER J 78 1.36 -8.31 32.60
CA SER J 78 0.61 -7.66 33.67
C SER J 78 1.58 -6.98 34.66
N GLY J 79 1.00 -6.03 35.43
CA GLY J 79 1.80 -5.27 36.38
C GLY J 79 2.51 -6.16 37.38
N GLU J 80 1.83 -7.18 37.92
CA GLU J 80 2.48 -8.09 38.85
C GLU J 80 3.63 -8.83 38.16
N GLN J 81 3.40 -9.26 36.93
CA GLN J 81 4.43 -10.07 36.28
C GLN J 81 5.66 -9.23 35.97
N VAL J 82 5.47 -8.02 35.44
CA VAL J 82 6.61 -7.18 35.12
C VAL J 82 7.27 -6.67 36.39
N ALA J 83 6.46 -6.46 37.43
CA ALA J 83 6.96 -5.99 38.71
C ALA J 83 8.04 -6.91 39.26
N VAL J 84 7.90 -8.20 39.01
CA VAL J 84 8.88 -9.18 39.49
C VAL J 84 10.25 -8.92 38.89
N TYR J 85 10.32 -8.61 37.59
CA TYR J 85 11.62 -8.37 36.96
C TYR J 85 12.30 -7.11 37.50
N LEU J 86 11.53 -6.02 37.67
CA LEU J 86 12.11 -4.77 38.17
C LEU J 86 12.49 -4.90 39.64
N HIS J 87 11.70 -5.65 40.40
CA HIS J 87 12.01 -5.90 41.80
C HIS J 87 13.35 -6.61 41.95
N LYS J 88 13.53 -7.72 41.22
CA LYS J 88 14.76 -8.50 41.36
C LYS J 88 15.96 -7.71 40.87
N LEU J 89 15.81 -6.97 39.76
CA LEU J 89 16.90 -6.15 39.26
C LEU J 89 17.36 -5.15 40.31
N ALA J 90 16.41 -4.43 40.93
CA ALA J 90 16.79 -3.44 41.93
C ALA J 90 17.44 -4.09 43.15
N ARG J 91 16.87 -5.17 43.65
CA ARG J 91 17.44 -5.85 44.80
C ARG J 91 18.85 -6.37 44.49
N GLN J 92 19.18 -6.52 43.20
CA GLN J 92 20.52 -6.98 42.89
C GLN J 92 21.58 -5.91 43.15
N PHE J 93 21.20 -4.63 43.19
CA PHE J 93 22.16 -3.56 43.44
C PHE J 93 21.98 -2.92 44.81
N SER J 94 20.85 -3.16 45.46
CA SER J 94 20.60 -2.71 46.82
C SER J 94 20.00 -3.87 47.60
N PRO J 95 20.76 -4.95 47.78
CA PRO J 95 20.22 -6.11 48.48
C PRO J 95 20.17 -5.93 49.97
N ASP J 96 20.88 -4.94 50.51
CA ASP J 96 21.07 -4.83 51.96
C ASP J 96 20.25 -3.73 52.61
N ARG J 97 19.93 -2.66 51.89
CA ARG J 97 19.08 -1.58 52.40
C ARG J 97 17.99 -1.31 51.37
N PRO J 98 16.88 -0.70 51.81
CA PRO J 98 15.82 -0.34 50.84
C PRO J 98 16.30 0.71 49.85
N PHE J 99 15.59 0.81 48.74
CA PHE J 99 15.91 1.74 47.69
C PHE J 99 14.73 2.66 47.41
N ASP J 100 15.01 3.69 46.62
CA ASP J 100 14.01 4.67 46.20
C ASP J 100 13.56 4.32 44.80
N LEU J 101 12.34 4.74 44.48
CA LEU J 101 11.73 4.39 43.20
C LEU J 101 11.06 5.64 42.64
N VAL J 102 11.43 6.00 41.42
CA VAL J 102 10.77 7.03 40.63
C VAL J 102 10.19 6.35 39.39
N ALA J 103 8.90 6.55 39.15
CA ALA J 103 8.27 5.94 37.98
C ALA J 103 7.37 6.95 37.30
N HIS J 104 7.22 6.78 35.98
CA HIS J 104 6.45 7.67 35.12
C HIS J 104 5.65 6.84 34.12
N ASP J 105 4.42 7.24 33.84
CA ASP J 105 3.60 6.66 32.73
C ASP J 105 3.39 5.16 33.07
N ILE J 106 3.53 4.23 32.12
CA ILE J 106 3.30 2.82 32.42
C ILE J 106 4.38 2.25 33.34
N GLY J 107 5.40 3.05 33.64
CA GLY J 107 6.32 2.69 34.71
C GLY J 107 5.63 2.54 36.05
N ILE J 108 4.54 3.28 36.26
CA ILE J 108 3.76 3.12 37.48
C ILE J 108 3.08 1.76 37.49
N TRP J 109 2.48 1.39 36.35
CA TRP J 109 1.78 0.12 36.23
C TRP J 109 2.65 -1.06 36.61
N ASN J 110 3.96 -1.00 36.26
CA ASN J 110 4.88 -2.11 36.39
C ASN J 110 5.73 -2.04 37.65
N THR J 111 5.42 -1.11 38.56
CA THR J 111 6.14 -1.05 39.83
C THR J 111 5.20 -1.09 41.03
N TYR J 112 3.98 -0.55 40.91
CA TYR J 112 3.05 -0.58 42.04
C TYR J 112 2.90 -1.97 42.66
N PRO J 113 2.67 -3.05 41.89
CA PRO J 113 2.56 -4.36 42.53
C PRO J 113 3.80 -4.78 43.31
N MET J 114 4.99 -4.37 42.85
CA MET J 114 6.21 -4.67 43.58
C MET J 114 6.29 -3.85 44.85
N VAL J 115 5.81 -2.61 44.81
CA VAL J 115 5.88 -1.73 45.96
C VAL J 115 5.01 -2.28 47.09
N VAL J 116 3.76 -2.61 46.76
CA VAL J 116 2.81 -2.97 47.81
C VAL J 116 3.18 -4.31 48.44
N LYS J 117 3.84 -5.19 47.69
CA LYS J 117 4.23 -6.51 48.18
C LYS J 117 5.55 -6.50 48.92
N ASN J 118 6.36 -5.46 48.76
CA ASN J 118 7.67 -5.41 49.41
C ASN J 118 7.88 -4.02 50.01
N GLN J 119 6.92 -3.59 50.84
CA GLN J 119 6.94 -2.20 51.31
C GLN J 119 8.21 -1.88 52.09
N ALA J 120 8.77 -2.87 52.78
CA ALA J 120 10.00 -2.64 53.54
C ALA J 120 11.17 -2.29 52.63
N ASP J 121 11.13 -2.75 51.37
CA ASP J 121 12.20 -2.49 50.42
C ASP J 121 12.14 -1.11 49.77
N ILE J 122 11.05 -0.37 49.91
CA ILE J 122 10.89 0.91 49.24
C ILE J 122 11.00 2.00 50.30
N ALA J 123 12.03 2.83 50.20
CA ALA J 123 12.24 3.90 51.20
C ALA J 123 11.35 5.11 50.96
N ARG J 124 11.47 5.67 49.77
CA ARG J 124 10.64 6.77 49.34
C ARG J 124 10.14 6.50 47.92
N LEU J 125 9.02 7.11 47.53
CA LEU J 125 8.38 6.81 46.24
C LEU J 125 7.99 8.11 45.54
N VAL J 126 8.39 8.23 44.28
CA VAL J 126 7.90 9.28 43.44
C VAL J 126 7.15 8.73 42.24
N TYR J 127 5.92 9.17 42.08
CA TYR J 127 5.07 8.74 40.98
C TYR J 127 4.63 9.97 40.19
N MET J 128 4.79 9.94 38.87
CA MET J 128 4.44 11.10 38.06
C MET J 128 3.64 10.66 36.84
N GLU J 129 2.53 11.35 36.60
CA GLU J 129 1.85 11.32 35.30
C GLU J 129 1.45 9.91 34.89
N ALA J 130 0.59 9.29 35.70
CA ALA J 130 -0.06 8.04 35.31
C ALA J 130 -1.07 7.58 36.35
N PRO J 131 -2.20 7.03 35.92
CA PRO J 131 -3.10 6.39 36.88
C PRO J 131 -2.57 5.03 37.27
N ILE J 132 -2.71 4.69 38.55
CA ILE J 132 -2.59 3.29 38.91
C ILE J 132 -3.75 2.54 38.29
N PRO J 133 -3.52 1.41 37.63
CA PRO J 133 -4.64 0.67 37.03
C PRO J 133 -5.69 0.25 38.04
N ASP J 134 -6.86 0.89 37.98
CA ASP J 134 -8.01 0.47 38.75
C ASP J 134 -9.27 0.93 38.02
N ALA J 135 -10.42 0.76 38.66
CA ALA J 135 -11.67 1.03 37.98
C ALA J 135 -11.82 2.50 37.59
N ARG J 136 -11.02 3.39 38.15
CA ARG J 136 -11.15 4.80 37.79
C ARG J 136 -10.86 5.03 36.31
N ILE J 137 -9.96 4.25 35.71
CA ILE J 137 -9.64 4.45 34.30
C ILE J 137 -10.80 4.08 33.37
N TYR J 138 -11.78 3.33 33.86
CA TYR J 138 -12.94 2.98 33.04
C TYR J 138 -13.90 4.15 32.87
N ARG J 139 -13.64 5.28 33.51
CA ARG J 139 -14.54 6.41 33.44
C ARG J 139 -13.96 7.50 32.56
N PHE J 140 -12.71 7.36 32.13
CA PHE J 140 -12.13 8.33 31.23
C PHE J 140 -12.93 8.38 29.94
N PRO J 141 -13.31 9.56 29.46
CA PRO J 141 -14.13 9.63 28.24
C PRO J 141 -13.36 9.29 26.98
N ALA J 142 -14.08 8.66 26.04
CA ALA J 142 -13.58 8.29 24.73
C ALA J 142 -13.45 9.45 23.77
N PHE J 143 -14.20 10.52 24.01
CA PHE J 143 -14.32 11.65 23.10
C PHE J 143 -14.74 12.83 23.94
N THR J 144 -14.27 14.02 23.59
CA THR J 144 -14.55 15.20 24.39
C THR J 144 -15.05 16.32 23.50
N ALA J 145 -15.68 17.31 24.14
CA ALA J 145 -16.09 18.53 23.45
C ALA J 145 -14.92 19.32 22.90
N GLN J 146 -13.70 19.03 23.34
CA GLN J 146 -12.48 19.60 22.80
C GLN J 146 -11.91 18.84 21.62
N GLY J 147 -12.49 17.70 21.25
CA GLY J 147 -11.93 16.88 20.18
C GLY J 147 -11.42 15.55 20.69
N GLU J 148 -10.40 15.00 20.03
CA GLU J 148 -9.88 13.69 20.40
C GLU J 148 -9.48 13.67 21.87
N SER J 149 -9.88 12.64 22.59
CA SER J 149 -9.35 12.52 23.95
C SER J 149 -7.91 12.02 23.87
N LEU J 150 -7.23 12.05 25.01
CA LEU J 150 -5.82 11.70 25.05
C LEU J 150 -5.60 10.28 25.54
N VAL J 151 -6.69 9.52 25.68
CA VAL J 151 -6.63 8.17 26.22
C VAL J 151 -7.30 7.14 25.34
N TRP J 152 -7.79 7.49 24.16
CA TRP J 152 -8.42 6.48 23.32
C TRP J 152 -7.46 5.38 22.91
N HIS J 153 -6.15 5.64 22.96
CA HIS J 153 -5.17 4.61 22.63
C HIS J 153 -5.27 3.38 23.54
N PHE J 154 -5.83 3.52 24.75
CA PHE J 154 -6.13 2.37 25.60
C PHE J 154 -6.86 1.29 24.83
N SER J 155 -7.94 1.65 24.15
CA SER J 155 -8.70 0.67 23.39
C SER J 155 -8.01 0.32 22.08
N PHE J 156 -7.43 1.31 21.40
CA PHE J 156 -6.68 1.06 20.16
C PHE J 156 -5.55 0.07 20.41
N PHE J 157 -4.76 0.31 21.46
CA PHE J 157 -3.64 -0.59 21.74
C PHE J 157 -4.10 -1.95 22.19
N ALA J 158 -5.23 -1.98 22.92
CA ALA J 158 -5.79 -3.20 23.47
C ALA J 158 -6.54 -4.05 22.44
N ALA J 159 -6.99 -3.43 21.35
CA ALA J 159 -7.77 -4.17 20.36
C ALA J 159 -7.15 -5.49 19.92
N ASP J 160 -8.02 -6.47 19.65
CA ASP J 160 -7.54 -7.77 19.19
C ASP J 160 -7.07 -7.70 17.74
N ASP J 161 -6.62 -8.85 17.26
CA ASP J 161 -6.28 -9.02 15.86
C ASP J 161 -5.07 -8.18 15.45
N ARG J 162 -4.22 -7.78 16.41
CA ARG J 162 -3.02 -6.99 16.13
C ARG J 162 -3.34 -5.69 15.38
N LEU J 163 -4.47 -5.07 15.72
CA LEU J 163 -4.92 -3.91 14.94
C LEU J 163 -3.85 -2.81 14.94
N ALA J 164 -3.33 -2.48 16.13
CA ALA J 164 -2.40 -1.38 16.26
C ALA J 164 -1.06 -1.69 15.57
N GLU J 165 -0.49 -2.88 15.79
CA GLU J 165 0.72 -3.23 15.06
C GLU J 165 0.50 -3.16 13.56
N THR J 166 -0.65 -3.64 13.10
CA THR J 166 -0.87 -3.68 11.67
C THR J 166 -0.94 -2.28 11.07
N LEU J 167 -1.60 -1.34 11.74
CA LEU J 167 -1.73 0.01 11.20
C LEU J 167 -0.47 0.84 11.40
N ILE J 168 0.26 0.62 12.49
CA ILE J 168 1.36 1.51 12.84
C ILE J 168 2.72 1.05 12.28
N ALA J 169 2.91 -0.25 12.04
CA ALA J 169 4.20 -0.73 11.53
C ALA J 169 4.58 -0.01 10.25
N GLY J 170 5.80 0.50 10.22
CA GLY J 170 6.30 1.29 9.09
C GLY J 170 5.94 2.75 9.16
N LYS J 171 5.12 3.15 10.13
CA LYS J 171 4.66 4.52 10.31
C LYS J 171 4.93 4.99 11.74
N GLU J 172 5.91 4.39 12.41
CA GLU J 172 6.16 4.69 13.83
C GLU J 172 6.53 6.15 14.02
N ARG J 173 7.36 6.69 13.14
CA ARG J 173 7.78 8.08 13.30
C ARG J 173 6.61 9.04 13.18
N PHE J 174 5.74 8.81 12.20
CA PHE J 174 4.54 9.63 12.08
C PHE J 174 3.65 9.46 13.32
N PHE J 175 3.42 8.21 13.74
CA PHE J 175 2.51 7.97 14.86
C PHE J 175 3.06 8.54 16.17
N LEU J 176 4.34 8.29 16.45
CA LEU J 176 4.94 8.72 17.72
C LEU J 176 4.98 10.23 17.83
N GLU J 177 5.22 10.94 16.71
CA GLU J 177 5.22 12.39 16.77
C GLU J 177 3.84 12.89 17.18
N HIS J 178 2.79 12.33 16.61
CA HIS J 178 1.47 12.76 17.02
C HIS J 178 1.15 12.33 18.44
N PHE J 179 1.47 11.10 18.83
CA PHE J 179 1.13 10.61 20.16
C PHE J 179 1.82 11.43 21.24
N ILE J 180 3.12 11.67 21.06
CA ILE J 180 3.86 12.40 22.07
C ILE J 180 3.43 13.86 22.10
N LYS J 181 3.32 14.49 20.93
CA LYS J 181 3.02 15.93 20.91
C LYS J 181 1.59 16.23 21.35
N SER J 182 0.63 15.37 21.02
CA SER J 182 -0.74 15.61 21.49
C SER J 182 -0.90 15.41 22.99
N HIS J 183 0.08 14.76 23.67
CA HIS J 183 0.06 14.63 25.12
C HIS J 183 0.94 15.64 25.83
N ALA J 184 1.61 16.53 25.07
CA ALA J 184 2.55 17.50 25.61
C ALA J 184 1.95 18.89 25.62
N SER J 185 2.38 19.70 26.60
CA SER J 185 2.15 21.14 26.59
C SER J 185 3.29 21.82 25.86
N ASN J 186 4.52 21.47 26.19
CA ASN J 186 5.72 22.02 25.53
C ASN J 186 6.17 21.04 24.45
N THR J 187 5.73 21.24 23.21
CA THR J 187 6.16 20.31 22.18
C THR J 187 7.56 20.60 21.64
N GLU J 188 8.09 21.80 21.80
CA GLU J 188 9.35 22.09 21.13
C GLU J 188 10.50 21.30 21.75
N VAL J 189 10.31 20.75 22.96
CA VAL J 189 11.37 19.97 23.60
C VAL J 189 11.59 18.63 22.93
N PHE J 190 10.69 18.21 22.04
CA PHE J 190 10.86 16.98 21.29
C PHE J 190 11.42 17.34 19.92
N SER J 191 12.75 17.46 19.88
CA SER J 191 13.46 17.78 18.66
C SER J 191 13.28 16.65 17.64
N GLU J 192 13.53 17.01 16.37
CA GLU J 192 13.47 16.02 15.30
C GLU J 192 14.43 14.86 15.55
N ARG J 193 15.58 15.14 16.16
CA ARG J 193 16.53 14.06 16.43
C ARG J 193 16.00 13.13 17.51
N LEU J 194 15.39 13.67 18.57
CA LEU J 194 14.88 12.82 19.66
C LEU J 194 13.76 11.89 19.20
N LEU J 195 12.81 12.41 18.40
CA LEU J 195 11.72 11.57 17.89
C LEU J 195 12.24 10.47 16.96
N ASP J 196 13.29 10.77 16.17
CA ASP J 196 13.89 9.76 15.31
C ASP J 196 14.48 8.64 16.15
N LEU J 197 15.16 8.99 17.25
CA LEU J 197 15.70 7.99 18.15
C LEU J 197 14.60 7.14 18.79
N TYR J 198 13.56 7.77 19.32
CA TYR J 198 12.49 6.97 19.89
C TYR J 198 11.79 6.15 18.80
N ALA J 199 11.61 6.72 17.61
CA ALA J 199 10.93 6.00 16.55
C ALA J 199 11.74 4.76 16.13
N ARG J 200 13.06 4.90 16.07
CA ARG J 200 13.90 3.75 15.73
C ARG J 200 13.82 2.64 16.78
N SER J 201 13.78 3.01 18.06
CA SER J 201 13.69 1.98 19.09
C SER J 201 12.37 1.24 19.01
N TYR J 202 11.26 1.96 18.84
CA TYR J 202 9.95 1.33 18.85
C TYR J 202 9.61 0.65 17.54
N ALA J 203 10.41 0.85 16.48
CA ALA J 203 10.19 0.18 15.21
C ALA J 203 10.76 -1.22 15.17
N LYS J 204 11.55 -1.62 16.16
CA LYS J 204 11.89 -3.02 16.28
C LYS J 204 10.56 -3.79 16.45
N PRO J 205 10.28 -4.79 15.61
CA PRO J 205 8.95 -5.41 15.66
C PRO J 205 8.59 -5.96 17.03
N HIS J 206 9.54 -6.55 17.74
CA HIS J 206 9.19 -7.10 19.05
C HIS J 206 8.88 -5.99 20.05
N SER J 207 9.41 -4.80 19.82
CA SER J 207 9.14 -3.67 20.71
C SER J 207 7.78 -3.04 20.45
N LEU J 208 7.40 -2.94 19.17
CA LEU J 208 6.07 -2.43 18.87
C LEU J 208 5.02 -3.32 19.49
N ASN J 209 5.19 -4.64 19.36
CA ASN J 209 4.25 -5.58 19.95
C ASN J 209 4.31 -5.55 21.47
N ALA J 210 5.52 -5.50 22.06
CA ALA J 210 5.62 -5.46 23.51
C ALA J 210 4.88 -4.25 24.06
N SER J 211 5.04 -3.09 23.40
CA SER J 211 4.31 -1.90 23.81
C SER J 211 2.83 -2.17 24.01
N PHE J 212 2.19 -2.83 23.04
CA PHE J 212 0.76 -2.97 23.10
C PHE J 212 0.31 -4.08 24.04
N GLU J 213 1.17 -5.09 24.29
CA GLU J 213 0.85 -6.14 25.23
C GLU J 213 0.65 -5.57 26.64
N TYR J 214 1.33 -4.47 26.97
CA TYR J 214 1.09 -3.80 28.24
C TYR J 214 -0.37 -3.35 28.37
N TYR J 215 -0.90 -2.75 27.31
CA TYR J 215 -2.28 -2.31 27.34
C TYR J 215 -3.22 -3.50 27.26
N ARG J 216 -2.78 -4.59 26.57
CA ARG J 216 -3.60 -5.78 26.51
C ARG J 216 -3.67 -6.51 27.85
N ALA J 217 -2.75 -6.23 28.75
CA ALA J 217 -2.75 -6.80 30.07
C ALA J 217 -3.41 -5.90 31.09
N LEU J 218 -3.93 -4.73 30.64
CA LEU J 218 -4.41 -3.70 31.56
C LEU J 218 -5.57 -4.20 32.42
N ASN J 219 -6.51 -4.94 31.82
CA ASN J 219 -7.62 -5.49 32.60
C ASN J 219 -7.12 -6.45 33.67
N GLU J 220 -6.11 -7.26 33.34
CA GLU J 220 -5.46 -8.09 34.35
C GLU J 220 -4.84 -7.24 35.45
N SER J 221 -4.15 -6.18 35.07
CA SER J 221 -3.53 -5.32 36.07
C SER J 221 -4.57 -4.72 37.01
N VAL J 222 -5.73 -4.35 36.47
CA VAL J 222 -6.80 -3.79 37.30
C VAL J 222 -7.31 -4.83 38.30
N ARG J 223 -7.55 -6.06 37.82
CA ARG J 223 -8.02 -7.09 38.74
C ARG J 223 -6.98 -7.40 39.81
N GLN J 224 -5.71 -7.43 39.43
CA GLN J 224 -4.64 -7.66 40.40
C GLN J 224 -4.62 -6.55 41.45
N ASN J 225 -4.68 -5.30 41.00
CA ASN J 225 -4.56 -4.18 41.92
C ASN J 225 -5.75 -4.08 42.86
N ALA J 226 -6.92 -4.57 42.45
CA ALA J 226 -8.09 -4.53 43.32
C ALA J 226 -7.84 -5.33 44.60
N GLU J 227 -7.13 -6.44 44.49
CA GLU J 227 -6.80 -7.18 45.70
C GLU J 227 -5.62 -6.53 46.40
N LEU J 228 -4.57 -6.18 45.65
CA LEU J 228 -3.39 -5.57 46.25
C LEU J 228 -3.75 -4.33 47.06
N ALA J 229 -4.66 -3.50 46.55
CA ALA J 229 -4.94 -2.22 47.17
C ALA J 229 -5.54 -2.34 48.56
N LYS J 230 -5.88 -3.55 49.00
CA LYS J 230 -6.31 -3.75 50.37
C LYS J 230 -5.20 -3.44 51.36
N THR J 231 -3.95 -3.34 50.91
CA THR J 231 -2.86 -2.89 51.76
C THR J 231 -2.44 -1.49 51.33
N ARG J 232 -2.65 -0.51 52.21
CA ARG J 232 -2.26 0.86 51.87
C ARG J 232 -0.75 1.02 52.00
N LEU J 233 -0.21 1.98 51.24
CA LEU J 233 1.23 2.20 51.13
C LEU J 233 1.70 3.08 52.28
N GLN J 234 2.69 2.61 53.02
CA GLN J 234 3.12 3.26 54.24
C GLN J 234 4.32 4.16 54.05
N MET J 235 5.06 3.98 52.97
CA MET J 235 6.24 4.79 52.77
C MET J 235 5.84 6.20 52.32
N PRO J 236 6.74 7.17 52.52
CA PRO J 236 6.47 8.53 52.03
C PRO J 236 6.49 8.55 50.52
N THR J 237 5.52 9.27 49.94
CA THR J 237 5.29 9.27 48.50
C THR J 237 5.02 10.70 48.04
N MET J 238 5.40 10.98 46.80
CA MET J 238 5.13 12.26 46.17
C MET J 238 4.56 11.99 44.80
N THR J 239 3.50 12.71 44.45
CA THR J 239 2.94 12.65 43.11
C THR J 239 3.29 13.93 42.38
N LEU J 240 3.65 13.79 41.11
CA LEU J 240 3.84 14.92 40.23
C LEU J 240 2.87 14.83 39.06
N ALA J 241 2.40 15.98 38.60
CA ALA J 241 1.45 16.01 37.51
C ALA J 241 1.60 17.33 36.77
N GLY J 242 1.35 17.27 35.46
CA GLY J 242 1.24 18.49 34.68
C GLY J 242 -0.15 19.09 34.82
N GLY J 243 -0.19 20.42 34.86
CA GLY J 243 -1.38 21.22 34.87
C GLY J 243 -1.77 21.84 33.54
N GLY J 244 -0.96 21.63 32.50
CA GLY J 244 -1.29 22.10 31.16
C GLY J 244 -1.95 21.02 30.31
N HIS J 245 -2.23 21.38 29.06
CA HIS J 245 -2.79 20.42 28.12
C HIS J 245 -1.98 19.13 28.17
N GLY J 246 -2.70 18.01 28.40
CA GLY J 246 -2.09 16.70 28.48
C GLY J 246 -1.61 16.29 29.86
N GLY J 247 -1.56 17.19 30.83
CA GLY J 247 -1.17 16.78 32.15
C GLY J 247 -2.31 16.11 32.91
N MET J 248 -1.93 15.36 33.94
CA MET J 248 -2.90 14.64 34.77
C MET J 248 -3.64 15.55 35.73
N GLY J 249 -3.09 16.72 36.04
CA GLY J 249 -3.83 17.60 36.89
C GLY J 249 -4.07 17.03 38.29
N THR J 250 -5.19 17.41 38.87
CA THR J 250 -5.49 16.99 40.23
C THR J 250 -5.74 15.48 40.37
N PHE J 251 -6.00 14.79 39.27
CA PHE J 251 -6.31 13.36 39.38
C PHE J 251 -5.19 12.60 40.06
N GLN J 252 -3.93 12.93 39.73
CA GLN J 252 -2.79 12.17 40.23
C GLN J 252 -2.78 12.08 41.76
N LEU J 253 -2.82 13.24 42.43
CA LEU J 253 -2.81 13.23 43.90
C LEU J 253 -4.11 12.65 44.47
N GLU J 254 -5.25 12.96 43.82
CA GLU J 254 -6.53 12.45 44.32
C GLU J 254 -6.58 10.93 44.31
N GLN J 255 -6.10 10.30 43.23
CA GLN J 255 -6.10 8.85 43.21
C GLN J 255 -5.14 8.29 44.25
N MET J 256 -3.96 8.90 44.40
CA MET J 256 -2.94 8.37 45.29
C MET J 256 -3.34 8.43 46.75
N LYS J 257 -4.21 9.37 47.14
CA LYS J 257 -4.68 9.42 48.52
C LYS J 257 -5.47 8.17 48.89
N ALA J 258 -6.04 7.48 47.91
CA ALA J 258 -6.70 6.21 48.20
C ALA J 258 -5.71 5.08 48.41
N TYR J 259 -4.47 5.23 47.94
CA TYR J 259 -3.50 4.15 48.03
C TYR J 259 -2.46 4.31 49.13
N ALA J 260 -2.04 5.53 49.43
CA ALA J 260 -0.94 5.77 50.36
C ALA J 260 -1.39 6.71 51.47
N GLU J 261 -0.81 6.53 52.66
CA GLU J 261 -1.16 7.37 53.79
C GLU J 261 -0.37 8.67 53.81
N ASP J 262 0.89 8.61 53.42
CA ASP J 262 1.81 9.73 53.51
C ASP J 262 2.12 10.17 52.09
N VAL J 263 1.39 11.18 51.60
CA VAL J 263 1.48 11.61 50.21
C VAL J 263 1.55 13.12 50.10
N GLU J 264 2.43 13.59 49.24
CA GLU J 264 2.48 14.99 48.88
C GLU J 264 2.35 15.05 47.36
N GLY J 265 1.73 16.10 46.86
CA GLY J 265 1.44 16.23 45.45
C GLY J 265 1.87 17.59 44.93
N HIS J 266 2.22 17.61 43.65
CA HIS J 266 2.49 18.86 42.96
C HIS J 266 1.90 18.79 41.56
N VAL J 267 1.30 19.90 41.14
CA VAL J 267 0.80 20.05 39.79
C VAL J 267 1.60 21.17 39.16
N LEU J 268 2.26 20.86 38.05
CA LEU J 268 3.19 21.78 37.43
C LEU J 268 2.47 22.56 36.34
N PRO J 269 2.30 23.88 36.49
CA PRO J 269 1.56 24.66 35.48
C PRO J 269 2.30 24.70 34.15
N GLY J 270 1.53 24.65 33.06
CA GLY J 270 2.10 24.72 31.73
C GLY J 270 2.79 23.47 31.26
N CYS J 271 2.65 22.35 31.98
CA CYS J 271 3.32 21.10 31.64
C CYS J 271 2.29 20.04 31.29
N GLY J 272 2.59 19.25 30.26
CA GLY J 272 1.71 18.16 29.86
C GLY J 272 2.13 16.84 30.48
N HIS J 273 2.00 15.77 29.69
CA HIS J 273 2.21 14.43 30.23
C HIS J 273 3.68 14.05 30.40
N TRP J 274 4.58 14.60 29.58
CA TRP J 274 5.99 14.22 29.65
C TRP J 274 6.84 15.13 30.54
N LEU J 275 6.59 15.03 31.86
CA LEU J 275 7.25 15.91 32.82
C LEU J 275 8.77 15.95 32.71
N PRO J 276 9.50 14.82 32.65
CA PRO J 276 10.97 14.93 32.60
C PRO J 276 11.50 15.70 31.41
N GLU J 277 10.78 15.71 30.29
CA GLU J 277 11.24 16.47 29.15
C GLU J 277 10.63 17.86 29.05
N GLU J 278 9.36 18.02 29.40
CA GLU J 278 8.70 19.32 29.23
C GLU J 278 9.10 20.33 30.28
N CYS J 279 9.32 19.88 31.50
CA CYS J 279 9.56 20.74 32.64
C CYS J 279 10.68 20.19 33.50
N ALA J 280 11.83 19.94 32.90
CA ALA J 280 12.94 19.28 33.59
C ALA J 280 13.37 20.08 34.82
N ALA J 281 13.55 21.39 34.65
CA ALA J 281 14.09 22.20 35.75
C ALA J 281 13.22 22.13 36.98
N PRO J 282 11.91 22.43 36.90
CA PRO J 282 11.13 22.27 38.14
C PRO J 282 11.02 20.82 38.60
N MET J 283 10.94 19.93 37.64
CA MET J 283 10.71 18.56 37.97
C MET J 283 11.88 17.97 38.72
N ASN J 284 13.07 18.09 38.15
CA ASN J 284 14.26 17.50 38.78
C ASN J 284 14.42 17.97 40.22
N ARG J 285 14.21 19.28 40.43
CA ARG J 285 14.34 19.88 41.76
C ARG J 285 13.45 19.18 42.78
N LEU J 286 12.17 19.08 42.45
CA LEU J 286 11.21 18.44 43.36
C LEU J 286 11.60 17.00 43.69
N VAL J 287 12.08 16.27 42.69
CA VAL J 287 12.51 14.89 42.90
C VAL J 287 13.73 14.83 43.82
N ILE J 288 14.76 15.63 43.49
CA ILE J 288 15.98 15.62 44.28
C ILE J 288 15.71 16.06 45.72
N ASP J 289 14.85 17.07 45.89
CA ASP J 289 14.50 17.55 47.23
C ASP J 289 13.77 16.48 48.03
N PHE J 290 12.79 15.81 47.43
CA PHE J 290 12.01 14.80 48.15
C PHE J 290 12.85 13.58 48.51
N LEU J 291 13.71 13.13 47.58
CA LEU J 291 14.53 11.95 47.85
C LEU J 291 15.63 12.20 48.86
N SER J 292 15.88 13.46 49.20
CA SER J 292 16.93 13.84 50.11
C SER J 292 16.35 14.04 51.51
N GLU K 3 -33.79 -10.31 28.15
CA GLU K 3 -32.87 -9.92 27.07
C GLU K 3 -31.90 -11.04 26.68
N VAL K 4 -31.46 -11.79 27.69
CA VAL K 4 -30.80 -13.07 27.46
C VAL K 4 -30.96 -13.88 28.73
N GLN K 5 -31.26 -15.15 28.55
CA GLN K 5 -31.49 -16.03 29.69
C GLN K 5 -30.39 -17.08 29.67
N LEU K 6 -29.79 -17.30 30.83
CA LEU K 6 -28.81 -18.36 31.03
C LEU K 6 -29.48 -19.48 31.80
N VAL K 7 -29.26 -20.72 31.36
CA VAL K 7 -29.78 -21.90 32.05
C VAL K 7 -28.57 -22.76 32.37
N GLU K 8 -28.22 -22.81 33.65
CA GLU K 8 -27.15 -23.66 34.16
C GLU K 8 -27.68 -25.06 34.42
N SER K 9 -26.78 -25.99 34.59
CA SER K 9 -27.18 -27.31 34.96
C SER K 9 -25.98 -28.07 35.34
N SER K 19 -14.87 -35.38 40.09
CA SER K 19 -14.82 -34.38 39.04
C SER K 19 -16.19 -34.15 38.40
N LEU K 20 -16.40 -32.95 37.87
CA LEU K 20 -17.67 -32.58 37.26
C LEU K 20 -17.46 -31.61 36.11
N ARG K 21 -18.49 -31.55 35.28
CA ARG K 21 -18.60 -30.58 34.21
C ARG K 21 -19.91 -29.83 34.41
N LEU K 22 -19.82 -28.51 34.39
CA LEU K 22 -20.98 -27.63 34.48
C LEU K 22 -21.32 -27.11 33.10
N SER K 23 -22.59 -26.84 32.90
CA SER K 23 -23.05 -26.38 31.60
C SER K 23 -23.89 -25.14 31.79
N CYS K 24 -23.86 -24.29 30.76
CA CYS K 24 -24.74 -23.15 30.70
C CYS K 24 -25.11 -22.91 29.25
N THR K 25 -26.41 -22.75 29.00
CA THR K 25 -26.94 -22.46 27.69
C THR K 25 -27.47 -21.05 27.67
N THR K 26 -27.37 -20.41 26.50
CA THR K 26 -27.89 -19.06 26.32
C THR K 26 -29.05 -19.09 25.32
N SER K 27 -30.02 -18.20 25.54
CA SER K 27 -31.14 -18.09 24.62
C SER K 27 -30.74 -17.41 23.32
N THR K 28 -29.64 -16.68 23.31
CA THR K 28 -29.10 -16.03 22.12
C THR K 28 -27.81 -16.73 21.71
N SER K 29 -27.36 -16.40 20.49
CA SER K 29 -26.11 -16.94 20.02
C SER K 29 -24.99 -16.57 20.98
N LEU K 30 -24.11 -17.52 21.25
CA LEU K 30 -22.99 -17.29 22.15
C LEU K 30 -22.08 -16.16 21.66
N PHE K 31 -21.98 -15.97 20.35
CA PHE K 31 -21.11 -14.94 19.81
C PHE K 31 -21.69 -13.54 19.95
N SER K 32 -22.95 -13.41 20.40
CA SER K 32 -23.53 -12.11 20.69
C SER K 32 -23.24 -11.64 22.09
N ILE K 33 -22.45 -12.40 22.85
CA ILE K 33 -22.13 -12.10 24.25
C ILE K 33 -20.63 -11.80 24.31
N THR K 34 -20.29 -10.62 24.84
CA THR K 34 -18.88 -10.22 24.85
C THR K 34 -18.04 -11.17 25.68
N THR K 35 -18.46 -11.42 26.93
CA THR K 35 -17.72 -12.28 27.84
C THR K 35 -18.67 -13.20 28.58
N MET K 36 -18.29 -14.49 28.63
CA MET K 36 -18.94 -15.50 29.44
C MET K 36 -17.97 -15.82 30.57
N GLY K 37 -18.49 -15.90 31.79
CA GLY K 37 -17.63 -16.13 32.94
C GLY K 37 -18.32 -17.02 33.95
N TRP K 38 -17.50 -17.73 34.72
CA TRP K 38 -17.97 -18.52 35.85
C TRP K 38 -17.49 -17.92 37.15
N TYR K 39 -18.42 -17.66 38.05
CA TYR K 39 -18.13 -17.16 39.38
C TYR K 39 -18.72 -18.15 40.36
N ARG K 40 -18.13 -18.21 41.55
CA ARG K 40 -18.64 -19.09 42.57
C ARG K 40 -18.73 -18.33 43.89
N GLN K 41 -19.61 -18.83 44.76
CA GLN K 41 -19.85 -18.18 46.04
C GLN K 41 -20.15 -19.22 47.09
N ALA K 42 -19.33 -19.28 48.13
CA ALA K 42 -19.56 -20.15 49.26
C ALA K 42 -20.52 -19.48 50.25
N PRO K 43 -21.17 -20.26 51.12
CA PRO K 43 -22.14 -19.68 52.07
C PRO K 43 -21.49 -18.63 52.96
N GLY K 44 -21.96 -17.39 52.84
CA GLY K 44 -21.44 -16.31 53.66
C GLY K 44 -20.16 -15.69 53.14
N LYS K 45 -19.75 -15.99 51.94
CA LYS K 45 -18.46 -15.57 51.41
C LYS K 45 -18.62 -14.63 50.23
N GLN K 46 -17.49 -14.21 49.71
CA GLN K 46 -17.42 -13.29 48.59
C GLN K 46 -17.76 -14.02 47.29
N ARG K 47 -18.25 -13.28 46.30
CA ARG K 47 -18.39 -13.81 44.95
C ARG K 47 -17.01 -13.74 44.34
N GLU K 48 -16.38 -14.88 44.09
CA GLU K 48 -15.06 -14.92 43.45
C GLU K 48 -15.13 -15.45 42.01
N LEU K 49 -14.29 -14.87 41.15
CA LEU K 49 -14.20 -15.27 39.75
C LEU K 49 -13.48 -16.60 39.63
N VAL K 50 -13.97 -17.46 38.76
CA VAL K 50 -13.24 -18.68 38.46
C VAL K 50 -12.55 -18.51 37.11
N ALA K 51 -13.33 -18.39 36.03
CA ALA K 51 -12.74 -18.27 34.69
C ALA K 51 -13.70 -17.59 33.73
N SER K 52 -13.12 -16.84 32.80
CA SER K 52 -13.87 -16.14 31.76
C SER K 52 -13.35 -16.57 30.40
N ILE K 53 -14.23 -16.50 29.40
CA ILE K 53 -13.85 -16.74 28.02
C ILE K 53 -14.52 -15.68 27.15
N LYS K 54 -13.72 -14.88 26.45
CA LYS K 54 -14.30 -13.89 25.56
C LYS K 54 -14.80 -14.56 24.29
N ARG K 55 -15.69 -13.85 23.61
CA ARG K 55 -16.28 -14.40 22.40
C ARG K 55 -15.20 -14.73 21.36
N GLY K 56 -14.06 -14.03 21.38
CA GLY K 56 -12.98 -14.35 20.48
C GLY K 56 -12.16 -15.57 20.88
N GLY K 57 -12.41 -16.11 22.05
CA GLY K 57 -11.78 -17.34 22.49
C GLY K 57 -10.75 -17.18 23.57
N GLY K 58 -10.29 -15.97 23.82
CA GLY K 58 -9.28 -15.75 24.86
C GLY K 58 -9.83 -16.04 26.24
N THR K 59 -9.09 -16.83 27.01
CA THR K 59 -9.53 -17.22 28.35
C THR K 59 -8.68 -16.50 29.40
N ASN K 60 -9.27 -16.35 30.58
CA ASN K 60 -8.63 -15.76 31.74
C ASN K 60 -9.03 -16.57 32.97
N TYR K 61 -8.06 -16.95 33.77
CA TYR K 61 -8.28 -17.71 35.00
C TYR K 61 -7.83 -16.89 36.21
N ALA K 62 -8.47 -17.15 37.36
CA ALA K 62 -7.98 -16.53 38.58
C ALA K 62 -6.68 -17.22 39.00
N ASP K 63 -5.85 -16.51 39.76
CA ASP K 63 -4.45 -16.90 39.96
C ASP K 63 -4.27 -18.39 40.27
N SER K 64 -5.00 -18.90 41.24
CA SER K 64 -4.84 -20.29 41.67
C SER K 64 -5.91 -21.22 41.13
N MET K 65 -6.50 -20.90 40.00
CA MET K 65 -7.56 -21.74 39.46
C MET K 65 -7.17 -22.66 38.31
N LYS K 66 -6.31 -22.21 37.42
CA LYS K 66 -5.89 -23.07 36.32
C LYS K 66 -5.26 -24.35 36.86
N GLY K 67 -5.47 -25.44 36.14
CA GLY K 67 -4.96 -26.72 36.62
C GLY K 67 -6.07 -27.45 37.34
N ARG K 68 -6.94 -26.68 37.96
CA ARG K 68 -8.12 -27.20 38.63
C ARG K 68 -9.35 -27.08 37.72
N PHE K 69 -9.43 -25.97 37.00
CA PHE K 69 -10.53 -25.77 36.07
C PHE K 69 -10.11 -25.58 34.62
N THR K 70 -11.05 -25.83 33.72
CA THR K 70 -10.89 -25.57 32.29
C THR K 70 -12.22 -25.07 31.76
N ILE K 71 -12.20 -23.89 31.13
CA ILE K 71 -13.39 -23.28 30.55
C ILE K 71 -13.35 -23.50 29.04
N SER K 72 -14.52 -23.71 28.44
CA SER K 72 -14.63 -24.00 27.02
C SER K 72 -16.05 -23.70 26.56
N ARG K 73 -16.26 -23.80 25.26
CA ARG K 73 -17.58 -23.54 24.70
C ARG K 73 -17.97 -24.48 23.62
N ASP K 74 -19.24 -24.40 23.28
CA ASP K 74 -19.82 -25.17 22.16
C ASP K 74 -20.72 -24.16 21.45
N ASN K 75 -20.21 -23.64 20.34
CA ASN K 75 -20.90 -22.54 19.67
C ASN K 75 -22.15 -23.03 18.97
N ALA K 76 -22.16 -24.30 18.54
CA ALA K 76 -23.33 -24.87 17.90
C ALA K 76 -24.51 -25.01 18.87
N ARG K 77 -24.17 -25.33 20.12
CA ARG K 77 -25.13 -25.54 21.18
C ARG K 77 -25.37 -24.32 22.04
N ASN K 78 -24.69 -23.24 21.73
CA ASN K 78 -24.67 -22.00 22.53
C ASN K 78 -24.38 -22.28 24.00
N THR K 79 -23.35 -23.08 24.24
CA THR K 79 -23.10 -23.62 25.56
C THR K 79 -21.66 -23.42 26.00
N VAL K 80 -21.50 -23.01 27.26
CA VAL K 80 -20.20 -22.90 27.90
C VAL K 80 -20.09 -23.97 28.98
N PHE K 81 -18.91 -24.55 29.11
CA PHE K 81 -18.64 -25.64 30.03
C PHE K 81 -17.56 -25.22 31.02
N LEU K 82 -17.63 -25.77 32.24
CA LEU K 82 -16.58 -25.63 33.23
C LEU K 82 -16.14 -27.03 33.65
N GLU K 83 -14.90 -27.39 33.33
CA GLU K 83 -14.37 -28.72 33.65
C GLU K 83 -13.63 -28.61 34.97
N MET K 84 -14.16 -29.24 36.02
CA MET K 84 -13.56 -29.18 37.35
C MET K 84 -12.91 -30.52 37.68
N ASN K 85 -11.61 -30.52 37.91
CA ASN K 85 -10.91 -31.76 38.22
C ASN K 85 -10.17 -31.67 39.54
N ASN K 86 -10.06 -32.83 40.19
CA ASN K 86 -9.33 -33.01 41.45
C ASN K 86 -9.70 -31.92 42.45
N LEU K 87 -11.01 -31.83 42.70
CA LEU K 87 -11.56 -30.82 43.58
C LEU K 87 -11.15 -31.03 45.03
N THR K 88 -11.38 -30.00 45.83
CA THR K 88 -11.06 -30.00 47.25
C THR K 88 -12.25 -29.44 48.00
N THR K 89 -12.26 -29.65 49.32
CA THR K 89 -13.31 -29.07 50.17
C THR K 89 -13.46 -27.56 49.96
N GLU K 90 -12.37 -26.89 49.59
CA GLU K 90 -12.33 -25.44 49.44
C GLU K 90 -13.21 -24.96 48.30
N ASP K 91 -13.70 -25.87 47.48
CA ASP K 91 -14.49 -25.60 46.28
C ASP K 91 -16.00 -25.62 46.49
N THR K 92 -16.46 -26.23 47.58
CA THR K 92 -17.90 -26.28 47.84
C THR K 92 -18.53 -24.89 47.77
N ALA K 93 -19.44 -24.69 46.82
CA ALA K 93 -20.07 -23.39 46.64
C ALA K 93 -21.17 -23.50 45.60
N VAL K 94 -21.92 -22.42 45.43
CA VAL K 94 -22.85 -22.26 44.32
C VAL K 94 -22.09 -21.64 43.16
N TYR K 95 -22.20 -22.26 41.98
CA TYR K 95 -21.50 -21.80 40.79
C TYR K 95 -22.47 -21.06 39.88
N TYR K 96 -22.09 -19.83 39.50
CA TYR K 96 -22.92 -18.98 38.67
C TYR K 96 -22.21 -18.74 37.35
N CYS K 97 -22.97 -18.77 36.26
CA CYS K 97 -22.47 -18.38 34.96
C CYS K 97 -22.94 -16.95 34.65
N ASN K 98 -22.06 -16.16 34.07
CA ASN K 98 -22.31 -14.75 33.82
C ASN K 98 -22.09 -14.43 32.34
N ALA K 99 -23.01 -13.70 31.74
CA ALA K 99 -22.88 -13.18 30.39
C ALA K 99 -22.82 -11.67 30.45
N ALA K 100 -21.71 -11.11 29.96
CA ALA K 100 -21.50 -9.66 29.91
C ALA K 100 -21.62 -9.19 28.47
N ILE K 101 -22.39 -8.13 28.27
CA ILE K 101 -22.60 -7.58 26.94
C ILE K 101 -22.15 -6.13 26.94
N LEU K 102 -21.18 -5.84 26.08
CA LEU K 102 -20.69 -4.48 25.88
C LEU K 102 -21.57 -3.82 24.83
N ALA K 103 -22.21 -2.73 25.21
CA ALA K 103 -23.01 -2.00 24.23
C ALA K 103 -22.11 -1.07 23.41
N TYR K 104 -22.64 -0.58 22.29
CA TYR K 104 -21.95 0.40 21.46
C TYR K 104 -21.42 1.50 22.38
N THR K 105 -22.25 1.99 23.30
CA THR K 105 -21.92 3.08 24.21
C THR K 105 -20.78 2.82 25.18
N GLY K 106 -20.35 1.56 25.34
CA GLY K 106 -19.37 1.25 26.35
C GLY K 106 -19.99 0.80 27.65
N GLU K 107 -21.31 0.91 27.77
CA GLU K 107 -22.05 0.37 28.90
C GLU K 107 -22.07 -1.15 28.83
N VAL K 108 -21.81 -1.80 29.97
CA VAL K 108 -21.79 -3.25 30.06
C VAL K 108 -22.96 -3.69 30.91
N THR K 109 -23.82 -4.54 30.36
CA THR K 109 -24.91 -5.10 31.12
C THR K 109 -24.63 -6.57 31.40
N ASN K 110 -24.93 -7.01 32.62
CA ASN K 110 -24.65 -8.37 33.06
C ASN K 110 -25.95 -9.16 33.23
N TYR K 111 -25.89 -10.44 32.88
CA TYR K 111 -26.98 -11.39 33.06
C TYR K 111 -26.43 -12.65 33.72
N TRP K 112 -27.19 -13.22 34.65
CA TRP K 112 -26.70 -14.31 35.47
C TRP K 112 -27.55 -15.55 35.33
N GLY K 113 -26.89 -16.71 35.39
CA GLY K 113 -27.63 -17.96 35.51
C GLY K 113 -28.17 -18.10 36.92
N GLN K 114 -29.07 -19.06 37.10
CA GLN K 114 -29.67 -19.20 38.42
C GLN K 114 -28.68 -19.71 39.46
N GLY K 115 -27.66 -20.42 39.04
CA GLY K 115 -26.69 -20.94 39.99
C GLY K 115 -26.89 -22.42 40.22
N THR K 116 -25.80 -23.11 40.46
CA THR K 116 -25.83 -24.54 40.64
C THR K 116 -24.97 -24.95 41.85
N GLN K 117 -25.50 -25.81 42.70
CA GLN K 117 -24.80 -26.18 43.91
C GLN K 117 -23.79 -27.29 43.63
N VAL K 118 -22.55 -27.09 44.07
CA VAL K 118 -21.49 -28.09 44.00
C VAL K 118 -20.96 -28.35 45.40
N THR K 119 -20.98 -29.59 45.83
CA THR K 119 -20.48 -29.94 47.15
C THR K 119 -19.38 -31.00 47.12
N GLU L 3 -4.22 28.12 39.47
CA GLU L 3 -5.04 28.89 38.54
C GLU L 3 -4.23 29.46 37.36
N VAL L 4 -4.96 29.98 36.36
CA VAL L 4 -4.39 30.59 35.16
C VAL L 4 -5.17 31.87 34.88
N GLN L 5 -4.46 32.96 34.63
CA GLN L 5 -5.10 34.27 34.56
C GLN L 5 -5.18 34.76 33.13
N LEU L 6 -6.39 35.14 32.71
CA LEU L 6 -6.66 35.74 31.42
C LEU L 6 -6.93 37.22 31.64
N VAL L 7 -6.28 38.07 30.86
CA VAL L 7 -6.42 39.52 30.97
C VAL L 7 -6.91 40.01 29.62
N GLU L 8 -8.19 40.39 29.56
CA GLU L 8 -8.78 40.88 28.33
C GLU L 8 -8.47 42.35 28.12
N SER L 9 -8.59 42.79 26.87
CA SER L 9 -8.30 44.17 26.54
C SER L 9 -8.96 44.52 25.20
N GLY L 10 -9.30 45.79 25.03
CA GLY L 10 -10.04 46.26 23.89
C GLY L 10 -11.49 46.55 24.27
N GLY L 11 -12.25 47.00 23.27
CA GLY L 11 -13.67 47.24 23.49
C GLY L 11 -14.14 48.67 23.35
N GLY L 12 -15.30 48.97 23.92
CA GLY L 12 -15.83 50.32 23.95
C GLY L 12 -16.78 50.61 22.79
N LEU L 13 -17.06 51.91 22.64
CA LEU L 13 -18.01 52.38 21.62
C LEU L 13 -17.43 52.21 20.21
N VAL L 14 -18.33 51.98 19.25
CA VAL L 14 -17.97 51.85 17.85
C VAL L 14 -19.23 52.05 17.03
N GLN L 15 -19.09 52.74 15.90
CA GLN L 15 -20.26 53.03 15.06
C GLN L 15 -20.49 51.90 14.07
N PRO L 16 -21.74 51.69 13.65
CA PRO L 16 -22.05 50.58 12.73
C PRO L 16 -21.13 50.60 11.51
N GLY L 17 -20.86 49.40 11.00
CA GLY L 17 -19.85 49.20 9.98
C GLY L 17 -18.42 49.31 10.47
N GLY L 18 -18.21 49.85 11.67
CA GLY L 18 -16.88 50.10 12.19
C GLY L 18 -16.12 48.82 12.51
N SER L 19 -14.89 49.02 12.96
CA SER L 19 -13.99 47.94 13.26
C SER L 19 -13.54 48.01 14.71
N LEU L 20 -13.25 46.83 15.26
CA LEU L 20 -12.72 46.76 16.61
C LEU L 20 -11.87 45.50 16.71
N ARG L 21 -10.86 45.55 17.57
CA ARG L 21 -9.98 44.42 17.85
C ARG L 21 -9.92 44.21 19.35
N LEU L 22 -10.19 42.97 19.77
CA LEU L 22 -10.06 42.56 21.16
C LEU L 22 -8.83 41.70 21.30
N SER L 23 -8.21 41.73 22.47
CA SER L 23 -7.03 40.92 22.70
C SER L 23 -7.13 40.30 24.09
N CYS L 24 -6.48 39.15 24.25
CA CYS L 24 -6.41 38.52 25.56
C CYS L 24 -5.07 37.83 25.73
N THR L 25 -4.45 38.05 26.88
CA THR L 25 -3.17 37.43 27.22
C THR L 25 -3.36 36.38 28.30
N THR L 26 -2.49 35.37 28.30
CA THR L 26 -2.53 34.32 29.30
C THR L 26 -1.27 34.36 30.16
N SER L 27 -1.43 34.01 31.43
CA SER L 27 -0.32 33.97 32.37
C SER L 27 0.55 32.73 32.16
N THR L 28 0.03 31.71 31.49
CA THR L 28 0.82 30.52 31.19
C THR L 28 1.08 30.46 29.69
N SER L 29 1.99 29.58 29.30
CA SER L 29 2.32 29.47 27.90
C SER L 29 1.08 29.10 27.10
N LEU L 30 0.86 29.81 25.99
CA LEU L 30 -0.34 29.57 25.18
C LEU L 30 -0.40 28.15 24.64
N PHE L 31 0.74 27.51 24.44
CA PHE L 31 0.75 26.16 23.91
C PHE L 31 0.39 25.11 24.93
N SER L 32 0.22 25.52 26.16
CA SER L 32 -0.25 24.64 27.23
C SER L 32 -1.78 24.67 27.37
N ILE L 33 -2.48 25.39 26.49
CA ILE L 33 -3.93 25.55 26.54
C ILE L 33 -4.54 24.86 25.33
N THR L 34 -5.48 23.95 25.58
CA THR L 34 -6.09 23.17 24.51
C THR L 34 -6.88 24.03 23.53
N THR L 35 -7.78 24.88 24.04
CA THR L 35 -8.59 25.74 23.17
C THR L 35 -8.75 27.13 23.77
N MET L 36 -8.62 28.14 22.91
CA MET L 36 -8.90 29.53 23.24
C MET L 36 -10.15 29.95 22.49
N GLY L 37 -11.02 30.70 23.14
CA GLY L 37 -12.23 31.14 22.50
C GLY L 37 -12.80 32.46 22.95
N TRP L 38 -13.62 33.01 22.11
CA TRP L 38 -14.34 34.23 22.41
C TRP L 38 -15.84 33.93 22.44
N TYR L 39 -16.48 34.35 23.52
CA TYR L 39 -17.92 34.23 23.75
C TYR L 39 -18.49 35.62 23.99
N ARG L 40 -19.77 35.80 23.75
CA ARG L 40 -20.42 37.05 24.02
C ARG L 40 -21.77 36.86 24.69
N GLN L 41 -22.22 37.83 25.44
CA GLN L 41 -23.48 37.73 26.16
C GLN L 41 -24.14 39.11 26.23
N ALA L 42 -25.32 39.24 25.62
CA ALA L 42 -26.15 40.43 25.62
C ALA L 42 -27.10 40.44 26.82
N PRO L 43 -27.57 41.62 27.25
CA PRO L 43 -28.43 41.71 28.44
C PRO L 43 -29.74 40.92 28.37
N GLY L 44 -29.77 39.73 28.96
CA GLY L 44 -30.97 38.94 29.01
C GLY L 44 -30.87 37.71 28.14
N LYS L 45 -29.74 37.49 27.51
CA LYS L 45 -29.61 36.39 26.58
C LYS L 45 -28.53 35.45 27.08
N GLN L 46 -28.43 34.29 26.46
CA GLN L 46 -27.39 33.36 26.82
C GLN L 46 -26.06 33.83 26.33
N ARG L 47 -25.02 33.41 27.03
CA ARG L 47 -23.66 33.55 26.52
C ARG L 47 -23.49 32.55 25.37
N GLU L 48 -23.11 33.04 24.20
CA GLU L 48 -23.01 32.23 22.99
C GLU L 48 -21.60 32.30 22.42
N LEU L 49 -21.16 31.24 21.74
CA LEU L 49 -19.82 31.20 21.17
C LEU L 49 -19.68 32.17 20.00
N VAL L 50 -18.55 32.85 19.92
CA VAL L 50 -18.22 33.67 18.75
C VAL L 50 -17.23 32.89 17.87
N ALA L 51 -16.03 32.64 18.40
CA ALA L 51 -15.04 31.87 17.65
C ALA L 51 -14.03 31.28 18.64
N SER L 52 -13.54 30.09 18.31
CA SER L 52 -12.53 29.45 19.12
C SER L 52 -11.38 29.07 18.20
N ILE L 53 -10.18 28.97 18.78
CA ILE L 53 -9.01 28.53 18.02
C ILE L 53 -8.26 27.50 18.83
N LYS L 54 -8.10 26.30 18.25
CA LYS L 54 -7.36 25.22 18.92
C LYS L 54 -5.85 25.48 18.90
N ARG L 55 -5.18 24.79 19.77
CA ARG L 55 -3.75 24.93 19.91
C ARG L 55 -3.04 24.76 18.58
N GLY L 56 -3.43 23.77 17.83
CA GLY L 56 -2.84 23.49 16.52
C GLY L 56 -3.22 24.44 15.39
N GLY L 57 -4.13 25.39 15.64
CA GLY L 57 -4.53 26.36 14.64
C GLY L 57 -5.93 26.17 14.10
N GLY L 58 -6.59 25.04 14.39
CA GLY L 58 -7.95 24.84 13.91
C GLY L 58 -8.90 25.85 14.53
N THR L 59 -9.69 26.52 13.70
CA THR L 59 -10.65 27.53 14.12
C THR L 59 -12.07 27.04 13.87
N ASN L 60 -13.00 27.54 14.71
CA ASN L 60 -14.44 27.29 14.58
C ASN L 60 -15.13 28.62 14.79
N TYR L 61 -16.02 28.99 13.88
CA TYR L 61 -16.82 30.19 13.99
C TYR L 61 -18.27 29.77 14.17
N ALA L 62 -19.00 30.51 14.99
CA ALA L 62 -20.41 30.23 15.19
C ALA L 62 -21.21 30.62 13.96
N ASP L 63 -22.33 29.93 13.79
CA ASP L 63 -23.18 30.10 12.63
C ASP L 63 -23.43 31.60 12.43
N SER L 64 -23.04 32.12 11.25
CA SER L 64 -23.19 33.53 10.88
C SER L 64 -22.29 34.49 11.67
N MET L 65 -21.06 34.09 11.92
CA MET L 65 -20.12 35.00 12.53
C MET L 65 -18.93 35.33 11.63
N LYS L 66 -18.41 34.37 10.89
CA LYS L 66 -17.27 34.64 10.01
C LYS L 66 -17.57 35.78 9.04
N GLY L 67 -16.52 36.52 8.69
CA GLY L 67 -16.66 37.68 7.84
C GLY L 67 -16.81 38.91 8.67
N ARG L 68 -17.48 38.75 9.80
CA ARG L 68 -17.64 39.77 10.81
C ARG L 68 -16.62 39.59 11.93
N PHE L 69 -16.04 38.40 12.07
CA PHE L 69 -15.02 38.14 13.08
C PHE L 69 -13.87 37.34 12.48
N THR L 70 -12.70 37.50 13.09
CA THR L 70 -11.50 36.71 12.78
C THR L 70 -10.73 36.49 14.06
N ILE L 71 -10.51 35.22 14.41
CA ILE L 71 -9.76 34.86 15.61
C ILE L 71 -8.36 34.41 15.20
N SER L 72 -7.37 34.74 16.03
CA SER L 72 -5.98 34.40 15.73
C SER L 72 -5.18 34.46 17.02
N ARG L 73 -3.92 34.14 16.90
CA ARG L 73 -3.05 34.22 18.05
C ARG L 73 -1.74 34.91 17.71
N ASP L 74 -0.89 35.00 18.72
CA ASP L 74 0.50 35.42 18.59
C ASP L 74 1.20 34.66 19.71
N ASN L 75 1.90 33.59 19.35
CA ASN L 75 2.40 32.68 20.37
C ASN L 75 3.55 33.28 21.15
N ALA L 76 4.32 34.16 20.52
CA ALA L 76 5.38 34.85 21.25
C ALA L 76 4.80 35.77 22.31
N ARG L 77 3.70 36.43 22.00
CA ARG L 77 3.08 37.37 22.93
C ARG L 77 2.03 36.71 23.84
N ASN L 78 1.84 35.38 23.73
CA ASN L 78 0.83 34.63 24.50
C ASN L 78 -0.52 35.34 24.45
N THR L 79 -0.91 35.72 23.24
CA THR L 79 -2.04 36.60 23.02
C THR L 79 -2.95 36.04 21.94
N VAL L 80 -4.25 36.05 22.21
CA VAL L 80 -5.26 35.71 21.23
C VAL L 80 -6.04 36.97 20.94
N PHE L 81 -6.44 37.13 19.68
CA PHE L 81 -7.10 38.32 19.18
C PHE L 81 -8.47 38.01 18.60
N LEU L 82 -9.38 38.96 18.73
CA LEU L 82 -10.67 38.92 18.04
C LEU L 82 -10.80 40.23 17.26
N GLU L 83 -10.72 40.13 15.95
CA GLU L 83 -10.89 41.28 15.10
C GLU L 83 -12.31 41.31 14.66
N MET L 84 -12.99 42.40 14.96
CA MET L 84 -14.40 42.56 14.64
C MET L 84 -14.56 43.55 13.50
N ASN L 85 -15.16 43.12 12.39
CA ASN L 85 -15.33 43.99 11.23
C ASN L 85 -16.81 44.11 10.87
N ASN L 86 -17.19 45.28 10.33
CA ASN L 86 -18.57 45.51 9.92
C ASN L 86 -19.58 45.13 10.99
N LEU L 87 -19.53 45.81 12.13
CA LEU L 87 -20.41 45.48 13.24
C LEU L 87 -21.84 45.91 12.95
N THR L 88 -22.76 45.39 13.75
CA THR L 88 -24.18 45.67 13.67
C THR L 88 -24.58 46.05 15.08
N THR L 89 -25.70 46.74 15.22
CA THR L 89 -26.19 46.99 16.56
C THR L 89 -26.32 45.67 17.33
N GLU L 90 -26.59 44.56 16.60
CA GLU L 90 -26.78 43.25 17.18
C GLU L 90 -25.51 42.70 17.82
N ASP L 91 -24.38 43.34 17.59
CA ASP L 91 -23.10 42.88 18.11
C ASP L 91 -22.84 43.44 19.49
N THR L 92 -23.65 44.40 19.94
CA THR L 92 -23.56 44.88 21.31
C THR L 92 -23.73 43.72 22.26
N ALA L 93 -22.75 43.52 23.15
CA ALA L 93 -22.72 42.42 24.11
C ALA L 93 -21.47 42.59 24.97
N VAL L 94 -21.39 41.78 26.02
CA VAL L 94 -20.16 41.62 26.76
C VAL L 94 -19.38 40.45 26.17
N TYR L 95 -18.14 40.72 25.79
CA TYR L 95 -17.29 39.73 25.11
C TYR L 95 -16.31 39.13 26.11
N TYR L 96 -16.26 37.80 26.16
CA TYR L 96 -15.42 37.08 27.09
C TYR L 96 -14.43 36.22 26.33
N CYS L 97 -13.23 36.12 26.88
CA CYS L 97 -12.26 35.15 26.43
C CYS L 97 -12.26 33.92 27.35
N ASN L 98 -12.11 32.75 26.76
CA ASN L 98 -12.10 31.50 27.50
C ASN L 98 -10.84 30.71 27.16
N ALA L 99 -10.21 30.14 28.18
CA ALA L 99 -9.13 29.16 28.01
C ALA L 99 -9.61 27.82 28.54
N ALA L 100 -9.62 26.80 27.69
CA ALA L 100 -10.01 25.45 28.06
C ALA L 100 -8.78 24.54 28.04
N ILE L 101 -8.62 23.73 29.08
CA ILE L 101 -7.49 22.81 29.20
C ILE L 101 -8.01 21.39 29.36
N LEU L 102 -7.67 20.53 28.40
CA LEU L 102 -8.04 19.12 28.45
C LEU L 102 -6.98 18.34 29.20
N ALA L 103 -7.37 17.73 30.33
CA ALA L 103 -6.39 16.93 31.04
C ALA L 103 -6.25 15.55 30.39
N TYR L 104 -5.12 14.86 30.74
CA TYR L 104 -4.91 13.49 30.27
C TYR L 104 -6.16 12.63 30.50
N THR L 105 -6.90 12.89 31.58
CA THR L 105 -8.06 12.09 31.96
C THR L 105 -9.32 12.38 31.16
N GLY L 106 -9.37 13.47 30.42
CA GLY L 106 -10.57 13.92 29.77
C GLY L 106 -11.30 15.00 30.50
N GLU L 107 -10.87 15.34 31.70
CA GLU L 107 -11.48 16.46 32.40
C GLU L 107 -11.09 17.75 31.71
N VAL L 108 -12.03 18.66 31.54
CA VAL L 108 -11.77 19.96 30.92
C VAL L 108 -11.91 21.03 31.98
N THR L 109 -10.91 21.87 32.13
CA THR L 109 -10.97 23.01 33.05
C THR L 109 -11.09 24.28 32.22
N ASN L 110 -11.98 25.18 32.66
CA ASN L 110 -12.22 26.44 31.96
C ASN L 110 -11.76 27.62 32.81
N TYR L 111 -11.20 28.63 32.16
CA TYR L 111 -10.78 29.88 32.79
C TYR L 111 -11.33 31.01 31.97
N TRP L 112 -11.80 32.07 32.62
CA TRP L 112 -12.46 33.17 31.92
C TRP L 112 -11.77 34.50 32.16
N GLY L 113 -11.76 35.34 31.13
CA GLY L 113 -11.34 36.71 31.28
C GLY L 113 -12.47 37.53 31.89
N GLN L 114 -12.12 38.75 32.34
CA GLN L 114 -13.07 39.60 33.06
C GLN L 114 -14.21 40.07 32.17
N GLY L 115 -14.06 40.05 30.87
CA GLY L 115 -15.14 40.46 30.00
C GLY L 115 -15.10 41.96 29.72
N THR L 116 -15.45 42.33 28.50
CA THR L 116 -15.41 43.73 28.12
C THR L 116 -16.63 44.08 27.30
N GLN L 117 -17.16 45.28 27.55
CA GLN L 117 -18.36 45.72 26.88
C GLN L 117 -17.99 46.24 25.50
N VAL L 118 -18.75 45.82 24.49
CA VAL L 118 -18.68 46.39 23.15
C VAL L 118 -20.05 46.94 22.85
N THR L 119 -20.14 48.23 22.57
CA THR L 119 -21.41 48.87 22.30
C THR L 119 -21.33 49.48 20.91
N VAL L 120 -22.25 49.08 20.03
CA VAL L 120 -22.27 49.55 18.65
C VAL L 120 -23.38 50.59 18.51
N SER L 121 -22.98 51.85 18.30
CA SER L 121 -23.92 52.94 18.05
C SER L 121 -23.33 53.94 17.06
#